data_3TD0
# 
_entry.id   3TD0 
# 
_audit_conform.dict_name       mmcif_pdbx.dic 
_audit_conform.dict_version    5.388 
_audit_conform.dict_location   http://mmcif.pdb.org/dictionaries/ascii/mmcif_pdbx.dic 
# 
loop_
_database_2.database_id 
_database_2.database_code 
_database_2.pdbx_database_accession 
_database_2.pdbx_DOI 
PDB   3TD0         pdb_00003td0 10.2210/pdb3td0/pdb 
NDB   NA1270       ?            ?                   
RCSB  RCSB067330   ?            ?                   
WWPDB D_1000067330 ?            ?                   
# 
loop_
_pdbx_audit_revision_history.ordinal 
_pdbx_audit_revision_history.data_content_type 
_pdbx_audit_revision_history.major_revision 
_pdbx_audit_revision_history.minor_revision 
_pdbx_audit_revision_history.revision_date 
1 'Structure model' 1 0 2011-12-07 
2 'Structure model' 1 1 2014-03-12 
3 'Structure model' 1 2 2024-03-20 
# 
_pdbx_audit_revision_details.ordinal             1 
_pdbx_audit_revision_details.revision_ordinal    1 
_pdbx_audit_revision_details.data_content_type   'Structure model' 
_pdbx_audit_revision_details.provider            repository 
_pdbx_audit_revision_details.type                'Initial release' 
_pdbx_audit_revision_details.description         ? 
_pdbx_audit_revision_details.details             ? 
# 
loop_
_pdbx_audit_revision_group.ordinal 
_pdbx_audit_revision_group.revision_ordinal 
_pdbx_audit_revision_group.data_content_type 
_pdbx_audit_revision_group.group 
1 2 'Structure model' 'Database references'  
2 3 'Structure model' 'Data collection'      
3 3 'Structure model' 'Database references'  
4 3 'Structure model' 'Derived calculations' 
# 
loop_
_pdbx_audit_revision_category.ordinal 
_pdbx_audit_revision_category.revision_ordinal 
_pdbx_audit_revision_category.data_content_type 
_pdbx_audit_revision_category.category 
1 3 'Structure model' chem_comp_atom         
2 3 'Structure model' chem_comp_bond         
3 3 'Structure model' database_2             
4 3 'Structure model' pdbx_struct_conn_angle 
5 3 'Structure model' struct_conn            
6 3 'Structure model' struct_site            
# 
loop_
_pdbx_audit_revision_item.ordinal 
_pdbx_audit_revision_item.revision_ordinal 
_pdbx_audit_revision_item.data_content_type 
_pdbx_audit_revision_item.item 
1  3 'Structure model' '_database_2.pdbx_DOI'                        
2  3 'Structure model' '_database_2.pdbx_database_accession'         
3  3 'Structure model' '_pdbx_struct_conn_angle.ptnr1_auth_asym_id'  
4  3 'Structure model' '_pdbx_struct_conn_angle.ptnr1_auth_comp_id'  
5  3 'Structure model' '_pdbx_struct_conn_angle.ptnr1_auth_seq_id'   
6  3 'Structure model' '_pdbx_struct_conn_angle.ptnr1_label_asym_id' 
7  3 'Structure model' '_pdbx_struct_conn_angle.ptnr1_label_atom_id' 
8  3 'Structure model' '_pdbx_struct_conn_angle.ptnr1_label_comp_id' 
9  3 'Structure model' '_pdbx_struct_conn_angle.ptnr1_label_seq_id'  
10 3 'Structure model' '_pdbx_struct_conn_angle.ptnr2_auth_asym_id'  
11 3 'Structure model' '_pdbx_struct_conn_angle.ptnr2_auth_seq_id'   
12 3 'Structure model' '_pdbx_struct_conn_angle.ptnr2_label_asym_id' 
13 3 'Structure model' '_pdbx_struct_conn_angle.ptnr3_auth_asym_id'  
14 3 'Structure model' '_pdbx_struct_conn_angle.ptnr3_auth_comp_id'  
15 3 'Structure model' '_pdbx_struct_conn_angle.ptnr3_auth_seq_id'   
16 3 'Structure model' '_pdbx_struct_conn_angle.ptnr3_label_asym_id' 
17 3 'Structure model' '_pdbx_struct_conn_angle.ptnr3_label_atom_id' 
18 3 'Structure model' '_pdbx_struct_conn_angle.ptnr3_label_comp_id' 
19 3 'Structure model' '_pdbx_struct_conn_angle.ptnr3_label_seq_id'  
20 3 'Structure model' '_pdbx_struct_conn_angle.value'               
21 3 'Structure model' '_struct_conn.pdbx_dist_value'                
22 3 'Structure model' '_struct_conn.pdbx_leaving_atom_flag'         
23 3 'Structure model' '_struct_conn.ptnr1_auth_asym_id'             
24 3 'Structure model' '_struct_conn.ptnr1_auth_comp_id'             
25 3 'Structure model' '_struct_conn.ptnr1_auth_seq_id'              
26 3 'Structure model' '_struct_conn.ptnr1_label_asym_id'            
27 3 'Structure model' '_struct_conn.ptnr1_label_atom_id'            
28 3 'Structure model' '_struct_conn.ptnr1_label_comp_id'            
29 3 'Structure model' '_struct_conn.ptnr1_label_seq_id'             
30 3 'Structure model' '_struct_conn.ptnr2_auth_asym_id'             
31 3 'Structure model' '_struct_conn.ptnr2_auth_comp_id'             
32 3 'Structure model' '_struct_conn.ptnr2_auth_seq_id'              
33 3 'Structure model' '_struct_conn.ptnr2_label_asym_id'            
34 3 'Structure model' '_struct_conn.ptnr2_label_atom_id'            
35 3 'Structure model' '_struct_conn.ptnr2_label_comp_id'            
36 3 'Structure model' '_struct_site.pdbx_auth_asym_id'              
37 3 'Structure model' '_struct_site.pdbx_auth_comp_id'              
38 3 'Structure model' '_struct_site.pdbx_auth_seq_id'               
# 
_pdbx_database_status.status_code                     REL 
_pdbx_database_status.entry_id                        3TD0 
_pdbx_database_status.recvd_initial_deposition_date   2011-08-10 
_pdbx_database_status.deposit_site                    RCSB 
_pdbx_database_status.process_site                    PDBJ 
_pdbx_database_status.status_code_sf                  REL 
_pdbx_database_status.status_code_mr                  ? 
_pdbx_database_status.SG_entry                        ? 
_pdbx_database_status.status_code_cs                  ? 
_pdbx_database_status.pdb_format_compatible           Y 
_pdbx_database_status.status_code_nmr_data            ? 
_pdbx_database_status.methods_development_category    ? 
# 
loop_
_pdbx_database_related.db_name 
_pdbx_database_related.db_id 
_pdbx_database_related.details 
_pdbx_database_related.content_type 
PDB 3BNL 'Crystal structure of the bacterial wild-type ribosomal decoding site' unspecified 
PDB 3TD1 
'Crystal structure of the bacterial A1408G-mutant and the protozoa cytoplasmic ribosomal decoding site in complex with geneticin' 
unspecified 
# 
_audit_author.name           'Kondo, J.' 
_audit_author.pdbx_ordinal   1 
# 
_citation.id                        primary 
_citation.title                     
;A structural basis for the antibiotic resistance conferred by an A1408G mutation in 16S rRNA and for the antiprotozoal activity of aminoglycosides
;
_citation.journal_abbrev            Angew.Chem.Int.Ed.Engl. 
_citation.journal_volume            51 
_citation.page_first                465 
_citation.page_last                 468 
_citation.year                      2012 
_citation.journal_id_ASTM           ? 
_citation.country                   GE 
_citation.journal_id_ISSN           1433-7851 
_citation.journal_id_CSD            9999 
_citation.book_publisher            ? 
_citation.pdbx_database_id_PubMed   22110016 
_citation.pdbx_database_id_DOI      10.1002/anie.201106084 
# 
_citation_author.citation_id        primary 
_citation_author.name               'Kondo, J.' 
_citation_author.ordinal            1 
_citation_author.identifier_ORCID   ? 
# 
loop_
_entity.id 
_entity.type 
_entity.src_method 
_entity.pdbx_description 
_entity.formula_weight 
_entity.pdbx_number_of_molecules 
_entity.pdbx_ec 
_entity.pdbx_mutation 
_entity.pdbx_fragment 
_entity.details 
1 polymer     syn 
;RNA (5'-R(*UP*UP*GP*CP*GP*UP*CP*GP*CP*GP*(5BU)P*CP*GP*AP*CP*GP*AP*AP*GP*UP*CP*GP*C)-3')
;
7450.304 2   ? ? ? ? 
2 non-polymer syn 'MAGNESIUM ION'                                                                           24.305   7   ? ? ? ? 
3 water       nat water                                                                                     18.015   199 ? ? ? ? 
# 
_entity_poly.entity_id                      1 
_entity_poly.type                           polyribonucleotide 
_entity_poly.nstd_linkage                   no 
_entity_poly.nstd_monomer                   yes 
_entity_poly.pdbx_seq_one_letter_code       'UUGCGUCGCG(5BU)CGACGAAGUCGC' 
_entity_poly.pdbx_seq_one_letter_code_can   UUGCGUCGCGUCGACGAAGUCGC 
_entity_poly.pdbx_strand_id                 A,B 
_entity_poly.pdbx_target_identifier         ? 
# 
loop_
_pdbx_entity_nonpoly.entity_id 
_pdbx_entity_nonpoly.name 
_pdbx_entity_nonpoly.comp_id 
2 'MAGNESIUM ION' MG  
3 water           HOH 
# 
loop_
_entity_poly_seq.entity_id 
_entity_poly_seq.num 
_entity_poly_seq.mon_id 
_entity_poly_seq.hetero 
1 1  U   n 
1 2  U   n 
1 3  G   n 
1 4  C   n 
1 5  G   n 
1 6  U   n 
1 7  C   n 
1 8  G   n 
1 9  C   n 
1 10 G   n 
1 11 5BU n 
1 12 C   n 
1 13 G   n 
1 14 A   n 
1 15 C   n 
1 16 G   n 
1 17 A   n 
1 18 A   n 
1 19 G   n 
1 20 U   n 
1 21 C   n 
1 22 G   n 
1 23 C   n 
# 
_pdbx_entity_src_syn.entity_id              1 
_pdbx_entity_src_syn.pdbx_src_id            1 
_pdbx_entity_src_syn.pdbx_alt_source_flag   sample 
_pdbx_entity_src_syn.pdbx_beg_seq_num       ? 
_pdbx_entity_src_syn.pdbx_end_seq_num       ? 
_pdbx_entity_src_syn.organism_scientific    ? 
_pdbx_entity_src_syn.organism_common_name   ? 
_pdbx_entity_src_syn.ncbi_taxonomy_id       ? 
_pdbx_entity_src_syn.details                'Synthetic RNA' 
# 
loop_
_chem_comp.id 
_chem_comp.type 
_chem_comp.mon_nstd_flag 
_chem_comp.name 
_chem_comp.pdbx_synonyms 
_chem_comp.formula 
_chem_comp.formula_weight 
5BU 'RNA linking' n "5-BROMO-URIDINE-5'-MONOPHOSPHATE" ? 'C9 H12 Br N2 O9 P' 403.077 
A   'RNA linking' y "ADENOSINE-5'-MONOPHOSPHATE"       ? 'C10 H14 N5 O7 P'   347.221 
C   'RNA linking' y "CYTIDINE-5'-MONOPHOSPHATE"        ? 'C9 H14 N3 O8 P'    323.197 
G   'RNA linking' y "GUANOSINE-5'-MONOPHOSPHATE"       ? 'C10 H14 N5 O8 P'   363.221 
HOH non-polymer   . WATER                              ? 'H2 O'              18.015  
MG  non-polymer   . 'MAGNESIUM ION'                    ? 'Mg 2'              24.305  
U   'RNA linking' y "URIDINE-5'-MONOPHOSPHATE"         ? 'C9 H13 N2 O9 P'    324.181 
# 
loop_
_pdbx_poly_seq_scheme.asym_id 
_pdbx_poly_seq_scheme.entity_id 
_pdbx_poly_seq_scheme.seq_id 
_pdbx_poly_seq_scheme.mon_id 
_pdbx_poly_seq_scheme.ndb_seq_num 
_pdbx_poly_seq_scheme.pdb_seq_num 
_pdbx_poly_seq_scheme.auth_seq_num 
_pdbx_poly_seq_scheme.pdb_mon_id 
_pdbx_poly_seq_scheme.auth_mon_id 
_pdbx_poly_seq_scheme.pdb_strand_id 
_pdbx_poly_seq_scheme.pdb_ins_code 
_pdbx_poly_seq_scheme.hetero 
A 1 1  U   1  1  ?  ?   ?   A . n 
A 1 2  U   2  2  ?  ?   ?   A . n 
A 1 3  G   3  3  3  G   G   A . n 
A 1 4  C   4  4  4  C   C   A . n 
A 1 5  G   5  5  5  G   G   A . n 
A 1 6  U   6  6  6  U   U   A . n 
A 1 7  C   7  7  7  C   C   A . n 
A 1 8  G   8  8  8  G   G   A . n 
A 1 9  C   9  9  9  C   C   A . n 
A 1 10 G   10 10 10 G   G   A . n 
A 1 11 5BU 11 11 11 5BU 5BU A . n 
A 1 12 C   12 12 12 C   C   A . n 
A 1 13 G   13 13 13 G   G   A . n 
A 1 14 A   14 14 14 A   A   A . n 
A 1 15 C   15 15 15 C   C   A . n 
A 1 16 G   16 16 16 G   G   A . n 
A 1 17 A   17 17 17 A   A   A . n 
A 1 18 A   18 18 18 A   A   A . n 
A 1 19 G   19 19 19 G   G   A . n 
A 1 20 U   20 20 20 U   U   A . n 
A 1 21 C   21 21 21 C   C   A . n 
A 1 22 G   22 22 22 G   G   A . n 
A 1 23 C   23 23 23 C   C   A . n 
B 1 1  U   1  24 24 U   U   B . n 
B 1 2  U   2  25 25 U   U   B . n 
B 1 3  G   3  26 26 G   G   B . n 
B 1 4  C   4  27 27 C   C   B . n 
B 1 5  G   5  28 28 G   G   B . n 
B 1 6  U   6  29 29 U   U   B . n 
B 1 7  C   7  30 30 C   C   B . n 
B 1 8  G   8  31 31 G   G   B . n 
B 1 9  C   9  32 32 C   C   B . n 
B 1 10 G   10 33 33 G   G   B . n 
B 1 11 5BU 11 34 34 5BU 5BU B . n 
B 1 12 C   12 35 35 C   C   B . n 
B 1 13 G   13 36 36 G   G   B . n 
B 1 14 A   14 37 37 A   A   B . n 
B 1 15 C   15 38 38 C   C   B . n 
B 1 16 G   16 39 39 G   G   B . n 
B 1 17 A   17 40 40 A   A   B . n 
B 1 18 A   18 41 41 A   A   B . n 
B 1 19 G   19 42 42 G   G   B . n 
B 1 20 U   20 43 43 U   U   B . n 
B 1 21 C   21 44 44 C   C   B . n 
B 1 22 G   22 45 45 G   G   B . n 
B 1 23 C   23 46 46 C   C   B . n 
# 
loop_
_pdbx_nonpoly_scheme.asym_id 
_pdbx_nonpoly_scheme.entity_id 
_pdbx_nonpoly_scheme.mon_id 
_pdbx_nonpoly_scheme.ndb_seq_num 
_pdbx_nonpoly_scheme.pdb_seq_num 
_pdbx_nonpoly_scheme.auth_seq_num 
_pdbx_nonpoly_scheme.pdb_mon_id 
_pdbx_nonpoly_scheme.auth_mon_id 
_pdbx_nonpoly_scheme.pdb_strand_id 
_pdbx_nonpoly_scheme.pdb_ins_code 
C 2 MG  1   1000 51  MG  MO6 A . 
D 2 MG  1   2000 52  MG  MO6 A . 
E 2 MG  1   3000 53  MG  MO6 B . 
F 2 MG  1   4000 54  MG  MO6 B . 
G 2 MG  1   5000 55  MG  MO6 B . 
H 2 MG  1   6000 56  MG  MO5 B . 
I 2 MG  1   7000 57  MG  MO6 B . 
J 3 HOH 1   101  101 HOH HOH A . 
J 3 HOH 2   104  104 HOH HOH A . 
J 3 HOH 3   106  106 HOH HOH A . 
J 3 HOH 4   107  107 HOH HOH A . 
J 3 HOH 5   109  109 HOH HOH A . 
J 3 HOH 6   112  112 HOH HOH A . 
J 3 HOH 7   117  117 HOH HOH A . 
J 3 HOH 8   119  119 HOH HOH A . 
J 3 HOH 9   122  122 HOH HOH A . 
J 3 HOH 10  123  123 HOH HOH A . 
J 3 HOH 11  131  131 HOH HOH A . 
J 3 HOH 12  132  132 HOH HOH A . 
J 3 HOH 13  136  136 HOH HOH A . 
J 3 HOH 14  137  137 HOH HOH A . 
J 3 HOH 15  142  142 HOH HOH A . 
J 3 HOH 16  143  143 HOH HOH A . 
J 3 HOH 17  146  146 HOH HOH A . 
J 3 HOH 18  147  147 HOH HOH A . 
J 3 HOH 19  148  148 HOH HOH A . 
J 3 HOH 20  151  151 HOH HOH A . 
J 3 HOH 21  152  152 HOH HOH A . 
J 3 HOH 22  153  153 HOH HOH A . 
J 3 HOH 23  154  154 HOH HOH A . 
J 3 HOH 24  155  155 HOH HOH A . 
J 3 HOH 25  157  157 HOH HOH A . 
J 3 HOH 26  158  158 HOH HOH A . 
J 3 HOH 27  162  162 HOH HOH A . 
J 3 HOH 28  163  163 HOH HOH A . 
J 3 HOH 29  164  164 HOH HOH A . 
J 3 HOH 30  167  167 HOH HOH A . 
J 3 HOH 31  168  168 HOH HOH A . 
J 3 HOH 32  169  169 HOH HOH A . 
J 3 HOH 33  170  170 HOH HOH A . 
J 3 HOH 34  172  172 HOH HOH A . 
J 3 HOH 35  173  173 HOH HOH A . 
J 3 HOH 36  175  175 HOH HOH A . 
J 3 HOH 37  177  177 HOH HOH A . 
J 3 HOH 38  181  181 HOH HOH A . 
J 3 HOH 39  182  182 HOH HOH A . 
J 3 HOH 40  183  183 HOH HOH A . 
J 3 HOH 41  186  186 HOH HOH A . 
J 3 HOH 42  189  189 HOH HOH A . 
J 3 HOH 43  190  190 HOH HOH A . 
J 3 HOH 44  192  192 HOH HOH A . 
J 3 HOH 45  196  196 HOH HOH A . 
J 3 HOH 46  197  197 HOH HOH A . 
J 3 HOH 47  198  198 HOH HOH A . 
J 3 HOH 48  201  201 HOH HOH A . 
J 3 HOH 49  202  202 HOH HOH A . 
J 3 HOH 50  203  203 HOH HOH A . 
J 3 HOH 51  207  207 HOH HOH A . 
J 3 HOH 52  208  208 HOH HOH A . 
J 3 HOH 53  209  209 HOH HOH A . 
J 3 HOH 54  210  210 HOH HOH A . 
J 3 HOH 55  212  212 HOH HOH A . 
J 3 HOH 56  213  213 HOH HOH A . 
J 3 HOH 57  214  214 HOH HOH A . 
J 3 HOH 58  216  216 HOH HOH A . 
J 3 HOH 59  218  218 HOH HOH A . 
J 3 HOH 60  219  219 HOH HOH A . 
J 3 HOH 61  220  220 HOH HOH A . 
J 3 HOH 62  222  222 HOH HOH A . 
J 3 HOH 63  226  226 HOH HOH A . 
J 3 HOH 64  233  233 HOH HOH A . 
J 3 HOH 65  234  234 HOH HOH A . 
J 3 HOH 66  237  237 HOH HOH A . 
J 3 HOH 67  238  238 HOH HOH A . 
J 3 HOH 68  240  240 HOH HOH A . 
J 3 HOH 69  250  250 HOH HOH A . 
J 3 HOH 70  252  252 HOH HOH A . 
J 3 HOH 71  256  256 HOH HOH A . 
J 3 HOH 72  257  257 HOH HOH A . 
J 3 HOH 73  258  258 HOH HOH A . 
J 3 HOH 74  259  259 HOH HOH A . 
J 3 HOH 75  262  262 HOH HOH A . 
J 3 HOH 76  264  264 HOH HOH A . 
J 3 HOH 77  1002 51  HOH MO6 A . 
J 3 HOH 78  1004 51  HOH MO6 A . 
J 3 HOH 79  1005 51  HOH MO6 A . 
J 3 HOH 80  2001 52  HOH MO6 A . 
J 3 HOH 81  2002 52  HOH MO6 A . 
J 3 HOH 82  2003 52  HOH MO6 A . 
J 3 HOH 83  2004 52  HOH MO6 A . 
J 3 HOH 84  2005 52  HOH MO6 A . 
J 3 HOH 85  3004 53  HOH MO6 A . 
J 3 HOH 86  4002 54  HOH MO6 A . 
J 3 HOH 87  4006 54  HOH MO6 A . 
J 3 HOH 88  5001 55  HOH MO6 A . 
J 3 HOH 89  5006 55  HOH MO6 A . 
J 3 HOH 90  6002 56  HOH MO5 A . 
J 3 HOH 91  6005 56  HOH MO5 A . 
K 3 HOH 1   102  102 HOH HOH B . 
K 3 HOH 2   103  103 HOH HOH B . 
K 3 HOH 3   105  105 HOH HOH B . 
K 3 HOH 4   108  108 HOH HOH B . 
K 3 HOH 5   110  110 HOH HOH B . 
K 3 HOH 6   111  111 HOH HOH B . 
K 3 HOH 7   113  113 HOH HOH B . 
K 3 HOH 8   114  114 HOH HOH B . 
K 3 HOH 9   115  115 HOH HOH B . 
K 3 HOH 10  116  116 HOH HOH B . 
K 3 HOH 11  118  118 HOH HOH B . 
K 3 HOH 12  120  120 HOH HOH B . 
K 3 HOH 13  121  121 HOH HOH B . 
K 3 HOH 14  124  124 HOH HOH B . 
K 3 HOH 15  125  125 HOH HOH B . 
K 3 HOH 16  126  126 HOH HOH B . 
K 3 HOH 17  127  127 HOH HOH B . 
K 3 HOH 18  128  128 HOH HOH B . 
K 3 HOH 19  129  129 HOH HOH B . 
K 3 HOH 20  130  130 HOH HOH B . 
K 3 HOH 21  133  133 HOH HOH B . 
K 3 HOH 22  134  134 HOH HOH B . 
K 3 HOH 23  135  135 HOH HOH B . 
K 3 HOH 24  138  138 HOH HOH B . 
K 3 HOH 25  139  139 HOH HOH B . 
K 3 HOH 26  140  140 HOH HOH B . 
K 3 HOH 27  141  141 HOH HOH B . 
K 3 HOH 28  144  144 HOH HOH B . 
K 3 HOH 29  145  145 HOH HOH B . 
K 3 HOH 30  149  149 HOH HOH B . 
K 3 HOH 31  150  150 HOH HOH B . 
K 3 HOH 32  156  156 HOH HOH B . 
K 3 HOH 33  159  159 HOH HOH B . 
K 3 HOH 34  160  160 HOH HOH B . 
K 3 HOH 35  161  161 HOH HOH B . 
K 3 HOH 36  165  165 HOH HOH B . 
K 3 HOH 37  166  166 HOH HOH B . 
K 3 HOH 38  171  171 HOH HOH B . 
K 3 HOH 39  174  174 HOH HOH B . 
K 3 HOH 40  176  176 HOH HOH B . 
K 3 HOH 41  178  178 HOH HOH B . 
K 3 HOH 42  179  179 HOH HOH B . 
K 3 HOH 43  180  180 HOH HOH B . 
K 3 HOH 44  184  184 HOH HOH B . 
K 3 HOH 45  185  185 HOH HOH B . 
K 3 HOH 46  187  187 HOH HOH B . 
K 3 HOH 47  188  188 HOH HOH B . 
K 3 HOH 48  191  191 HOH HOH B . 
K 3 HOH 49  193  193 HOH HOH B . 
K 3 HOH 50  194  194 HOH HOH B . 
K 3 HOH 51  195  195 HOH HOH B . 
K 3 HOH 52  199  199 HOH HOH B . 
K 3 HOH 53  200  200 HOH HOH B . 
K 3 HOH 54  204  204 HOH HOH B . 
K 3 HOH 55  205  205 HOH HOH B . 
K 3 HOH 56  206  206 HOH HOH B . 
K 3 HOH 57  211  211 HOH HOH B . 
K 3 HOH 58  215  215 HOH HOH B . 
K 3 HOH 59  217  217 HOH HOH B . 
K 3 HOH 60  221  221 HOH HOH B . 
K 3 HOH 61  223  223 HOH HOH B . 
K 3 HOH 62  224  224 HOH HOH B . 
K 3 HOH 63  225  225 HOH HOH B . 
K 3 HOH 64  227  227 HOH HOH B . 
K 3 HOH 65  228  228 HOH HOH B . 
K 3 HOH 66  229  229 HOH HOH B . 
K 3 HOH 67  230  230 HOH HOH B . 
K 3 HOH 68  231  231 HOH HOH B . 
K 3 HOH 69  232  232 HOH HOH B . 
K 3 HOH 70  235  235 HOH HOH B . 
K 3 HOH 71  236  236 HOH HOH B . 
K 3 HOH 72  239  239 HOH HOH B . 
K 3 HOH 73  241  241 HOH HOH B . 
K 3 HOH 74  248  248 HOH HOH B . 
K 3 HOH 75  249  249 HOH HOH B . 
K 3 HOH 76  251  251 HOH HOH B . 
K 3 HOH 77  253  253 HOH HOH B . 
K 3 HOH 78  254  254 HOH HOH B . 
K 3 HOH 79  255  255 HOH HOH B . 
K 3 HOH 80  260  260 HOH HOH B . 
K 3 HOH 81  261  261 HOH HOH B . 
K 3 HOH 82  263  263 HOH HOH B . 
K 3 HOH 83  1001 51  HOH MO6 B . 
K 3 HOH 84  1003 51  HOH MO6 B . 
K 3 HOH 85  1006 51  HOH MO6 B . 
K 3 HOH 86  2006 52  HOH MO6 B . 
K 3 HOH 87  3001 53  HOH MO6 B . 
K 3 HOH 88  3002 53  HOH MO6 B . 
K 3 HOH 89  3003 53  HOH MO6 B . 
K 3 HOH 90  3005 53  HOH MO6 B . 
K 3 HOH 91  3006 53  HOH MO6 B . 
K 3 HOH 92  4001 54  HOH MO6 B . 
K 3 HOH 93  4003 54  HOH MO6 B . 
K 3 HOH 94  4004 54  HOH MO6 B . 
K 3 HOH 95  4005 54  HOH MO6 B . 
K 3 HOH 96  5002 55  HOH MO6 B . 
K 3 HOH 97  5003 55  HOH MO6 B . 
K 3 HOH 98  5004 55  HOH MO6 B . 
K 3 HOH 99  5005 55  HOH MO6 B . 
K 3 HOH 100 6001 56  HOH MO5 B . 
K 3 HOH 101 6003 56  HOH MO5 B . 
K 3 HOH 102 6004 56  HOH MO5 B . 
K 3 HOH 103 7001 57  HOH MO6 B . 
K 3 HOH 104 7002 57  HOH MO6 B . 
K 3 HOH 105 7003 57  HOH MO6 B . 
K 3 HOH 106 7004 57  HOH MO6 B . 
K 3 HOH 107 7005 57  HOH MO6 B . 
K 3 HOH 108 7006 57  HOH MO6 B . 
# 
loop_
_software.name 
_software.classification 
_software.version 
_software.citation_id 
_software.pdbx_ordinal 
PHENIX       'model building' . ? 1 
CNS          refinement       . ? 2 
CrystalClear 'data reduction' . ? 3 
SCALA        'data scaling'   . ? 4 
PHENIX       phasing          . ? 5 
# 
_cell.entry_id           3TD0 
_cell.length_a           45.520 
_cell.length_b           46.730 
_cell.length_c           55.290 
_cell.angle_alpha        90.00 
_cell.angle_beta         90.00 
_cell.angle_gamma        90.00 
_cell.Z_PDB              8 
_cell.pdbx_unique_axis   ? 
_cell.length_a_esd       ? 
_cell.length_b_esd       ? 
_cell.length_c_esd       ? 
_cell.angle_alpha_esd    ? 
_cell.angle_beta_esd     ? 
_cell.angle_gamma_esd    ? 
# 
_symmetry.entry_id                         3TD0 
_symmetry.space_group_name_H-M             'P 21 21 21' 
_symmetry.pdbx_full_space_group_name_H-M   ? 
_symmetry.cell_setting                     ? 
_symmetry.Int_Tables_number                19 
_symmetry.space_group_name_Hall            ? 
# 
_exptl.entry_id          3TD0 
_exptl.method            'X-RAY DIFFRACTION' 
_exptl.crystals_number   2 
# 
_exptl_crystal.id                    1 
_exptl_crystal.density_meas          ? 
_exptl_crystal.density_Matthews      1.97 
_exptl_crystal.density_percent_sol   37.67 
_exptl_crystal.description           ? 
_exptl_crystal.F_000                 ? 
_exptl_crystal.preparation           ? 
# 
_exptl_crystal_grow.crystal_id      1 
_exptl_crystal_grow.method          'VAPOR DIFFUSION, HANGING DROP' 
_exptl_crystal_grow.temp            293 
_exptl_crystal_grow.temp_details    ? 
_exptl_crystal_grow.pH              7.0 
_exptl_crystal_grow.pdbx_details    
;Sodium Cacodylate, Spermine tetrahydrochloride, Magnesium chloride, 2-methyl-2,4-pentanediol, pH 7.0, VAPOR DIFFUSION, HANGING DROP, temperature 293K
;
_exptl_crystal_grow.pdbx_pH_range   ? 
# 
loop_
_diffrn.id 
_diffrn.ambient_temp 
_diffrn.ambient_temp_details 
_diffrn.crystal_id 
1 100 ? 1 
2 100 ? 1 
# 
loop_
_diffrn_detector.diffrn_id 
_diffrn_detector.detector 
_diffrn_detector.type 
_diffrn_detector.pdbx_collection_date 
_diffrn_detector.details 
1 CCD 'ADSC QUANTUM 210r' 2011-02-19 ? 
2 CCD 'ADSC QUANTUM 210r' 2011-12-06 ? 
# 
loop_
_diffrn_radiation.diffrn_id 
_diffrn_radiation.wavelength_id 
_diffrn_radiation.pdbx_monochromatic_or_laue_m_l 
_diffrn_radiation.monochromator 
_diffrn_radiation.pdbx_diffrn_protocol 
_diffrn_radiation.pdbx_scattering_type 
1 1 M 
;Numerical link type Si(111) double crystal monochromator, direct water cooling using micro-channel (1st crystal), indirect water cooling (2nd crystal)
;
'SINGLE WAVELENGTH' x-ray 
2 1 M 
;Numerical link type Si(111) double crystal monochromator, direct water cooling using micro-channel (1st crystal), indirect water cooling (2nd crystal)
;
MAD                 x-ray 
# 
loop_
_diffrn_radiation_wavelength.id 
_diffrn_radiation_wavelength.wavelength 
_diffrn_radiation_wavelength.wt 
1 1.0     1.0 
2 0.91921 1.0 
3 0.92100 1.0 
4 0.90615 1.0 
# 
loop_
_diffrn_source.diffrn_id 
_diffrn_source.source 
_diffrn_source.type 
_diffrn_source.pdbx_synchrotron_site 
_diffrn_source.pdbx_synchrotron_beamline 
_diffrn_source.pdbx_wavelength 
_diffrn_source.pdbx_wavelength_list 
1 SYNCHROTRON 'PHOTON FACTORY BEAMLINE BL-5A' 'Photon Factory' BL-5A ? 1.0                         
2 SYNCHROTRON 'PHOTON FACTORY BEAMLINE BL-5A' 'Photon Factory' BL-5A ? '0.91921, 0.92100, 0.90615' 
# 
_reflns.entry_id                     3TD0 
_reflns.observed_criterion_sigma_I   ? 
_reflns.observed_criterion_sigma_F   ? 
_reflns.d_resolution_low             35.7 
_reflns.d_resolution_high            1.6 
_reflns.number_obs                   16037 
_reflns.number_all                   ? 
_reflns.percent_possible_obs         99.4 
_reflns.pdbx_Rmerge_I_obs            0.049 
_reflns.pdbx_Rsym_value              ? 
_reflns.pdbx_netI_over_sigmaI        ? 
_reflns.B_iso_Wilson_estimate        ? 
_reflns.pdbx_redundancy              7.0 
_reflns.R_free_details               ? 
_reflns.limit_h_max                  ? 
_reflns.limit_h_min                  ? 
_reflns.limit_k_max                  ? 
_reflns.limit_k_min                  ? 
_reflns.limit_l_max                  ? 
_reflns.limit_l_min                  ? 
_reflns.observed_criterion_F_max     ? 
_reflns.observed_criterion_F_min     ? 
_reflns.pdbx_chi_squared             ? 
_reflns.pdbx_scaling_rejects         ? 
_reflns.pdbx_ordinal                 1 
_reflns.pdbx_diffrn_id               1,2 
# 
_reflns_shell.d_res_high                  1.6 
_reflns_shell.d_res_low                   1.7 
_reflns_shell.percent_possible_all        100 
_reflns_shell.Rmerge_I_obs                0.235 
_reflns_shell.pdbx_Rsym_value             ? 
_reflns_shell.meanI_over_sigI_obs         ? 
_reflns_shell.pdbx_redundancy             7.1 
_reflns_shell.percent_possible_obs        ? 
_reflns_shell.number_unique_all           ? 
_reflns_shell.number_measured_all         ? 
_reflns_shell.number_measured_obs         ? 
_reflns_shell.number_unique_obs           ? 
_reflns_shell.pdbx_chi_squared            ? 
_reflns_shell.pdbx_rejects                ? 
_reflns_shell.pdbx_netI_over_sigmaI_obs   ? 
_reflns_shell.number_possible             ? 
_reflns_shell.Rmerge_F_all                ? 
_reflns_shell.Rmerge_F_obs                ? 
_reflns_shell.Rmerge_I_all                ? 
_reflns_shell.meanI_over_sigI_all         ? 
_reflns_shell.pdbx_Rrim_I_all             ? 
_reflns_shell.pdbx_Rpim_I_all             ? 
_reflns_shell.pdbx_ordinal                1 
_reflns_shell.pdbx_diffrn_id              1,2 
# 
_refine.entry_id                                 3TD0 
_refine.ls_number_reflns_obs                     16031 
_refine.ls_number_reflns_all                     ? 
_refine.pdbx_ls_sigma_I                          ? 
_refine.pdbx_ls_sigma_F                          ? 
_refine.pdbx_data_cutoff_high_absF               ? 
_refine.pdbx_data_cutoff_low_absF                ? 
_refine.pdbx_data_cutoff_high_rms_absF           ? 
_refine.ls_d_res_low                             35.7 
_refine.ls_d_res_high                            1.6 
_refine.ls_percent_reflns_obs                    ? 
_refine.ls_R_factor_obs                          ? 
_refine.ls_R_factor_all                          ? 
_refine.ls_R_factor_R_work                       0.220 
_refine.ls_R_factor_R_free                       0.256 
_refine.ls_R_factor_R_free_error                 ? 
_refine.ls_R_factor_R_free_error_details         ? 
_refine.ls_percent_reflns_R_free                 ? 
_refine.ls_number_reflns_R_free                  ? 
_refine.ls_number_parameters                     ? 
_refine.ls_number_restraints                     ? 
_refine.occupancy_min                            ? 
_refine.occupancy_max                            ? 
_refine.correlation_coeff_Fo_to_Fc               ? 
_refine.correlation_coeff_Fo_to_Fc_free          ? 
_refine.B_iso_mean                               ? 
_refine.aniso_B[1][1]                            ? 
_refine.aniso_B[2][2]                            ? 
_refine.aniso_B[3][3]                            ? 
_refine.aniso_B[1][2]                            ? 
_refine.aniso_B[1][3]                            ? 
_refine.aniso_B[2][3]                            ? 
_refine.solvent_model_details                    ? 
_refine.solvent_model_param_ksol                 ? 
_refine.solvent_model_param_bsol                 ? 
_refine.pdbx_solvent_vdw_probe_radii             ? 
_refine.pdbx_solvent_ion_probe_radii             ? 
_refine.pdbx_solvent_shrinkage_radii             ? 
_refine.pdbx_ls_cross_valid_method               ? 
_refine.details                                  ? 
_refine.pdbx_starting_model                      ? 
_refine.pdbx_method_to_determine_struct          MAD 
_refine.pdbx_isotropic_thermal_model             ? 
_refine.pdbx_stereochemistry_target_values       ? 
_refine.pdbx_stereochem_target_val_spec_case     ? 
_refine.pdbx_R_Free_selection_details            Random 
_refine.pdbx_overall_ESU_R_Free                  ? 
_refine.overall_SU_ML                            ? 
_refine.pdbx_overall_phase_error                 ? 
_refine.overall_SU_B                             ? 
_refine.overall_SU_R_Cruickshank_DPI             ? 
_refine.ls_redundancy_reflns_obs                 ? 
_refine.B_iso_min                                ? 
_refine.B_iso_max                                ? 
_refine.overall_SU_R_free                        ? 
_refine.ls_wR_factor_R_free                      ? 
_refine.ls_wR_factor_R_work                      ? 
_refine.overall_FOM_free_R_set                   ? 
_refine.overall_FOM_work_R_set                   ? 
_refine.pdbx_diffrn_id                           1,2 
_refine.pdbx_refine_id                           'X-RAY DIFFRACTION' 
_refine.pdbx_overall_ESU_R                       ? 
_refine.pdbx_TLS_residual_ADP_flag               ? 
_refine.pdbx_overall_SU_R_free_Cruickshank_DPI   ? 
_refine.pdbx_overall_SU_R_Blow_DPI               ? 
_refine.pdbx_overall_SU_R_free_Blow_DPI          ? 
# 
_refine_hist.pdbx_refine_id                   'X-RAY DIFFRACTION' 
_refine_hist.cycle_id                         LAST 
_refine_hist.pdbx_number_atoms_protein        0 
_refine_hist.pdbx_number_atoms_nucleic_acid   939 
_refine_hist.pdbx_number_atoms_ligand         7 
_refine_hist.number_atoms_solvent             199 
_refine_hist.number_atoms_total               1145 
_refine_hist.d_res_high                       1.6 
_refine_hist.d_res_low                        35.7 
# 
loop_
_refine_ls_restr.type 
_refine_ls_restr.dev_ideal 
_refine_ls_restr.dev_ideal_target 
_refine_ls_restr.weight 
_refine_ls_restr.number 
_refine_ls_restr.pdbx_restraint_function 
_refine_ls_restr.pdbx_refine_id 
c_bond_d    0.005 ? ? ? ? 'X-RAY DIFFRACTION' 
c_angle_deg 0.8   ? ? ? ? 'X-RAY DIFFRACTION' 
# 
_struct.entry_id                  3TD0 
_struct.title                     
'Crystal structure of the bacterial A1408G-mutant and the protozoa cytoplasmic ribosomal decoding site' 
_struct.pdbx_model_details        ? 
_struct.pdbx_CASP_flag            ? 
_struct.pdbx_model_type_details   ? 
# 
_struct_keywords.entry_id        3TD0 
_struct_keywords.pdbx_keywords   RNA 
_struct_keywords.text            'Decoding, ribosome, RNA' 
# 
loop_
_struct_asym.id 
_struct_asym.pdbx_blank_PDB_chainid_flag 
_struct_asym.pdbx_modified 
_struct_asym.entity_id 
_struct_asym.details 
A N N 1 ? 
B N N 1 ? 
C N N 2 ? 
D N N 2 ? 
E N N 2 ? 
F N N 2 ? 
G N N 2 ? 
H N N 2 ? 
I N N 2 ? 
J N N 3 ? 
K N N 3 ? 
# 
_struct_ref.id                         1 
_struct_ref.db_name                    PDB 
_struct_ref.db_code                    3TD0 
_struct_ref.pdbx_db_accession          3TD0 
_struct_ref.entity_id                  1 
_struct_ref.pdbx_align_begin           ? 
_struct_ref.pdbx_seq_one_letter_code   ? 
_struct_ref.pdbx_db_isoform            ? 
# 
loop_
_struct_ref_seq.align_id 
_struct_ref_seq.ref_id 
_struct_ref_seq.pdbx_PDB_id_code 
_struct_ref_seq.pdbx_strand_id 
_struct_ref_seq.seq_align_beg 
_struct_ref_seq.pdbx_seq_align_beg_ins_code 
_struct_ref_seq.seq_align_end 
_struct_ref_seq.pdbx_seq_align_end_ins_code 
_struct_ref_seq.pdbx_db_accession 
_struct_ref_seq.db_align_beg 
_struct_ref_seq.pdbx_db_align_beg_ins_code 
_struct_ref_seq.db_align_end 
_struct_ref_seq.pdbx_db_align_end_ins_code 
_struct_ref_seq.pdbx_auth_seq_align_beg 
_struct_ref_seq.pdbx_auth_seq_align_end 
1 1 3TD0 A 1 ? 23 ? 3TD0 1  ? 23 ? 1  23 
2 1 3TD0 B 1 ? 23 ? 3TD0 24 ? 46 ? 24 46 
# 
_pdbx_struct_assembly.id                   1 
_pdbx_struct_assembly.details              author_and_software_defined_assembly 
_pdbx_struct_assembly.method_details       PISA 
_pdbx_struct_assembly.oligomeric_details   dimeric 
_pdbx_struct_assembly.oligomeric_count     2 
# 
loop_
_pdbx_struct_assembly_prop.biol_id 
_pdbx_struct_assembly_prop.type 
_pdbx_struct_assembly_prop.value 
_pdbx_struct_assembly_prop.details 
1 'ABSA (A^2)' 3260 ? 
1 MORE         -8   ? 
1 'SSA (A^2)'  8110 ? 
# 
_pdbx_struct_assembly_gen.assembly_id       1 
_pdbx_struct_assembly_gen.oper_expression   1 
_pdbx_struct_assembly_gen.asym_id_list      A,B,C,D,E,F,G,H,I,J,K 
# 
_pdbx_struct_oper_list.id                   1 
_pdbx_struct_oper_list.type                 'identity operation' 
_pdbx_struct_oper_list.name                 1_555 
_pdbx_struct_oper_list.symmetry_operation   x,y,z 
_pdbx_struct_oper_list.matrix[1][1]         1.0000000000 
_pdbx_struct_oper_list.matrix[1][2]         0.0000000000 
_pdbx_struct_oper_list.matrix[1][3]         0.0000000000 
_pdbx_struct_oper_list.vector[1]            0.0000000000 
_pdbx_struct_oper_list.matrix[2][1]         0.0000000000 
_pdbx_struct_oper_list.matrix[2][2]         1.0000000000 
_pdbx_struct_oper_list.matrix[2][3]         0.0000000000 
_pdbx_struct_oper_list.vector[2]            0.0000000000 
_pdbx_struct_oper_list.matrix[3][1]         0.0000000000 
_pdbx_struct_oper_list.matrix[3][2]         0.0000000000 
_pdbx_struct_oper_list.matrix[3][3]         1.0000000000 
_pdbx_struct_oper_list.vector[3]            0.0000000000 
# 
_struct_biol.id        1 
_struct_biol.details   ? 
# 
loop_
_struct_conn.id 
_struct_conn.conn_type_id 
_struct_conn.pdbx_leaving_atom_flag 
_struct_conn.pdbx_PDB_id 
_struct_conn.ptnr1_label_asym_id 
_struct_conn.ptnr1_label_comp_id 
_struct_conn.ptnr1_label_seq_id 
_struct_conn.ptnr1_label_atom_id 
_struct_conn.pdbx_ptnr1_label_alt_id 
_struct_conn.pdbx_ptnr1_PDB_ins_code 
_struct_conn.pdbx_ptnr1_standard_comp_id 
_struct_conn.ptnr1_symmetry 
_struct_conn.ptnr2_label_asym_id 
_struct_conn.ptnr2_label_comp_id 
_struct_conn.ptnr2_label_seq_id 
_struct_conn.ptnr2_label_atom_id 
_struct_conn.pdbx_ptnr2_label_alt_id 
_struct_conn.pdbx_ptnr2_PDB_ins_code 
_struct_conn.ptnr1_auth_asym_id 
_struct_conn.ptnr1_auth_comp_id 
_struct_conn.ptnr1_auth_seq_id 
_struct_conn.ptnr2_auth_asym_id 
_struct_conn.ptnr2_auth_comp_id 
_struct_conn.ptnr2_auth_seq_id 
_struct_conn.ptnr2_symmetry 
_struct_conn.pdbx_ptnr3_label_atom_id 
_struct_conn.pdbx_ptnr3_label_seq_id 
_struct_conn.pdbx_ptnr3_label_comp_id 
_struct_conn.pdbx_ptnr3_label_asym_id 
_struct_conn.pdbx_ptnr3_label_alt_id 
_struct_conn.pdbx_ptnr3_PDB_ins_code 
_struct_conn.details 
_struct_conn.pdbx_dist_value 
_struct_conn.pdbx_value_order 
_struct_conn.pdbx_role 
covale1  covale both ? A G   10 "O3'" ? ? ? 1_555 A 5BU 11 P  ? ? A G   10   A 5BU 11   1_555 ? ? ? ? ? ? ?             1.613 ? ? 
covale2  covale both ? A 5BU 11 "O3'" ? ? ? 1_555 A C   12 P  ? ? A 5BU 11   A C   12   1_555 ? ? ? ? ? ? ?             1.606 ? ? 
covale3  covale both ? B G   10 "O3'" ? ? ? 1_555 B 5BU 11 P  ? ? B G   33   B 5BU 34   1_555 ? ? ? ? ? ? ?             1.606 ? ? 
covale4  covale both ? B 5BU 11 "O3'" ? ? ? 1_555 B C   12 P  ? ? B 5BU 34   B C   35   1_555 ? ? ? ? ? ? ?             1.607 ? ? 
metalc1  metalc ?    ? C MG  .  MG    ? ? ? 1_555 J HOH .  O  ? ? A MG  1000 A HOH 1002 1_555 ? ? ? ? ? ? ?             2.014 ? ? 
metalc2  metalc ?    ? C MG  .  MG    ? ? ? 1_555 J HOH .  O  ? ? A MG  1000 A HOH 1004 1_555 ? ? ? ? ? ? ?             2.067 ? ? 
metalc3  metalc ?    ? C MG  .  MG    ? ? ? 1_555 J HOH .  O  ? ? A MG  1000 A HOH 1005 1_555 ? ? ? ? ? ? ?             2.126 ? ? 
metalc4  metalc ?    ? C MG  .  MG    ? ? ? 1_555 K HOH .  O  ? ? A MG  1000 B HOH 1001 1_555 ? ? ? ? ? ? ?             2.078 ? ? 
metalc5  metalc ?    ? C MG  .  MG    ? ? ? 1_555 K HOH .  O  ? ? A MG  1000 B HOH 1003 1_555 ? ? ? ? ? ? ?             2.099 ? ? 
metalc6  metalc ?    ? C MG  .  MG    ? ? ? 1_555 K HOH .  O  ? ? A MG  1000 B HOH 1006 1_555 ? ? ? ? ? ? ?             2.118 ? ? 
metalc7  metalc ?    ? D MG  .  MG    ? ? ? 1_555 J HOH .  O  ? ? A MG  2000 A HOH 2001 1_555 ? ? ? ? ? ? ?             2.075 ? ? 
metalc8  metalc ?    ? D MG  .  MG    ? ? ? 1_555 J HOH .  O  ? ? A MG  2000 A HOH 2002 1_555 ? ? ? ? ? ? ?             2.016 ? ? 
metalc9  metalc ?    ? D MG  .  MG    ? ? ? 1_555 J HOH .  O  ? ? A MG  2000 A HOH 2003 1_555 ? ? ? ? ? ? ?             2.092 ? ? 
metalc10 metalc ?    ? D MG  .  MG    ? ? ? 1_555 J HOH .  O  ? ? A MG  2000 A HOH 2004 1_555 ? ? ? ? ? ? ?             2.066 ? ? 
metalc11 metalc ?    ? D MG  .  MG    ? ? ? 1_555 J HOH .  O  ? ? A MG  2000 A HOH 2005 1_555 ? ? ? ? ? ? ?             2.128 ? ? 
metalc12 metalc ?    ? D MG  .  MG    ? ? ? 1_555 K HOH .  O  ? ? A MG  2000 B HOH 2006 1_555 ? ? ? ? ? ? ?             2.116 ? ? 
metalc13 metalc ?    ? J HOH .  O     ? ? ? 1_555 E MG  .  MG ? ? A HOH 3004 B MG  3000 1_555 ? ? ? ? ? ? ?             2.067 ? ? 
metalc14 metalc ?    ? J HOH .  O     ? ? ? 1_555 F MG  .  MG ? ? A HOH 4002 B MG  4000 1_555 ? ? ? ? ? ? ?             2.022 ? ? 
metalc15 metalc ?    ? J HOH .  O     ? ? ? 1_555 F MG  .  MG ? ? A HOH 4006 B MG  4000 1_555 ? ? ? ? ? ? ?             2.121 ? ? 
metalc16 metalc ?    ? J HOH .  O     ? ? ? 1_555 G MG  .  MG ? ? A HOH 5001 B MG  5000 1_555 ? ? ? ? ? ? ?             2.077 ? ? 
metalc17 metalc ?    ? J HOH .  O     ? ? ? 1_555 G MG  .  MG ? ? A HOH 5006 B MG  5000 1_555 ? ? ? ? ? ? ?             2.122 ? ? 
metalc18 metalc ?    ? J HOH .  O     ? ? ? 1_555 H MG  .  MG ? ? A HOH 6002 B MG  6000 1_555 ? ? ? ? ? ? ?             2.017 ? ? 
metalc19 metalc ?    ? J HOH .  O     ? ? ? 1_555 H MG  .  MG ? ? A HOH 6005 B MG  6000 1_555 ? ? ? ? ? ? ?             2.123 ? ? 
metalc20 metalc ?    ? B U   2  OP1   ? ? ? 1_555 H MG  .  MG ? ? B U   25   B MG  6000 1_555 ? ? ? ? ? ? ?             2.270 ? ? 
metalc21 metalc ?    ? E MG  .  MG    ? ? ? 1_555 K HOH .  O  ? ? B MG  3000 B HOH 3001 1_555 ? ? ? ? ? ? ?             2.074 ? ? 
metalc22 metalc ?    ? E MG  .  MG    ? ? ? 1_555 K HOH .  O  ? ? B MG  3000 B HOH 3002 1_555 ? ? ? ? ? ? ?             2.013 ? ? 
metalc23 metalc ?    ? E MG  .  MG    ? ? ? 1_555 K HOH .  O  ? ? B MG  3000 B HOH 3003 1_555 ? ? ? ? ? ? ?             2.100 ? ? 
metalc24 metalc ?    ? E MG  .  MG    ? ? ? 1_555 K HOH .  O  ? ? B MG  3000 B HOH 3005 1_555 ? ? ? ? ? ? ?             2.133 ? ? 
metalc25 metalc ?    ? E MG  .  MG    ? ? ? 1_555 K HOH .  O  ? ? B MG  3000 B HOH 3006 1_555 ? ? ? ? ? ? ?             2.113 ? ? 
metalc26 metalc ?    ? F MG  .  MG    ? ? ? 1_555 K HOH .  O  ? ? B MG  4000 B HOH 4001 1_555 ? ? ? ? ? ? ?             2.079 ? ? 
metalc27 metalc ?    ? F MG  .  MG    ? ? ? 1_555 K HOH .  O  ? ? B MG  4000 B HOH 4003 1_555 ? ? ? ? ? ? ?             2.091 ? ? 
metalc28 metalc ?    ? F MG  .  MG    ? ? ? 1_555 K HOH .  O  ? ? B MG  4000 B HOH 4004 1_555 ? ? ? ? ? ? ?             2.066 ? ? 
metalc29 metalc ?    ? F MG  .  MG    ? ? ? 1_555 K HOH .  O  ? ? B MG  4000 B HOH 4005 1_555 ? ? ? ? ? ? ?             2.129 ? ? 
metalc30 metalc ?    ? G MG  .  MG    ? ? ? 1_555 K HOH .  O  ? ? B MG  5000 B HOH 5002 1_555 ? ? ? ? ? ? ?             2.013 ? ? 
metalc31 metalc ?    ? G MG  .  MG    ? ? ? 1_555 K HOH .  O  ? ? B MG  5000 B HOH 5003 1_555 ? ? ? ? ? ? ?             2.096 ? ? 
metalc32 metalc ?    ? G MG  .  MG    ? ? ? 1_555 K HOH .  O  ? ? B MG  5000 B HOH 5004 1_555 ? ? ? ? ? ? ?             2.067 ? ? 
metalc33 metalc ?    ? G MG  .  MG    ? ? ? 1_555 K HOH .  O  ? ? B MG  5000 B HOH 5005 1_555 ? ? ? ? ? ? ?             2.127 ? ? 
metalc34 metalc ?    ? H MG  .  MG    ? ? ? 1_555 K HOH .  O  ? ? B MG  6000 B HOH 6001 1_555 ? ? ? ? ? ? ?             2.073 ? ? 
metalc35 metalc ?    ? H MG  .  MG    ? ? ? 1_555 K HOH .  O  ? ? B MG  6000 B HOH 6003 1_555 ? ? ? ? ? ? ?             2.099 ? ? 
metalc36 metalc ?    ? H MG  .  MG    ? ? ? 1_555 K HOH .  O  ? ? B MG  6000 B HOH 6004 1_555 ? ? ? ? ? ? ?             2.064 ? ? 
metalc37 metalc ?    ? I MG  .  MG    ? ? ? 1_555 K HOH .  O  ? ? B MG  7000 B HOH 7001 1_555 ? ? ? ? ? ? ?             2.074 ? ? 
metalc38 metalc ?    ? I MG  .  MG    ? ? ? 1_555 K HOH .  O  ? ? B MG  7000 B HOH 7002 1_555 ? ? ? ? ? ? ?             2.015 ? ? 
metalc39 metalc ?    ? I MG  .  MG    ? ? ? 1_555 K HOH .  O  ? ? B MG  7000 B HOH 7003 1_555 ? ? ? ? ? ? ?             2.099 ? ? 
metalc40 metalc ?    ? I MG  .  MG    ? ? ? 1_555 K HOH .  O  ? ? B MG  7000 B HOH 7004 1_555 ? ? ? ? ? ? ?             2.066 ? ? 
metalc41 metalc ?    ? I MG  .  MG    ? ? ? 1_555 K HOH .  O  ? ? B MG  7000 B HOH 7005 1_555 ? ? ? ? ? ? ?             2.129 ? ? 
metalc42 metalc ?    ? I MG  .  MG    ? ? ? 1_555 K HOH .  O  ? ? B MG  7000 B HOH 7006 1_555 ? ? ? ? ? ? ?             2.122 ? ? 
hydrog1  hydrog ?    ? A G   3  N1    ? ? ? 1_555 B C   23 N3 ? ? A G   3    B C   46   1_555 ? ? ? ? ? ? WATSON-CRICK  ?     ? ? 
hydrog2  hydrog ?    ? A G   3  N2    ? ? ? 1_555 B C   23 O2 ? ? A G   3    B C   46   1_555 ? ? ? ? ? ? WATSON-CRICK  ?     ? ? 
hydrog3  hydrog ?    ? A G   3  O6    ? ? ? 1_555 B C   23 N4 ? ? A G   3    B C   46   1_555 ? ? ? ? ? ? WATSON-CRICK  ?     ? ? 
hydrog4  hydrog ?    ? A C   4  N3    ? ? ? 1_555 B G   22 N1 ? ? A C   4    B G   45   1_555 ? ? ? ? ? ? WATSON-CRICK  ?     ? ? 
hydrog5  hydrog ?    ? A C   4  N4    ? ? ? 1_555 B G   22 O6 ? ? A C   4    B G   45   1_555 ? ? ? ? ? ? WATSON-CRICK  ?     ? ? 
hydrog6  hydrog ?    ? A C   4  O2    ? ? ? 1_555 B G   22 N2 ? ? A C   4    B G   45   1_555 ? ? ? ? ? ? WATSON-CRICK  ?     ? ? 
hydrog7  hydrog ?    ? A G   5  N1    ? ? ? 1_555 B C   21 N3 ? ? A G   5    B C   44   1_555 ? ? ? ? ? ? WATSON-CRICK  ?     ? ? 
hydrog8  hydrog ?    ? A G   5  N2    ? ? ? 1_555 B C   21 O2 ? ? A G   5    B C   44   1_555 ? ? ? ? ? ? WATSON-CRICK  ?     ? ? 
hydrog9  hydrog ?    ? A G   5  O6    ? ? ? 1_555 B C   21 N4 ? ? A G   5    B C   44   1_555 ? ? ? ? ? ? WATSON-CRICK  ?     ? ? 
hydrog10 hydrog ?    ? A U   6  O4    ? ? ? 1_555 B U   20 N3 ? ? A U   6    B U   43   1_555 ? ? ? ? ? ? 'U-U MISPAIR' ?     ? ? 
hydrog11 hydrog ?    ? A C   7  N3    ? ? ? 1_555 B G   19 N1 ? ? A C   7    B G   42   1_555 ? ? ? ? ? ? WATSON-CRICK  ?     ? ? 
hydrog12 hydrog ?    ? A C   7  N4    ? ? ? 1_555 B G   19 O6 ? ? A C   7    B G   42   1_555 ? ? ? ? ? ? WATSON-CRICK  ?     ? ? 
hydrog13 hydrog ?    ? A C   7  O2    ? ? ? 1_555 B G   19 N2 ? ? A C   7    B G   42   1_555 ? ? ? ? ? ? WATSON-CRICK  ?     ? ? 
hydrog14 hydrog ?    ? A G   8  N1    ? ? ? 1_555 B A   17 N1 ? ? A G   8    B A   40   1_555 ? ? ? ? ? ? TYPE_8_PAIR   ?     ? ? 
hydrog15 hydrog ?    ? A G   8  O6    ? ? ? 1_555 B A   17 N6 ? ? A G   8    B A   40   1_555 ? ? ? ? ? ? TYPE_8_PAIR   ?     ? ? 
hydrog16 hydrog ?    ? A C   9  N3    ? ? ? 1_555 B G   16 N1 ? ? A C   9    B G   39   1_555 ? ? ? ? ? ? WATSON-CRICK  ?     ? ? 
hydrog17 hydrog ?    ? A C   9  N4    ? ? ? 1_555 B G   16 O6 ? ? A C   9    B G   39   1_555 ? ? ? ? ? ? WATSON-CRICK  ?     ? ? 
hydrog18 hydrog ?    ? A C   9  O2    ? ? ? 1_555 B G   16 N2 ? ? A C   9    B G   39   1_555 ? ? ? ? ? ? WATSON-CRICK  ?     ? ? 
hydrog19 hydrog ?    ? A G   10 N1    ? ? ? 1_555 B C   15 N3 ? ? A G   10   B C   38   1_555 ? ? ? ? ? ? WATSON-CRICK  ?     ? ? 
hydrog20 hydrog ?    ? A G   10 N2    ? ? ? 1_555 B C   15 O2 ? ? A G   10   B C   38   1_555 ? ? ? ? ? ? WATSON-CRICK  ?     ? ? 
hydrog21 hydrog ?    ? A G   10 O6    ? ? ? 1_555 B C   15 N4 ? ? A G   10   B C   38   1_555 ? ? ? ? ? ? WATSON-CRICK  ?     ? ? 
hydrog22 hydrog ?    ? A 5BU 11 N3    ? ? ? 1_555 B A   14 N1 ? ? A 5BU 11   B A   37   1_555 ? ? ? ? ? ? WATSON-CRICK  ?     ? ? 
hydrog23 hydrog ?    ? A 5BU 11 O4    ? ? ? 1_555 B A   14 N6 ? ? A 5BU 11   B A   37   1_555 ? ? ? ? ? ? WATSON-CRICK  ?     ? ? 
hydrog24 hydrog ?    ? A C   12 N3    ? ? ? 1_555 B G   13 N1 ? ? A C   12   B G   36   1_555 ? ? ? ? ? ? WATSON-CRICK  ?     ? ? 
hydrog25 hydrog ?    ? A C   12 N4    ? ? ? 1_555 B G   13 O6 ? ? A C   12   B G   36   1_555 ? ? ? ? ? ? WATSON-CRICK  ?     ? ? 
hydrog26 hydrog ?    ? A C   12 O2    ? ? ? 1_555 B G   13 N2 ? ? A C   12   B G   36   1_555 ? ? ? ? ? ? WATSON-CRICK  ?     ? ? 
hydrog27 hydrog ?    ? A G   13 N1    ? ? ? 1_555 B C   12 N3 ? ? A G   13   B C   35   1_555 ? ? ? ? ? ? WATSON-CRICK  ?     ? ? 
hydrog28 hydrog ?    ? A G   13 N2    ? ? ? 1_555 B C   12 O2 ? ? A G   13   B C   35   1_555 ? ? ? ? ? ? WATSON-CRICK  ?     ? ? 
hydrog29 hydrog ?    ? A G   13 O6    ? ? ? 1_555 B C   12 N4 ? ? A G   13   B C   35   1_555 ? ? ? ? ? ? WATSON-CRICK  ?     ? ? 
hydrog30 hydrog ?    ? A A   14 N1    ? ? ? 1_555 B 5BU 11 N3 ? ? A A   14   B 5BU 34   1_555 ? ? ? ? ? ? WATSON-CRICK  ?     ? ? 
hydrog31 hydrog ?    ? A A   14 N6    ? ? ? 1_555 B 5BU 11 O4 ? ? A A   14   B 5BU 34   1_555 ? ? ? ? ? ? WATSON-CRICK  ?     ? ? 
hydrog32 hydrog ?    ? A C   15 N3    ? ? ? 1_555 B G   10 N1 ? ? A C   15   B G   33   1_555 ? ? ? ? ? ? WATSON-CRICK  ?     ? ? 
hydrog33 hydrog ?    ? A C   15 N4    ? ? ? 1_555 B G   10 O6 ? ? A C   15   B G   33   1_555 ? ? ? ? ? ? WATSON-CRICK  ?     ? ? 
hydrog34 hydrog ?    ? A C   15 O2    ? ? ? 1_555 B G   10 N2 ? ? A C   15   B G   33   1_555 ? ? ? ? ? ? WATSON-CRICK  ?     ? ? 
hydrog35 hydrog ?    ? A G   16 N1    ? ? ? 1_555 B C   9  N3 ? ? A G   16   B C   32   1_555 ? ? ? ? ? ? WATSON-CRICK  ?     ? ? 
hydrog36 hydrog ?    ? A G   16 N2    ? ? ? 1_555 B C   9  O2 ? ? A G   16   B C   32   1_555 ? ? ? ? ? ? WATSON-CRICK  ?     ? ? 
hydrog37 hydrog ?    ? A G   16 O6    ? ? ? 1_555 B C   9  N4 ? ? A G   16   B C   32   1_555 ? ? ? ? ? ? WATSON-CRICK  ?     ? ? 
hydrog38 hydrog ?    ? A A   17 N1    ? ? ? 1_555 B G   8  N1 ? ? A A   17   B G   31   1_555 ? ? ? ? ? ? TYPE_8_PAIR   ?     ? ? 
hydrog39 hydrog ?    ? A A   17 N6    ? ? ? 1_555 B G   8  O6 ? ? A A   17   B G   31   1_555 ? ? ? ? ? ? TYPE_8_PAIR   ?     ? ? 
hydrog40 hydrog ?    ? A G   19 N1    ? ? ? 1_555 B C   7  N3 ? ? A G   19   B C   30   1_555 ? ? ? ? ? ? WATSON-CRICK  ?     ? ? 
hydrog41 hydrog ?    ? A G   19 N2    ? ? ? 1_555 B C   7  O2 ? ? A G   19   B C   30   1_555 ? ? ? ? ? ? WATSON-CRICK  ?     ? ? 
hydrog42 hydrog ?    ? A G   19 O6    ? ? ? 1_555 B C   7  N4 ? ? A G   19   B C   30   1_555 ? ? ? ? ? ? WATSON-CRICK  ?     ? ? 
hydrog43 hydrog ?    ? A U   20 N3    ? ? ? 1_555 B U   6  O2 ? ? A U   20   B U   29   1_555 ? ? ? ? ? ? TYPE_16_PAIR  ?     ? ? 
hydrog44 hydrog ?    ? A U   20 O4    ? ? ? 1_555 B U   6  N3 ? ? A U   20   B U   29   1_555 ? ? ? ? ? ? TYPE_16_PAIR  ?     ? ? 
hydrog45 hydrog ?    ? A C   21 N3    ? ? ? 1_555 B G   5  N1 ? ? A C   21   B G   28   1_555 ? ? ? ? ? ? WATSON-CRICK  ?     ? ? 
hydrog46 hydrog ?    ? A C   21 N4    ? ? ? 1_555 B G   5  O6 ? ? A C   21   B G   28   1_555 ? ? ? ? ? ? WATSON-CRICK  ?     ? ? 
hydrog47 hydrog ?    ? A C   21 O2    ? ? ? 1_555 B G   5  N2 ? ? A C   21   B G   28   1_555 ? ? ? ? ? ? WATSON-CRICK  ?     ? ? 
hydrog48 hydrog ?    ? A G   22 N1    ? ? ? 1_555 B C   4  N3 ? ? A G   22   B C   27   1_555 ? ? ? ? ? ? WATSON-CRICK  ?     ? ? 
hydrog49 hydrog ?    ? A G   22 N2    ? ? ? 1_555 B C   4  O2 ? ? A G   22   B C   27   1_555 ? ? ? ? ? ? WATSON-CRICK  ?     ? ? 
hydrog50 hydrog ?    ? A G   22 O6    ? ? ? 1_555 B C   4  N4 ? ? A G   22   B C   27   1_555 ? ? ? ? ? ? WATSON-CRICK  ?     ? ? 
hydrog51 hydrog ?    ? A C   23 N3    ? ? ? 1_555 B G   3  N1 ? ? A C   23   B G   26   1_555 ? ? ? ? ? ? WATSON-CRICK  ?     ? ? 
hydrog52 hydrog ?    ? A C   23 N4    ? ? ? 1_555 B G   3  O6 ? ? A C   23   B G   26   1_555 ? ? ? ? ? ? WATSON-CRICK  ?     ? ? 
hydrog53 hydrog ?    ? A C   23 O2    ? ? ? 1_555 B G   3  N2 ? ? A C   23   B G   26   1_555 ? ? ? ? ? ? WATSON-CRICK  ?     ? ? 
# 
loop_
_struct_conn_type.id 
_struct_conn_type.criteria 
_struct_conn_type.reference 
covale ? ? 
metalc ? ? 
hydrog ? ? 
# 
loop_
_pdbx_struct_conn_angle.id 
_pdbx_struct_conn_angle.ptnr1_label_atom_id 
_pdbx_struct_conn_angle.ptnr1_label_alt_id 
_pdbx_struct_conn_angle.ptnr1_label_asym_id 
_pdbx_struct_conn_angle.ptnr1_label_comp_id 
_pdbx_struct_conn_angle.ptnr1_label_seq_id 
_pdbx_struct_conn_angle.ptnr1_auth_atom_id 
_pdbx_struct_conn_angle.ptnr1_auth_asym_id 
_pdbx_struct_conn_angle.ptnr1_auth_comp_id 
_pdbx_struct_conn_angle.ptnr1_auth_seq_id 
_pdbx_struct_conn_angle.ptnr1_PDB_ins_code 
_pdbx_struct_conn_angle.ptnr1_symmetry 
_pdbx_struct_conn_angle.ptnr2_label_atom_id 
_pdbx_struct_conn_angle.ptnr2_label_alt_id 
_pdbx_struct_conn_angle.ptnr2_label_asym_id 
_pdbx_struct_conn_angle.ptnr2_label_comp_id 
_pdbx_struct_conn_angle.ptnr2_label_seq_id 
_pdbx_struct_conn_angle.ptnr2_auth_atom_id 
_pdbx_struct_conn_angle.ptnr2_auth_asym_id 
_pdbx_struct_conn_angle.ptnr2_auth_comp_id 
_pdbx_struct_conn_angle.ptnr2_auth_seq_id 
_pdbx_struct_conn_angle.ptnr2_PDB_ins_code 
_pdbx_struct_conn_angle.ptnr2_symmetry 
_pdbx_struct_conn_angle.ptnr3_label_atom_id 
_pdbx_struct_conn_angle.ptnr3_label_alt_id 
_pdbx_struct_conn_angle.ptnr3_label_asym_id 
_pdbx_struct_conn_angle.ptnr3_label_comp_id 
_pdbx_struct_conn_angle.ptnr3_label_seq_id 
_pdbx_struct_conn_angle.ptnr3_auth_atom_id 
_pdbx_struct_conn_angle.ptnr3_auth_asym_id 
_pdbx_struct_conn_angle.ptnr3_auth_comp_id 
_pdbx_struct_conn_angle.ptnr3_auth_seq_id 
_pdbx_struct_conn_angle.ptnr3_PDB_ins_code 
_pdbx_struct_conn_angle.ptnr3_symmetry 
_pdbx_struct_conn_angle.value 
_pdbx_struct_conn_angle.value_esd 
1   O   ? J HOH . ? A HOH 1002 ? 1_555 MG ? C MG . ? A MG 1000 ? 1_555 O   ? J HOH . ? A HOH 1004 ? 1_555 90.2  ? 
2   O   ? J HOH . ? A HOH 1002 ? 1_555 MG ? C MG . ? A MG 1000 ? 1_555 O   ? J HOH . ? A HOH 1005 ? 1_555 90.0  ? 
3   O   ? J HOH . ? A HOH 1004 ? 1_555 MG ? C MG . ? A MG 1000 ? 1_555 O   ? J HOH . ? A HOH 1005 ? 1_555 89.8  ? 
4   O   ? J HOH . ? A HOH 1002 ? 1_555 MG ? C MG . ? A MG 1000 ? 1_555 O   ? K HOH . ? B HOH 1001 ? 1_555 179.8 ? 
5   O   ? J HOH . ? A HOH 1004 ? 1_555 MG ? C MG . ? A MG 1000 ? 1_555 O   ? K HOH . ? B HOH 1001 ? 1_555 89.8  ? 
6   O   ? J HOH . ? A HOH 1005 ? 1_555 MG ? C MG . ? A MG 1000 ? 1_555 O   ? K HOH . ? B HOH 1001 ? 1_555 89.8  ? 
7   O   ? J HOH . ? A HOH 1002 ? 1_555 MG ? C MG . ? A MG 1000 ? 1_555 O   ? K HOH . ? B HOH 1003 ? 1_555 90.0  ? 
8   O   ? J HOH . ? A HOH 1004 ? 1_555 MG ? C MG . ? A MG 1000 ? 1_555 O   ? K HOH . ? B HOH 1003 ? 1_555 179.8 ? 
9   O   ? J HOH . ? A HOH 1005 ? 1_555 MG ? C MG . ? A MG 1000 ? 1_555 O   ? K HOH . ? B HOH 1003 ? 1_555 90.2  ? 
10  O   ? K HOH . ? B HOH 1001 ? 1_555 MG ? C MG . ? A MG 1000 ? 1_555 O   ? K HOH . ? B HOH 1003 ? 1_555 90.0  ? 
11  O   ? J HOH . ? A HOH 1002 ? 1_555 MG ? C MG . ? A MG 1000 ? 1_555 O   ? K HOH . ? B HOH 1006 ? 1_555 89.9  ? 
12  O   ? J HOH . ? A HOH 1004 ? 1_555 MG ? C MG . ? A MG 1000 ? 1_555 O   ? K HOH . ? B HOH 1006 ? 1_555 90.0  ? 
13  O   ? J HOH . ? A HOH 1005 ? 1_555 MG ? C MG . ? A MG 1000 ? 1_555 O   ? K HOH . ? B HOH 1006 ? 1_555 179.7 ? 
14  O   ? K HOH . ? B HOH 1001 ? 1_555 MG ? C MG . ? A MG 1000 ? 1_555 O   ? K HOH . ? B HOH 1006 ? 1_555 90.4  ? 
15  O   ? K HOH . ? B HOH 1003 ? 1_555 MG ? C MG . ? A MG 1000 ? 1_555 O   ? K HOH . ? B HOH 1006 ? 1_555 90.1  ? 
16  O   ? J HOH . ? A HOH 2001 ? 1_555 MG ? D MG . ? A MG 2000 ? 1_555 O   ? J HOH . ? A HOH 2002 ? 1_555 179.7 ? 
17  O   ? J HOH . ? A HOH 2001 ? 1_555 MG ? D MG . ? A MG 2000 ? 1_555 O   ? J HOH . ? A HOH 2003 ? 1_555 89.8  ? 
18  O   ? J HOH . ? A HOH 2002 ? 1_555 MG ? D MG . ? A MG 2000 ? 1_555 O   ? J HOH . ? A HOH 2003 ? 1_555 90.0  ? 
19  O   ? J HOH . ? A HOH 2001 ? 1_555 MG ? D MG . ? A MG 2000 ? 1_555 O   ? J HOH . ? A HOH 2004 ? 1_555 90.4  ? 
20  O   ? J HOH . ? A HOH 2002 ? 1_555 MG ? D MG . ? A MG 2000 ? 1_555 O   ? J HOH . ? A HOH 2004 ? 1_555 89.8  ? 
21  O   ? J HOH . ? A HOH 2003 ? 1_555 MG ? D MG . ? A MG 2000 ? 1_555 O   ? J HOH . ? A HOH 2004 ? 1_555 179.8 ? 
22  O   ? J HOH . ? A HOH 2001 ? 1_555 MG ? D MG . ? A MG 2000 ? 1_555 O   ? J HOH . ? A HOH 2005 ? 1_555 89.3  ? 
23  O   ? J HOH . ? A HOH 2002 ? 1_555 MG ? D MG . ? A MG 2000 ? 1_555 O   ? J HOH . ? A HOH 2005 ? 1_555 90.6  ? 
24  O   ? J HOH . ? A HOH 2003 ? 1_555 MG ? D MG . ? A MG 2000 ? 1_555 O   ? J HOH . ? A HOH 2005 ? 1_555 89.5  ? 
25  O   ? J HOH . ? A HOH 2004 ? 1_555 MG ? D MG . ? A MG 2000 ? 1_555 O   ? J HOH . ? A HOH 2005 ? 1_555 90.4  ? 
26  O   ? J HOH . ? A HOH 2001 ? 1_555 MG ? D MG . ? A MG 2000 ? 1_555 O   ? K HOH . ? B HOH 2006 ? 1_555 90.2  ? 
27  O   ? J HOH . ? A HOH 2002 ? 1_555 MG ? D MG . ? A MG 2000 ? 1_555 O   ? K HOH . ? B HOH 2006 ? 1_555 89.9  ? 
28  O   ? J HOH . ? A HOH 2003 ? 1_555 MG ? D MG . ? A MG 2000 ? 1_555 O   ? K HOH . ? B HOH 2006 ? 1_555 90.7  ? 
29  O   ? J HOH . ? A HOH 2004 ? 1_555 MG ? D MG . ? A MG 2000 ? 1_555 O   ? K HOH . ? B HOH 2006 ? 1_555 89.5  ? 
30  O   ? J HOH . ? A HOH 2005 ? 1_555 MG ? D MG . ? A MG 2000 ? 1_555 O   ? K HOH . ? B HOH 2006 ? 1_555 179.5 ? 
31  O   ? J HOH . ? A HOH 3004 ? 1_555 MG ? E MG . ? B MG 3000 ? 1_555 O   ? K HOH . ? B HOH 3001 ? 1_555 89.6  ? 
32  O   ? J HOH . ? A HOH 3004 ? 1_555 MG ? E MG . ? B MG 3000 ? 1_555 O   ? K HOH . ? B HOH 3002 ? 1_555 90.5  ? 
33  O   ? K HOH . ? B HOH 3001 ? 1_555 MG ? E MG . ? B MG 3000 ? 1_555 O   ? K HOH . ? B HOH 3002 ? 1_555 179.9 ? 
34  O   ? J HOH . ? A HOH 3004 ? 1_555 MG ? E MG . ? B MG 3000 ? 1_555 O   ? K HOH . ? B HOH 3003 ? 1_555 179.2 ? 
35  O   ? K HOH . ? B HOH 3001 ? 1_555 MG ? E MG . ? B MG 3000 ? 1_555 O   ? K HOH . ? B HOH 3003 ? 1_555 90.1  ? 
36  O   ? K HOH . ? B HOH 3002 ? 1_555 MG ? E MG . ? B MG 3000 ? 1_555 O   ? K HOH . ? B HOH 3003 ? 1_555 89.8  ? 
37  O   ? J HOH . ? A HOH 3004 ? 1_555 MG ? E MG . ? B MG 3000 ? 1_555 O   ? K HOH . ? B HOH 3005 ? 1_555 90.4  ? 
38  O   ? K HOH . ? B HOH 3001 ? 1_555 MG ? E MG . ? B MG 3000 ? 1_555 O   ? K HOH . ? B HOH 3005 ? 1_555 89.7  ? 
39  O   ? K HOH . ? B HOH 3002 ? 1_555 MG ? E MG . ? B MG 3000 ? 1_555 O   ? K HOH . ? B HOH 3005 ? 1_555 90.4  ? 
40  O   ? K HOH . ? B HOH 3003 ? 1_555 MG ? E MG . ? B MG 3000 ? 1_555 O   ? K HOH . ? B HOH 3005 ? 1_555 90.3  ? 
41  O   ? J HOH . ? A HOH 3004 ? 1_555 MG ? E MG . ? B MG 3000 ? 1_555 O   ? K HOH . ? B HOH 3006 ? 1_555 89.7  ? 
42  O   ? K HOH . ? B HOH 3001 ? 1_555 MG ? E MG . ? B MG 3000 ? 1_555 O   ? K HOH . ? B HOH 3006 ? 1_555 90.5  ? 
43  O   ? K HOH . ? B HOH 3002 ? 1_555 MG ? E MG . ? B MG 3000 ? 1_555 O   ? K HOH . ? B HOH 3006 ? 1_555 89.4  ? 
44  O   ? K HOH . ? B HOH 3003 ? 1_555 MG ? E MG . ? B MG 3000 ? 1_555 O   ? K HOH . ? B HOH 3006 ? 1_555 89.5  ? 
45  O   ? K HOH . ? B HOH 3005 ? 1_555 MG ? E MG . ? B MG 3000 ? 1_555 O   ? K HOH . ? B HOH 3006 ? 1_555 179.7 ? 
46  O   ? J HOH . ? A HOH 4002 ? 1_555 MG ? F MG . ? B MG 4000 ? 1_555 O   ? J HOH . ? A HOH 4006 ? 1_555 89.7  ? 
47  O   ? J HOH . ? A HOH 4002 ? 1_555 MG ? F MG . ? B MG 4000 ? 1_555 O   ? K HOH . ? B HOH 4001 ? 1_555 179.8 ? 
48  O   ? J HOH . ? A HOH 4006 ? 1_555 MG ? F MG . ? B MG 4000 ? 1_555 O   ? K HOH . ? B HOH 4001 ? 1_555 90.1  ? 
49  O   ? J HOH . ? A HOH 4002 ? 1_555 MG ? F MG . ? B MG 4000 ? 1_555 O   ? K HOH . ? B HOH 4003 ? 1_555 90.1  ? 
50  O   ? J HOH . ? A HOH 4006 ? 1_555 MG ? F MG . ? B MG 4000 ? 1_555 O   ? K HOH . ? B HOH 4003 ? 1_555 89.6  ? 
51  O   ? K HOH . ? B HOH 4001 ? 1_555 MG ? F MG . ? B MG 4000 ? 1_555 O   ? K HOH . ? B HOH 4003 ? 1_555 90.0  ? 
52  O   ? J HOH . ? A HOH 4002 ? 1_555 MG ? F MG . ? B MG 4000 ? 1_555 O   ? K HOH . ? B HOH 4004 ? 1_555 90.2  ? 
53  O   ? J HOH . ? A HOH 4006 ? 1_555 MG ? F MG . ? B MG 4000 ? 1_555 O   ? K HOH . ? B HOH 4004 ? 1_555 90.3  ? 
54  O   ? K HOH . ? B HOH 4001 ? 1_555 MG ? F MG . ? B MG 4000 ? 1_555 O   ? K HOH . ? B HOH 4004 ? 1_555 89.8  ? 
55  O   ? K HOH . ? B HOH 4003 ? 1_555 MG ? F MG . ? B MG 4000 ? 1_555 O   ? K HOH . ? B HOH 4004 ? 1_555 179.8 ? 
56  O   ? J HOH . ? A HOH 4002 ? 1_555 MG ? F MG . ? B MG 4000 ? 1_555 O   ? K HOH . ? B HOH 4005 ? 1_555 90.0  ? 
57  O   ? J HOH . ? A HOH 4006 ? 1_555 MG ? F MG . ? B MG 4000 ? 1_555 O   ? K HOH . ? B HOH 4005 ? 1_555 179.6 ? 
58  O   ? K HOH . ? B HOH 4001 ? 1_555 MG ? F MG . ? B MG 4000 ? 1_555 O   ? K HOH . ? B HOH 4005 ? 1_555 90.2  ? 
59  O   ? K HOH . ? B HOH 4003 ? 1_555 MG ? F MG . ? B MG 4000 ? 1_555 O   ? K HOH . ? B HOH 4005 ? 1_555 90.1  ? 
60  O   ? K HOH . ? B HOH 4004 ? 1_555 MG ? F MG . ? B MG 4000 ? 1_555 O   ? K HOH . ? B HOH 4005 ? 1_555 90.0  ? 
61  O   ? J HOH . ? A HOH 5001 ? 1_555 MG ? G MG . ? B MG 5000 ? 1_555 O   ? J HOH . ? A HOH 5006 ? 1_555 90.1  ? 
62  O   ? J HOH . ? A HOH 5001 ? 1_555 MG ? G MG . ? B MG 5000 ? 1_555 O   ? K HOH . ? B HOH 5002 ? 1_555 179.9 ? 
63  O   ? J HOH . ? A HOH 5006 ? 1_555 MG ? G MG . ? B MG 5000 ? 1_555 O   ? K HOH . ? B HOH 5002 ? 1_555 90.0  ? 
64  O   ? J HOH . ? A HOH 5001 ? 1_555 MG ? G MG . ? B MG 5000 ? 1_555 O   ? K HOH . ? B HOH 5003 ? 1_555 90.0  ? 
65  O   ? J HOH . ? A HOH 5006 ? 1_555 MG ? G MG . ? B MG 5000 ? 1_555 O   ? K HOH . ? B HOH 5003 ? 1_555 89.9  ? 
66  O   ? K HOH . ? B HOH 5002 ? 1_555 MG ? G MG . ? B MG 5000 ? 1_555 O   ? K HOH . ? B HOH 5003 ? 1_555 89.9  ? 
67  O   ? J HOH . ? A HOH 5001 ? 1_555 MG ? G MG . ? B MG 5000 ? 1_555 O   ? K HOH . ? B HOH 5004 ? 1_555 90.0  ? 
68  O   ? J HOH . ? A HOH 5006 ? 1_555 MG ? G MG . ? B MG 5000 ? 1_555 O   ? K HOH . ? B HOH 5004 ? 1_555 90.1  ? 
69  O   ? K HOH . ? B HOH 5002 ? 1_555 MG ? G MG . ? B MG 5000 ? 1_555 O   ? K HOH . ? B HOH 5004 ? 1_555 90.1  ? 
70  O   ? K HOH . ? B HOH 5003 ? 1_555 MG ? G MG . ? B MG 5000 ? 1_555 O   ? K HOH . ? B HOH 5004 ? 1_555 180.0 ? 
71  O   ? J HOH . ? A HOH 5001 ? 1_555 MG ? G MG . ? B MG 5000 ? 1_555 O   ? K HOH . ? B HOH 5005 ? 1_555 90.1  ? 
72  O   ? J HOH . ? A HOH 5006 ? 1_555 MG ? G MG . ? B MG 5000 ? 1_555 O   ? K HOH . ? B HOH 5005 ? 1_555 179.8 ? 
73  O   ? K HOH . ? B HOH 5002 ? 1_555 MG ? G MG . ? B MG 5000 ? 1_555 O   ? K HOH . ? B HOH 5005 ? 1_555 89.8  ? 
74  O   ? K HOH . ? B HOH 5003 ? 1_555 MG ? G MG . ? B MG 5000 ? 1_555 O   ? K HOH . ? B HOH 5005 ? 1_555 90.1  ? 
75  O   ? K HOH . ? B HOH 5004 ? 1_555 MG ? G MG . ? B MG 5000 ? 1_555 O   ? K HOH . ? B HOH 5005 ? 1_555 89.9  ? 
76  O   ? J HOH . ? A HOH 6002 ? 1_555 MG ? H MG . ? B MG 6000 ? 1_555 O   ? J HOH . ? A HOH 6005 ? 1_555 90.0  ? 
77  O   ? J HOH . ? A HOH 6002 ? 1_555 MG ? H MG . ? B MG 6000 ? 1_555 OP1 ? B U   2 ? B U   25   ? 1_555 93.8  ? 
78  O   ? J HOH . ? A HOH 6005 ? 1_555 MG ? H MG . ? B MG 6000 ? 1_555 OP1 ? B U   2 ? B U   25   ? 1_555 170.6 ? 
79  O   ? J HOH . ? A HOH 6002 ? 1_555 MG ? H MG . ? B MG 6000 ? 1_555 O   ? K HOH . ? B HOH 6001 ? 1_555 179.9 ? 
80  O   ? J HOH . ? A HOH 6005 ? 1_555 MG ? H MG . ? B MG 6000 ? 1_555 O   ? K HOH . ? B HOH 6001 ? 1_555 90.0  ? 
81  OP1 ? B U   2 ? B U   25   ? 1_555 MG ? H MG . ? B MG 6000 ? 1_555 O   ? K HOH . ? B HOH 6001 ? 1_555 86.2  ? 
82  O   ? J HOH . ? A HOH 6002 ? 1_555 MG ? H MG . ? B MG 6000 ? 1_555 O   ? K HOH . ? B HOH 6003 ? 1_555 90.2  ? 
83  O   ? J HOH . ? A HOH 6005 ? 1_555 MG ? H MG . ? B MG 6000 ? 1_555 O   ? K HOH . ? B HOH 6003 ? 1_555 90.3  ? 
84  OP1 ? B U   2 ? B U   25   ? 1_555 MG ? H MG . ? B MG 6000 ? 1_555 O   ? K HOH . ? B HOH 6003 ? 1_555 81.1  ? 
85  O   ? K HOH . ? B HOH 6001 ? 1_555 MG ? H MG . ? B MG 6000 ? 1_555 O   ? K HOH . ? B HOH 6003 ? 1_555 89.9  ? 
86  O   ? J HOH . ? A HOH 6002 ? 1_555 MG ? H MG . ? B MG 6000 ? 1_555 O   ? K HOH . ? B HOH 6004 ? 1_555 89.9  ? 
87  O   ? J HOH . ? A HOH 6005 ? 1_555 MG ? H MG . ? B MG 6000 ? 1_555 O   ? K HOH . ? B HOH 6004 ? 1_555 90.0  ? 
88  OP1 ? B U   2 ? B U   25   ? 1_555 MG ? H MG . ? B MG 6000 ? 1_555 O   ? K HOH . ? B HOH 6004 ? 1_555 98.6  ? 
89  O   ? K HOH . ? B HOH 6001 ? 1_555 MG ? H MG . ? B MG 6000 ? 1_555 O   ? K HOH . ? B HOH 6004 ? 1_555 90.0  ? 
90  O   ? K HOH . ? B HOH 6003 ? 1_555 MG ? H MG . ? B MG 6000 ? 1_555 O   ? K HOH . ? B HOH 6004 ? 1_555 179.7 ? 
91  O   ? K HOH . ? B HOH 7001 ? 1_555 MG ? I MG . ? B MG 7000 ? 1_555 O   ? K HOH . ? B HOH 7002 ? 1_555 179.8 ? 
92  O   ? K HOH . ? B HOH 7001 ? 1_555 MG ? I MG . ? B MG 7000 ? 1_555 O   ? K HOH . ? B HOH 7003 ? 1_555 89.9  ? 
93  O   ? K HOH . ? B HOH 7002 ? 1_555 MG ? I MG . ? B MG 7000 ? 1_555 O   ? K HOH . ? B HOH 7003 ? 1_555 90.0  ? 
94  O   ? K HOH . ? B HOH 7001 ? 1_555 MG ? I MG . ? B MG 7000 ? 1_555 O   ? K HOH . ? B HOH 7004 ? 1_555 89.9  ? 
95  O   ? K HOH . ? B HOH 7002 ? 1_555 MG ? I MG . ? B MG 7000 ? 1_555 O   ? K HOH . ? B HOH 7004 ? 1_555 90.2  ? 
96  O   ? K HOH . ? B HOH 7003 ? 1_555 MG ? I MG . ? B MG 7000 ? 1_555 O   ? K HOH . ? B HOH 7004 ? 1_555 179.8 ? 
97  O   ? K HOH . ? B HOH 7001 ? 1_555 MG ? I MG . ? B MG 7000 ? 1_555 O   ? K HOH . ? B HOH 7005 ? 1_555 89.8  ? 
98  O   ? K HOH . ? B HOH 7002 ? 1_555 MG ? I MG . ? B MG 7000 ? 1_555 O   ? K HOH . ? B HOH 7005 ? 1_555 90.1  ? 
99  O   ? K HOH . ? B HOH 7003 ? 1_555 MG ? I MG . ? B MG 7000 ? 1_555 O   ? K HOH . ? B HOH 7005 ? 1_555 90.2  ? 
100 O   ? K HOH . ? B HOH 7004 ? 1_555 MG ? I MG . ? B MG 7000 ? 1_555 O   ? K HOH . ? B HOH 7005 ? 1_555 89.7  ? 
101 O   ? K HOH . ? B HOH 7001 ? 1_555 MG ? I MG . ? B MG 7000 ? 1_555 O   ? K HOH . ? B HOH 7006 ? 1_555 90.2  ? 
102 O   ? K HOH . ? B HOH 7002 ? 1_555 MG ? I MG . ? B MG 7000 ? 1_555 O   ? K HOH . ? B HOH 7006 ? 1_555 90.0  ? 
103 O   ? K HOH . ? B HOH 7003 ? 1_555 MG ? I MG . ? B MG 7000 ? 1_555 O   ? K HOH . ? B HOH 7006 ? 1_555 90.0  ? 
104 O   ? K HOH . ? B HOH 7004 ? 1_555 MG ? I MG . ? B MG 7000 ? 1_555 O   ? K HOH . ? B HOH 7006 ? 1_555 90.1  ? 
105 O   ? K HOH . ? B HOH 7005 ? 1_555 MG ? I MG . ? B MG 7000 ? 1_555 O   ? K HOH . ? B HOH 7006 ? 1_555 179.8 ? 
# 
loop_
_struct_site.id 
_struct_site.pdbx_evidence_code 
_struct_site.pdbx_auth_asym_id 
_struct_site.pdbx_auth_comp_id 
_struct_site.pdbx_auth_seq_id 
_struct_site.pdbx_auth_ins_code 
_struct_site.pdbx_num_residues 
_struct_site.details 
AC1 Software A MG 1000 ? 6 'BINDING SITE FOR RESIDUE MG A 1000' 
AC2 Software A MG 2000 ? 6 'BINDING SITE FOR RESIDUE MG A 2000' 
AC3 Software B MG 3000 ? 6 'BINDING SITE FOR RESIDUE MG B 3000' 
AC4 Software B MG 4000 ? 6 'BINDING SITE FOR RESIDUE MG B 4000' 
AC5 Software B MG 5000 ? 6 'BINDING SITE FOR RESIDUE MG B 5000' 
AC6 Software B MG 6000 ? 6 'BINDING SITE FOR RESIDUE MG B 6000' 
AC7 Software B MG 7000 ? 6 'BINDING SITE FOR RESIDUE MG B 7000' 
# 
loop_
_struct_site_gen.id 
_struct_site_gen.site_id 
_struct_site_gen.pdbx_num_res 
_struct_site_gen.label_comp_id 
_struct_site_gen.label_asym_id 
_struct_site_gen.label_seq_id 
_struct_site_gen.pdbx_auth_ins_code 
_struct_site_gen.auth_comp_id 
_struct_site_gen.auth_asym_id 
_struct_site_gen.auth_seq_id 
_struct_site_gen.label_atom_id 
_struct_site_gen.label_alt_id 
_struct_site_gen.symmetry 
_struct_site_gen.details 
1  AC1 6 HOH J . ? HOH A 1002 . ? 1_555 ? 
2  AC1 6 HOH J . ? HOH A 1004 . ? 1_555 ? 
3  AC1 6 HOH J . ? HOH A 1005 . ? 1_555 ? 
4  AC1 6 HOH K . ? HOH B 1001 . ? 1_555 ? 
5  AC1 6 HOH K . ? HOH B 1003 . ? 1_555 ? 
6  AC1 6 HOH K . ? HOH B 1006 . ? 1_555 ? 
7  AC2 6 HOH J . ? HOH A 2001 . ? 1_555 ? 
8  AC2 6 HOH J . ? HOH A 2002 . ? 1_555 ? 
9  AC2 6 HOH J . ? HOH A 2003 . ? 1_555 ? 
10 AC2 6 HOH J . ? HOH A 2004 . ? 1_555 ? 
11 AC2 6 HOH J . ? HOH A 2005 . ? 1_555 ? 
12 AC2 6 HOH K . ? HOH B 2006 . ? 1_555 ? 
13 AC3 6 HOH J . ? HOH A 3004 . ? 1_555 ? 
14 AC3 6 HOH K . ? HOH B 3001 . ? 1_555 ? 
15 AC3 6 HOH K . ? HOH B 3002 . ? 1_555 ? 
16 AC3 6 HOH K . ? HOH B 3003 . ? 1_555 ? 
17 AC3 6 HOH K . ? HOH B 3005 . ? 1_555 ? 
18 AC3 6 HOH K . ? HOH B 3006 . ? 1_555 ? 
19 AC4 6 HOH J . ? HOH A 4002 . ? 1_555 ? 
20 AC4 6 HOH J . ? HOH A 4006 . ? 1_555 ? 
21 AC4 6 HOH K . ? HOH B 4001 . ? 1_555 ? 
22 AC4 6 HOH K . ? HOH B 4003 . ? 1_555 ? 
23 AC4 6 HOH K . ? HOH B 4004 . ? 1_555 ? 
24 AC4 6 HOH K . ? HOH B 4005 . ? 1_555 ? 
25 AC5 6 HOH J . ? HOH A 5001 . ? 1_555 ? 
26 AC5 6 HOH J . ? HOH A 5006 . ? 1_555 ? 
27 AC5 6 HOH K . ? HOH B 5002 . ? 1_555 ? 
28 AC5 6 HOH K . ? HOH B 5003 . ? 1_555 ? 
29 AC5 6 HOH K . ? HOH B 5004 . ? 1_555 ? 
30 AC5 6 HOH K . ? HOH B 5005 . ? 1_555 ? 
31 AC6 6 HOH J . ? HOH A 6002 . ? 1_555 ? 
32 AC6 6 HOH J . ? HOH A 6005 . ? 1_555 ? 
33 AC6 6 U   B 2 ? U   B 25   . ? 1_555 ? 
34 AC6 6 HOH K . ? HOH B 6001 . ? 1_555 ? 
35 AC6 6 HOH K . ? HOH B 6003 . ? 1_555 ? 
36 AC6 6 HOH K . ? HOH B 6004 . ? 1_555 ? 
37 AC7 6 HOH K . ? HOH B 7001 . ? 1_555 ? 
38 AC7 6 HOH K . ? HOH B 7002 . ? 1_555 ? 
39 AC7 6 HOH K . ? HOH B 7003 . ? 1_555 ? 
40 AC7 6 HOH K . ? HOH B 7004 . ? 1_555 ? 
41 AC7 6 HOH K . ? HOH B 7005 . ? 1_555 ? 
42 AC7 6 HOH K . ? HOH B 7006 . ? 1_555 ? 
# 
loop_
_pdbx_struct_mod_residue.id 
_pdbx_struct_mod_residue.label_asym_id 
_pdbx_struct_mod_residue.label_comp_id 
_pdbx_struct_mod_residue.label_seq_id 
_pdbx_struct_mod_residue.auth_asym_id 
_pdbx_struct_mod_residue.auth_comp_id 
_pdbx_struct_mod_residue.auth_seq_id 
_pdbx_struct_mod_residue.PDB_ins_code 
_pdbx_struct_mod_residue.parent_comp_id 
_pdbx_struct_mod_residue.details 
1 A 5BU 11 A 5BU 11 ? U "5-BROMO-URIDINE-5'-MONOPHOSPHATE" 
2 B 5BU 11 B 5BU 34 ? U "5-BROMO-URIDINE-5'-MONOPHOSPHATE" 
# 
loop_
_pdbx_unobs_or_zero_occ_residues.id 
_pdbx_unobs_or_zero_occ_residues.PDB_model_num 
_pdbx_unobs_or_zero_occ_residues.polymer_flag 
_pdbx_unobs_or_zero_occ_residues.occupancy_flag 
_pdbx_unobs_or_zero_occ_residues.auth_asym_id 
_pdbx_unobs_or_zero_occ_residues.auth_comp_id 
_pdbx_unobs_or_zero_occ_residues.auth_seq_id 
_pdbx_unobs_or_zero_occ_residues.PDB_ins_code 
_pdbx_unobs_or_zero_occ_residues.label_asym_id 
_pdbx_unobs_or_zero_occ_residues.label_comp_id 
_pdbx_unobs_or_zero_occ_residues.label_seq_id 
1 1 Y 1 A U 1 ? A U 1 
2 1 Y 1 A U 2 ? A U 2 
# 
loop_
_chem_comp_atom.comp_id 
_chem_comp_atom.atom_id 
_chem_comp_atom.type_symbol 
_chem_comp_atom.pdbx_aromatic_flag 
_chem_comp_atom.pdbx_stereo_config 
_chem_comp_atom.pdbx_ordinal 
5BU P      P  N N 1   
5BU OP1    O  N N 2   
5BU OP2    O  N N 3   
5BU OP3    O  N N 4   
5BU "O5'"  O  N N 5   
5BU "C5'"  C  N N 6   
5BU "C4'"  C  N R 7   
5BU "O4'"  O  N N 8   
5BU "C3'"  C  N S 9   
5BU "O3'"  O  N N 10  
5BU "C2'"  C  N R 11  
5BU "O2'"  O  N N 12  
5BU "C1'"  C  N R 13  
5BU N1     N  N N 14  
5BU C2     C  N N 15  
5BU O2     O  N N 16  
5BU N3     N  N N 17  
5BU C4     C  N N 18  
5BU O4     O  N N 19  
5BU C5     C  N N 20  
5BU C6     C  N N 21  
5BU BR     BR N N 22  
5BU HOP2   H  N N 23  
5BU HOP3   H  N N 24  
5BU "H5'"  H  N N 25  
5BU "H5''" H  N N 26  
5BU "H4'"  H  N N 27  
5BU "H3'"  H  N N 28  
5BU "HO3'" H  N N 29  
5BU "H2'"  H  N N 30  
5BU "HO2'" H  N N 31  
5BU "H1'"  H  N N 32  
5BU H3     H  N N 33  
5BU H6     H  N N 34  
A   OP3    O  N N 35  
A   P      P  N N 36  
A   OP1    O  N N 37  
A   OP2    O  N N 38  
A   "O5'"  O  N N 39  
A   "C5'"  C  N N 40  
A   "C4'"  C  N R 41  
A   "O4'"  O  N N 42  
A   "C3'"  C  N S 43  
A   "O3'"  O  N N 44  
A   "C2'"  C  N R 45  
A   "O2'"  O  N N 46  
A   "C1'"  C  N R 47  
A   N9     N  Y N 48  
A   C8     C  Y N 49  
A   N7     N  Y N 50  
A   C5     C  Y N 51  
A   C6     C  Y N 52  
A   N6     N  N N 53  
A   N1     N  Y N 54  
A   C2     C  Y N 55  
A   N3     N  Y N 56  
A   C4     C  Y N 57  
A   HOP3   H  N N 58  
A   HOP2   H  N N 59  
A   "H5'"  H  N N 60  
A   "H5''" H  N N 61  
A   "H4'"  H  N N 62  
A   "H3'"  H  N N 63  
A   "HO3'" H  N N 64  
A   "H2'"  H  N N 65  
A   "HO2'" H  N N 66  
A   "H1'"  H  N N 67  
A   H8     H  N N 68  
A   H61    H  N N 69  
A   H62    H  N N 70  
A   H2     H  N N 71  
C   OP3    O  N N 72  
C   P      P  N N 73  
C   OP1    O  N N 74  
C   OP2    O  N N 75  
C   "O5'"  O  N N 76  
C   "C5'"  C  N N 77  
C   "C4'"  C  N R 78  
C   "O4'"  O  N N 79  
C   "C3'"  C  N S 80  
C   "O3'"  O  N N 81  
C   "C2'"  C  N R 82  
C   "O2'"  O  N N 83  
C   "C1'"  C  N R 84  
C   N1     N  N N 85  
C   C2     C  N N 86  
C   O2     O  N N 87  
C   N3     N  N N 88  
C   C4     C  N N 89  
C   N4     N  N N 90  
C   C5     C  N N 91  
C   C6     C  N N 92  
C   HOP3   H  N N 93  
C   HOP2   H  N N 94  
C   "H5'"  H  N N 95  
C   "H5''" H  N N 96  
C   "H4'"  H  N N 97  
C   "H3'"  H  N N 98  
C   "HO3'" H  N N 99  
C   "H2'"  H  N N 100 
C   "HO2'" H  N N 101 
C   "H1'"  H  N N 102 
C   H41    H  N N 103 
C   H42    H  N N 104 
C   H5     H  N N 105 
C   H6     H  N N 106 
G   OP3    O  N N 107 
G   P      P  N N 108 
G   OP1    O  N N 109 
G   OP2    O  N N 110 
G   "O5'"  O  N N 111 
G   "C5'"  C  N N 112 
G   "C4'"  C  N R 113 
G   "O4'"  O  N N 114 
G   "C3'"  C  N S 115 
G   "O3'"  O  N N 116 
G   "C2'"  C  N R 117 
G   "O2'"  O  N N 118 
G   "C1'"  C  N R 119 
G   N9     N  Y N 120 
G   C8     C  Y N 121 
G   N7     N  Y N 122 
G   C5     C  Y N 123 
G   C6     C  N N 124 
G   O6     O  N N 125 
G   N1     N  N N 126 
G   C2     C  N N 127 
G   N2     N  N N 128 
G   N3     N  N N 129 
G   C4     C  Y N 130 
G   HOP3   H  N N 131 
G   HOP2   H  N N 132 
G   "H5'"  H  N N 133 
G   "H5''" H  N N 134 
G   "H4'"  H  N N 135 
G   "H3'"  H  N N 136 
G   "HO3'" H  N N 137 
G   "H2'"  H  N N 138 
G   "HO2'" H  N N 139 
G   "H1'"  H  N N 140 
G   H8     H  N N 141 
G   H1     H  N N 142 
G   H21    H  N N 143 
G   H22    H  N N 144 
HOH O      O  N N 145 
HOH H1     H  N N 146 
HOH H2     H  N N 147 
MG  MG     MG N N 148 
U   OP3    O  N N 149 
U   P      P  N N 150 
U   OP1    O  N N 151 
U   OP2    O  N N 152 
U   "O5'"  O  N N 153 
U   "C5'"  C  N N 154 
U   "C4'"  C  N R 155 
U   "O4'"  O  N N 156 
U   "C3'"  C  N S 157 
U   "O3'"  O  N N 158 
U   "C2'"  C  N R 159 
U   "O2'"  O  N N 160 
U   "C1'"  C  N R 161 
U   N1     N  N N 162 
U   C2     C  N N 163 
U   O2     O  N N 164 
U   N3     N  N N 165 
U   C4     C  N N 166 
U   O4     O  N N 167 
U   C5     C  N N 168 
U   C6     C  N N 169 
U   HOP3   H  N N 170 
U   HOP2   H  N N 171 
U   "H5'"  H  N N 172 
U   "H5''" H  N N 173 
U   "H4'"  H  N N 174 
U   "H3'"  H  N N 175 
U   "HO3'" H  N N 176 
U   "H2'"  H  N N 177 
U   "HO2'" H  N N 178 
U   "H1'"  H  N N 179 
U   H3     H  N N 180 
U   H5     H  N N 181 
U   H6     H  N N 182 
# 
loop_
_chem_comp_bond.comp_id 
_chem_comp_bond.atom_id_1 
_chem_comp_bond.atom_id_2 
_chem_comp_bond.value_order 
_chem_comp_bond.pdbx_aromatic_flag 
_chem_comp_bond.pdbx_stereo_config 
_chem_comp_bond.pdbx_ordinal 
5BU P     OP1    doub N N 1   
5BU P     OP2    sing N N 2   
5BU P     OP3    sing N N 3   
5BU P     "O5'"  sing N N 4   
5BU OP2   HOP2   sing N N 5   
5BU OP3   HOP3   sing N N 6   
5BU "O5'" "C5'"  sing N N 7   
5BU "C5'" "C4'"  sing N N 8   
5BU "C5'" "H5'"  sing N N 9   
5BU "C5'" "H5''" sing N N 10  
5BU "C4'" "O4'"  sing N N 11  
5BU "C4'" "C3'"  sing N N 12  
5BU "C4'" "H4'"  sing N N 13  
5BU "O4'" "C1'"  sing N N 14  
5BU "C3'" "O3'"  sing N N 15  
5BU "C3'" "C2'"  sing N N 16  
5BU "C3'" "H3'"  sing N N 17  
5BU "O3'" "HO3'" sing N N 18  
5BU "C2'" "O2'"  sing N N 19  
5BU "C2'" "C1'"  sing N N 20  
5BU "C2'" "H2'"  sing N N 21  
5BU "O2'" "HO2'" sing N N 22  
5BU "C1'" N1     sing N N 23  
5BU "C1'" "H1'"  sing N N 24  
5BU N1    C2     sing N N 25  
5BU N1    C6     sing N N 26  
5BU C2    O2     doub N N 27  
5BU C2    N3     sing N N 28  
5BU N3    C4     sing N N 29  
5BU N3    H3     sing N N 30  
5BU C4    O4     doub N N 31  
5BU C4    C5     sing N N 32  
5BU C5    C6     doub N N 33  
5BU C5    BR     sing N N 34  
5BU C6    H6     sing N N 35  
A   OP3   P      sing N N 36  
A   OP3   HOP3   sing N N 37  
A   P     OP1    doub N N 38  
A   P     OP2    sing N N 39  
A   P     "O5'"  sing N N 40  
A   OP2   HOP2   sing N N 41  
A   "O5'" "C5'"  sing N N 42  
A   "C5'" "C4'"  sing N N 43  
A   "C5'" "H5'"  sing N N 44  
A   "C5'" "H5''" sing N N 45  
A   "C4'" "O4'"  sing N N 46  
A   "C4'" "C3'"  sing N N 47  
A   "C4'" "H4'"  sing N N 48  
A   "O4'" "C1'"  sing N N 49  
A   "C3'" "O3'"  sing N N 50  
A   "C3'" "C2'"  sing N N 51  
A   "C3'" "H3'"  sing N N 52  
A   "O3'" "HO3'" sing N N 53  
A   "C2'" "O2'"  sing N N 54  
A   "C2'" "C1'"  sing N N 55  
A   "C2'" "H2'"  sing N N 56  
A   "O2'" "HO2'" sing N N 57  
A   "C1'" N9     sing N N 58  
A   "C1'" "H1'"  sing N N 59  
A   N9    C8     sing Y N 60  
A   N9    C4     sing Y N 61  
A   C8    N7     doub Y N 62  
A   C8    H8     sing N N 63  
A   N7    C5     sing Y N 64  
A   C5    C6     sing Y N 65  
A   C5    C4     doub Y N 66  
A   C6    N6     sing N N 67  
A   C6    N1     doub Y N 68  
A   N6    H61    sing N N 69  
A   N6    H62    sing N N 70  
A   N1    C2     sing Y N 71  
A   C2    N3     doub Y N 72  
A   C2    H2     sing N N 73  
A   N3    C4     sing Y N 74  
C   OP3   P      sing N N 75  
C   OP3   HOP3   sing N N 76  
C   P     OP1    doub N N 77  
C   P     OP2    sing N N 78  
C   P     "O5'"  sing N N 79  
C   OP2   HOP2   sing N N 80  
C   "O5'" "C5'"  sing N N 81  
C   "C5'" "C4'"  sing N N 82  
C   "C5'" "H5'"  sing N N 83  
C   "C5'" "H5''" sing N N 84  
C   "C4'" "O4'"  sing N N 85  
C   "C4'" "C3'"  sing N N 86  
C   "C4'" "H4'"  sing N N 87  
C   "O4'" "C1'"  sing N N 88  
C   "C3'" "O3'"  sing N N 89  
C   "C3'" "C2'"  sing N N 90  
C   "C3'" "H3'"  sing N N 91  
C   "O3'" "HO3'" sing N N 92  
C   "C2'" "O2'"  sing N N 93  
C   "C2'" "C1'"  sing N N 94  
C   "C2'" "H2'"  sing N N 95  
C   "O2'" "HO2'" sing N N 96  
C   "C1'" N1     sing N N 97  
C   "C1'" "H1'"  sing N N 98  
C   N1    C2     sing N N 99  
C   N1    C6     sing N N 100 
C   C2    O2     doub N N 101 
C   C2    N3     sing N N 102 
C   N3    C4     doub N N 103 
C   C4    N4     sing N N 104 
C   C4    C5     sing N N 105 
C   N4    H41    sing N N 106 
C   N4    H42    sing N N 107 
C   C5    C6     doub N N 108 
C   C5    H5     sing N N 109 
C   C6    H6     sing N N 110 
G   OP3   P      sing N N 111 
G   OP3   HOP3   sing N N 112 
G   P     OP1    doub N N 113 
G   P     OP2    sing N N 114 
G   P     "O5'"  sing N N 115 
G   OP2   HOP2   sing N N 116 
G   "O5'" "C5'"  sing N N 117 
G   "C5'" "C4'"  sing N N 118 
G   "C5'" "H5'"  sing N N 119 
G   "C5'" "H5''" sing N N 120 
G   "C4'" "O4'"  sing N N 121 
G   "C4'" "C3'"  sing N N 122 
G   "C4'" "H4'"  sing N N 123 
G   "O4'" "C1'"  sing N N 124 
G   "C3'" "O3'"  sing N N 125 
G   "C3'" "C2'"  sing N N 126 
G   "C3'" "H3'"  sing N N 127 
G   "O3'" "HO3'" sing N N 128 
G   "C2'" "O2'"  sing N N 129 
G   "C2'" "C1'"  sing N N 130 
G   "C2'" "H2'"  sing N N 131 
G   "O2'" "HO2'" sing N N 132 
G   "C1'" N9     sing N N 133 
G   "C1'" "H1'"  sing N N 134 
G   N9    C8     sing Y N 135 
G   N9    C4     sing Y N 136 
G   C8    N7     doub Y N 137 
G   C8    H8     sing N N 138 
G   N7    C5     sing Y N 139 
G   C5    C6     sing N N 140 
G   C5    C4     doub Y N 141 
G   C6    O6     doub N N 142 
G   C6    N1     sing N N 143 
G   N1    C2     sing N N 144 
G   N1    H1     sing N N 145 
G   C2    N2     sing N N 146 
G   C2    N3     doub N N 147 
G   N2    H21    sing N N 148 
G   N2    H22    sing N N 149 
G   N3    C4     sing N N 150 
HOH O     H1     sing N N 151 
HOH O     H2     sing N N 152 
U   OP3   P      sing N N 153 
U   OP3   HOP3   sing N N 154 
U   P     OP1    doub N N 155 
U   P     OP2    sing N N 156 
U   P     "O5'"  sing N N 157 
U   OP2   HOP2   sing N N 158 
U   "O5'" "C5'"  sing N N 159 
U   "C5'" "C4'"  sing N N 160 
U   "C5'" "H5'"  sing N N 161 
U   "C5'" "H5''" sing N N 162 
U   "C4'" "O4'"  sing N N 163 
U   "C4'" "C3'"  sing N N 164 
U   "C4'" "H4'"  sing N N 165 
U   "O4'" "C1'"  sing N N 166 
U   "C3'" "O3'"  sing N N 167 
U   "C3'" "C2'"  sing N N 168 
U   "C3'" "H3'"  sing N N 169 
U   "O3'" "HO3'" sing N N 170 
U   "C2'" "O2'"  sing N N 171 
U   "C2'" "C1'"  sing N N 172 
U   "C2'" "H2'"  sing N N 173 
U   "O2'" "HO2'" sing N N 174 
U   "C1'" N1     sing N N 175 
U   "C1'" "H1'"  sing N N 176 
U   N1    C2     sing N N 177 
U   N1    C6     sing N N 178 
U   C2    O2     doub N N 179 
U   C2    N3     sing N N 180 
U   N3    C4     sing N N 181 
U   N3    H3     sing N N 182 
U   C4    O4     doub N N 183 
U   C4    C5     sing N N 184 
U   C5    C6     doub N N 185 
U   C5    H5     sing N N 186 
U   C6    H6     sing N N 187 
# 
loop_
_ndb_struct_conf_na.entry_id 
_ndb_struct_conf_na.feature 
3TD0 'double helix'         
3TD0 'a-form double helix'  
3TD0 'bulge loop'           
3TD0 'mismatched base pair' 
# 
loop_
_ndb_struct_na_base_pair.model_number 
_ndb_struct_na_base_pair.i_label_asym_id 
_ndb_struct_na_base_pair.i_label_comp_id 
_ndb_struct_na_base_pair.i_label_seq_id 
_ndb_struct_na_base_pair.i_symmetry 
_ndb_struct_na_base_pair.j_label_asym_id 
_ndb_struct_na_base_pair.j_label_comp_id 
_ndb_struct_na_base_pair.j_label_seq_id 
_ndb_struct_na_base_pair.j_symmetry 
_ndb_struct_na_base_pair.shear 
_ndb_struct_na_base_pair.stretch 
_ndb_struct_na_base_pair.stagger 
_ndb_struct_na_base_pair.buckle 
_ndb_struct_na_base_pair.propeller 
_ndb_struct_na_base_pair.opening 
_ndb_struct_na_base_pair.pair_number 
_ndb_struct_na_base_pair.pair_name 
_ndb_struct_na_base_pair.i_auth_asym_id 
_ndb_struct_na_base_pair.i_auth_seq_id 
_ndb_struct_na_base_pair.i_PDB_ins_code 
_ndb_struct_na_base_pair.j_auth_asym_id 
_ndb_struct_na_base_pair.j_auth_seq_id 
_ndb_struct_na_base_pair.j_PDB_ins_code 
_ndb_struct_na_base_pair.hbond_type_28 
_ndb_struct_na_base_pair.hbond_type_12 
1 A G   3  1_555 B C   23 1_555 -0.187 -0.158 0.161  6.949   -2.680  -2.460  1  A_G3:C46_B    A 3  ? B 46 ? 19 1 
1 A C   4  1_555 B G   22 1_555 0.427  0.080  0.020  8.245   -3.494  4.292   2  A_C4:G45_B    A 4  ? B 45 ? 19 1 
1 A G   5  1_555 B C   21 1_555 -0.108 -0.087 -0.179 -2.003  -11.669 3.649   3  A_G5:C44_B    A 5  ? B 44 ? 19 1 
1 A U   6  1_555 B U   20 1_555 -0.505 -1.657 0.094  3.206   -7.806  -8.157  4  A_U6:U43_B    A 6  ? B 43 ? ?  ? 
1 A C   7  1_555 B G   19 1_555 0.177  -0.138 -0.175 7.939   -11.619 1.835   5  A_C7:G42_B    A 7  ? B 42 ? 19 1 
1 A G   8  1_555 B A   17 1_555 -0.141 1.494  -0.159 -16.552 -15.173 -16.909 6  A_G8:A40_B    A 8  ? B 40 ? 8  1 
1 A C   9  1_555 B G   16 1_555 0.223  -0.194 0.265  -0.931  -10.373 -1.867  7  A_C9:G39_B    A 9  ? B 39 ? 19 1 
1 A G   10 1_555 B C   15 1_555 -0.053 -0.133 0.404  2.743   -23.808 0.590   8  A_G10:C38_B   A 10 ? B 38 ? 19 1 
1 A 5BU 11 1_555 B A   14 1_555 -0.210 -0.140 0.041  1.925   -24.631 -1.791  9  A_5BU11:A37_B A 11 ? B 37 ? 20 1 
1 A C   12 1_555 B G   13 1_555 0.259  -0.137 0.090  -2.018  -14.204 0.138   10 A_C12:G36_B   A 12 ? B 36 ? 19 1 
1 A G   13 1_555 B C   12 1_555 -0.198 -0.143 0.152  -0.469  -15.341 1.543   11 A_G13:C35_B   A 13 ? B 35 ? 19 1 
1 A A   14 1_555 B 5BU 11 1_555 0.061  -0.179 0.020  0.531   -19.484 -2.289  12 A_A14:5BU34_B A 14 ? B 34 ? 20 1 
1 A C   15 1_555 B G   10 1_555 0.267  -0.176 0.202  0.215   -19.722 2.055   13 A_C15:G33_B   A 15 ? B 33 ? 19 1 
1 A G   16 1_555 B C   9  1_555 -0.297 -0.082 0.019  -4.111  -17.753 1.816   14 A_G16:C32_B   A 16 ? B 32 ? 19 1 
1 A A   17 1_555 B G   8  1_555 0.110  1.453  -0.374 10.000  -17.745 -15.027 15 A_A17:G31_B   A 17 ? B 31 ? 8  1 
1 A G   19 1_555 B C   7  1_555 -0.060 -0.131 0.005  -6.842  -5.427  -0.163  16 A_G19:C30_B   A 19 ? B 30 ? 19 1 
1 A U   20 1_555 B U   6  1_555 -2.466 -1.660 0.050  2.856   -15.158 2.619   17 A_U20:U29_B   A 20 ? B 29 ? 16 1 
1 A C   21 1_555 B G   5  1_555 0.266  -0.121 -0.150 2.741   -15.881 4.465   18 A_C21:G28_B   A 21 ? B 28 ? 19 1 
1 A G   22 1_555 B C   4  1_555 -0.201 -0.186 0.055  -6.894  -10.318 1.297   19 A_G22:C27_B   A 22 ? B 27 ? 19 1 
1 A C   23 1_555 B G   3  1_555 0.170  -0.164 0.108  -2.281  -4.969  -0.066  20 A_C23:G26_B   A 23 ? B 26 ? 19 1 
# 
loop_
_ndb_struct_na_base_pair_step.model_number 
_ndb_struct_na_base_pair_step.i_label_asym_id_1 
_ndb_struct_na_base_pair_step.i_label_comp_id_1 
_ndb_struct_na_base_pair_step.i_label_seq_id_1 
_ndb_struct_na_base_pair_step.i_symmetry_1 
_ndb_struct_na_base_pair_step.j_label_asym_id_1 
_ndb_struct_na_base_pair_step.j_label_comp_id_1 
_ndb_struct_na_base_pair_step.j_label_seq_id_1 
_ndb_struct_na_base_pair_step.j_symmetry_1 
_ndb_struct_na_base_pair_step.i_label_asym_id_2 
_ndb_struct_na_base_pair_step.i_label_comp_id_2 
_ndb_struct_na_base_pair_step.i_label_seq_id_2 
_ndb_struct_na_base_pair_step.i_symmetry_2 
_ndb_struct_na_base_pair_step.j_label_asym_id_2 
_ndb_struct_na_base_pair_step.j_label_comp_id_2 
_ndb_struct_na_base_pair_step.j_label_seq_id_2 
_ndb_struct_na_base_pair_step.j_symmetry_2 
_ndb_struct_na_base_pair_step.shift 
_ndb_struct_na_base_pair_step.slide 
_ndb_struct_na_base_pair_step.rise 
_ndb_struct_na_base_pair_step.tilt 
_ndb_struct_na_base_pair_step.roll 
_ndb_struct_na_base_pair_step.twist 
_ndb_struct_na_base_pair_step.x_displacement 
_ndb_struct_na_base_pair_step.y_displacement 
_ndb_struct_na_base_pair_step.helical_rise 
_ndb_struct_na_base_pair_step.inclination 
_ndb_struct_na_base_pair_step.tip 
_ndb_struct_na_base_pair_step.helical_twist 
_ndb_struct_na_base_pair_step.step_number 
_ndb_struct_na_base_pair_step.step_name 
_ndb_struct_na_base_pair_step.i_auth_asym_id_1 
_ndb_struct_na_base_pair_step.i_auth_seq_id_1 
_ndb_struct_na_base_pair_step.i_PDB_ins_code_1 
_ndb_struct_na_base_pair_step.j_auth_asym_id_1 
_ndb_struct_na_base_pair_step.j_auth_seq_id_1 
_ndb_struct_na_base_pair_step.j_PDB_ins_code_1 
_ndb_struct_na_base_pair_step.i_auth_asym_id_2 
_ndb_struct_na_base_pair_step.i_auth_seq_id_2 
_ndb_struct_na_base_pair_step.i_PDB_ins_code_2 
_ndb_struct_na_base_pair_step.j_auth_asym_id_2 
_ndb_struct_na_base_pair_step.j_auth_seq_id_2 
_ndb_struct_na_base_pair_step.j_PDB_ins_code_2 
1 A G   3  1_555 B C   23 1_555 A C   4  1_555 B G   22 1_555 0.297  -2.201 3.310 -1.677 3.377  33.804 -4.290 -0.770 3.065 5.785  
2.873  34.008 1  AA_G3C4:G45C46_BB     A 3  ? B 46 ? A 4  ? B 45 ? 
1 A C   4  1_555 B G   22 1_555 A G   5  1_555 B C   21 1_555 -0.286 -2.129 3.458 0.723  7.529  25.008 -6.689 0.823  2.702 16.899 
-1.624 26.109 2  AA_C4G5:C44G45_BB     A 4  ? B 45 ? A 5  ? B 44 ? 
1 A G   5  1_555 B C   21 1_555 A U   6  1_555 B U   20 1_555 -1.045 -1.771 3.036 -6.886 3.637  32.612 -3.630 0.755  2.979 6.364  
12.050 33.505 3  AA_G5U6:U43C44_BB     A 5  ? B 44 ? A 6  ? B 43 ? 
1 A U   6  1_555 B U   20 1_555 A C   7  1_555 B G   19 1_555 0.910  -1.933 3.149 3.545  1.905  37.104 -3.263 -0.971 3.120 2.982  
-5.550 37.314 4  AA_U6C7:G42U43_BB     A 6  ? B 43 ? A 7  ? B 42 ? 
1 A C   7  1_555 B G   19 1_555 A G   8  1_555 B A   17 1_555 0.680  -2.222 3.453 5.632  15.434 43.992 -4.032 -0.404 2.637 19.801 
-7.226 46.816 5  AA_C7G8:A40G42_BB     A 7  ? B 42 ? A 8  ? B 40 ? 
1 A G   8  1_555 B A   17 1_555 A C   9  1_555 B G   16 1_555 0.894  -0.662 3.056 -4.544 3.603  30.592 -1.857 -2.451 2.803 6.753  
8.516  31.124 6  AA_G8C9:G39A40_BB     A 8  ? B 40 ? A 9  ? B 39 ? 
1 A C   9  1_555 B G   16 1_555 A G   10 1_555 B C   15 1_555 0.667  -1.911 2.893 -1.891 13.928 30.788 -5.001 -1.380 1.838 24.684 
3.351  33.774 7  AA_C9G10:C38G39_BB    A 9  ? B 39 ? A 10 ? B 38 ? 
1 A G   10 1_555 B C   15 1_555 A 5BU 11 1_555 B A   14 1_555 -0.999 -1.798 3.063 -2.165 2.464  33.876 -3.436 1.387  2.985 4.217  
3.704  34.030 8  AA_G105BU11:A37C38_BB A 10 ? B 38 ? A 11 ? B 37 ? 
1 A 5BU 11 1_555 B A   14 1_555 A C   12 1_555 B G   13 1_555 -0.113 -1.331 3.324 -1.577 10.642 34.195 -3.634 -0.033 2.800 17.567 
2.603  35.799 9  AA_5BU11C12:G36A37_BB A 11 ? B 37 ? A 12 ? B 36 ? 
1 A C   12 1_555 B G   13 1_555 A G   13 1_555 B C   12 1_555 0.060  -1.736 3.074 -0.522 16.489 26.957 -5.646 -0.187 1.745 31.863 
1.008  31.524 10 AA_C12G13:C35G36_BB   A 12 ? B 36 ? A 13 ? B 35 ? 
1 A G   13 1_555 B C   12 1_555 A A   14 1_555 B 5BU 11 1_555 -0.443 -1.036 3.188 0.454  8.343  34.360 -2.864 0.794  2.860 13.869 
-0.755 35.332 11 AA_G13A14:5BU34C35_BB A 13 ? B 35 ? A 14 ? B 34 ? 
1 A A   14 1_555 B 5BU 11 1_555 A C   15 1_555 B G   10 1_555 0.981  -1.440 3.173 1.953  6.429  33.168 -3.449 -1.391 2.902 11.120 
-3.379 33.823 12 AA_A14C15:G335BU34_BB A 14 ? B 34 ? A 15 ? B 33 ? 
1 A C   15 1_555 B G   10 1_555 A G   16 1_555 B C   9  1_555 -0.296 -1.663 3.132 2.830  17.453 30.291 -4.946 0.846  1.890 30.369 
-4.925 34.969 13 AA_C15G16:C32G33_BB   A 15 ? B 33 ? A 16 ? B 32 ? 
1 A G   16 1_555 B C   9  1_555 A A   17 1_555 B G   8  1_555 -0.949 -0.752 3.053 5.223  3.445  32.082 -1.874 2.501  2.775 6.159  
-9.340 32.671 14 AA_G16A17:G31C32_BB   A 16 ? B 32 ? A 17 ? B 31 ? 
1 A A   17 1_555 B G   8  1_555 A G   19 1_555 B C   7  1_555 -0.877 -2.140 3.414 -5.008 13.931 43.329 -3.932 0.708  2.718 18.243 
6.558  45.673 15 AA_A17G19:C30G31_BB   A 17 ? B 31 ? A 19 ? B 30 ? 
1 A G   19 1_555 B C   7  1_555 A U   20 1_555 B U   6  1_555 0.116  -1.785 2.830 -2.995 6.367  23.851 -5.670 -0.986 2.253 14.993 
7.053  24.853 16 AA_G19U20:U29C30_BB   A 19 ? B 30 ? A 20 ? B 29 ? 
1 A U   20 1_555 B U   6  1_555 A C   21 1_555 B G   5  1_555 0.101  -1.354 3.307 0.427  4.885  45.802 -2.147 -0.092 3.155 6.255  
-0.547 46.049 17 AA_U20C21:G28U29_BB   A 20 ? B 29 ? A 21 ? B 28 ? 
1 A C   21 1_555 B G   5  1_555 A G   22 1_555 B C   4  1_555 -0.141 -1.826 3.417 0.104  11.467 27.407 -5.830 0.296  2.469 22.969 
-0.209 29.667 18 AA_C21G22:C27G28_BB   A 21 ? B 28 ? A 22 ? B 27 ? 
1 A G   22 1_555 B C   4  1_555 A C   23 1_555 B G   3  1_555 0.011  -1.548 3.296 0.124  1.821  33.728 -2.958 0.000  3.210 3.136  
-0.214 33.776 19 AA_G22C23:G26C27_BB   A 22 ? B 27 ? A 23 ? B 26 ? 
# 
_atom_sites.entry_id                    3TD0 
_atom_sites.fract_transf_matrix[1][1]   0.00181226 
_atom_sites.fract_transf_matrix[1][2]   0.02176276 
_atom_sites.fract_transf_matrix[1][3]   -0.00238560 
_atom_sites.fract_transf_matrix[2][1]   -0.02125062 
_atom_sites.fract_transf_matrix[2][2]   0.00155135 
_atom_sites.fract_transf_matrix[2][3]   -0.00199114 
_atom_sites.fract_transf_matrix[3][1]   -0.00152469 
_atom_sites.fract_transf_matrix[3][2]   0.00208915 
_atom_sites.fract_transf_matrix[3][3]   0.01790012 
_atom_sites.fract_transf_vector[1]      0.733353 
_atom_sites.fract_transf_vector[2]      0.754569 
_atom_sites.fract_transf_vector[3]      0.584504 
# 
loop_
_atom_type.symbol 
BR 
C  
MG 
N  
O  
P  
# 
loop_
_atom_site.group_PDB 
_atom_site.id 
_atom_site.type_symbol 
_atom_site.label_atom_id 
_atom_site.label_alt_id 
_atom_site.label_comp_id 
_atom_site.label_asym_id 
_atom_site.label_entity_id 
_atom_site.label_seq_id 
_atom_site.pdbx_PDB_ins_code 
_atom_site.Cartn_x 
_atom_site.Cartn_y 
_atom_site.Cartn_z 
_atom_site.occupancy 
_atom_site.B_iso_or_equiv 
_atom_site.pdbx_formal_charge 
_atom_site.auth_seq_id 
_atom_site.auth_comp_id 
_atom_site.auth_asym_id 
_atom_site.auth_atom_id 
_atom_site.pdbx_PDB_model_num 
ATOM   1    P  P     . G   A 1 3  ? -3.367  12.815  21.999  1.00 38.75 ? 3    G   A P     1 
ATOM   2    O  OP1   . G   A 1 3  ? -4.309  13.278  23.100  1.00 39.87 ? 3    G   A OP1   1 
ATOM   3    O  OP2   . G   A 1 3  ? -2.843  13.965  21.156  1.00 39.20 ? 3    G   A OP2   1 
ATOM   4    O  "O5'" . G   A 1 3  ? -2.073  12.183  22.761  1.00 37.58 ? 3    G   A "O5'" 1 
ATOM   5    C  "C5'" . G   A 1 3  ? -0.936  12.999  23.087  1.00 34.45 ? 3    G   A "C5'" 1 
ATOM   6    C  "C4'" . G   A 1 3  ? 0.091   12.179  23.828  1.00 33.16 ? 3    G   A "C4'" 1 
ATOM   7    O  "O4'" . G   A 1 3  ? -0.467  11.741  25.096  1.00 31.30 ? 3    G   A "O4'" 1 
ATOM   8    C  "C3'" . G   A 1 3  ? 0.514   10.889  23.143  1.00 32.37 ? 3    G   A "C3'" 1 
ATOM   9    O  "O3'" . G   A 1 3  ? 1.531   11.120  22.180  1.00 33.54 ? 3    G   A "O3'" 1 
ATOM   10   C  "C2'" . G   A 1 3  ? 1.020   10.067  24.321  1.00 31.36 ? 3    G   A "C2'" 1 
ATOM   11   O  "O2'" . G   A 1 3  ? 2.313   10.448  24.745  1.00 32.04 ? 3    G   A "O2'" 1 
ATOM   12   C  "C1'" . G   A 1 3  ? -0.009  10.430  25.391  1.00 30.55 ? 3    G   A "C1'" 1 
ATOM   13   N  N9    . G   A 1 3  ? -1.159  9.530   25.402  1.00 28.78 ? 3    G   A N9    1 
ATOM   14   C  C8    . G   A 1 3  ? -2.437  9.806   24.975  1.00 27.77 ? 3    G   A C8    1 
ATOM   15   N  N7    . G   A 1 3  ? -3.254  8.798   25.125  1.00 27.34 ? 3    G   A N7    1 
ATOM   16   C  C5    . G   A 1 3  ? -2.470  7.798   25.681  1.00 25.80 ? 3    G   A C5    1 
ATOM   17   C  C6    . G   A 1 3  ? -2.804  6.472   26.070  1.00 24.59 ? 3    G   A C6    1 
ATOM   18   O  O6    . G   A 1 3  ? -3.900  5.899   26.003  1.00 23.42 ? 3    G   A O6    1 
ATOM   19   N  N1    . G   A 1 3  ? -1.701  5.797   26.582  1.00 23.33 ? 3    G   A N1    1 
ATOM   20   C  C2    . G   A 1 3  ? -0.439  6.327   26.708  1.00 23.42 ? 3    G   A C2    1 
ATOM   21   N  N2    . G   A 1 3  ? 0.496   5.513   27.220  1.00 22.88 ? 3    G   A N2    1 
ATOM   22   N  N3    . G   A 1 3  ? -0.117  7.559   26.355  1.00 25.16 ? 3    G   A N3    1 
ATOM   23   C  C4    . G   A 1 3  ? -1.173  8.233   25.853  1.00 26.55 ? 3    G   A C4    1 
ATOM   24   P  P     . C   A 1 4  ? 1.627   10.175  20.883  1.00 33.78 ? 4    C   A P     1 
ATOM   25   O  OP1   . C   A 1 4  ? 2.743   10.688  20.047  1.00 36.48 ? 4    C   A OP1   1 
ATOM   26   O  OP2   . C   A 1 4  ? 0.270   10.040  20.297  1.00 34.74 ? 4    C   A OP2   1 
ATOM   27   O  "O5'" . C   A 1 4  ? 2.049   8.757   21.474  1.00 34.86 ? 4    C   A "O5'" 1 
ATOM   28   C  "C5'" . C   A 1 4  ? 3.356   8.551   21.997  1.00 33.31 ? 4    C   A "C5'" 1 
ATOM   29   C  "C4'" . C   A 1 4  ? 3.503   7.136   22.501  1.00 33.05 ? 4    C   A "C4'" 1 
ATOM   30   O  "O4'" . C   A 1 4  ? 2.606   6.907   23.623  1.00 32.59 ? 4    C   A "O4'" 1 
ATOM   31   C  "C3'" . C   A 1 4  ? 3.138   6.023   21.534  1.00 31.98 ? 4    C   A "C3'" 1 
ATOM   32   O  "O3'" . C   A 1 4  ? 4.159   5.787   20.572  1.00 31.66 ? 4    C   A "O3'" 1 
ATOM   33   C  "C2'" . C   A 1 4  ? 2.963   4.858   22.493  1.00 32.79 ? 4    C   A "C2'" 1 
ATOM   34   O  "O2'" . C   A 1 4  ? 4.193   4.349   22.970  1.00 33.52 ? 4    C   A "O2'" 1 
ATOM   35   C  "C1'" . C   A 1 4  ? 2.208   5.542   23.633  1.00 32.37 ? 4    C   A "C1'" 1 
ATOM   36   N  N1    . C   A 1 4  ? 0.751   5.480   23.442  1.00 32.20 ? 4    C   A N1    1 
ATOM   37   C  C2    . C   A 1 4  ? 0.092   4.283   23.725  1.00 31.82 ? 4    C   A C2    1 
ATOM   38   O  O2    . C   A 1 4  ? 0.754   3.317   24.134  1.00 32.58 ? 4    C   A O2    1 
ATOM   39   N  N3    . C   A 1 4  ? -1.244  4.204   23.543  1.00 32.18 ? 4    C   A N3    1 
ATOM   40   C  C4    . C   A 1 4  ? -1.921  5.263   23.096  1.00 30.98 ? 4    C   A C4    1 
ATOM   41   N  N4    . C   A 1 4  ? -3.237  5.135   22.924  1.00 31.77 ? 4    C   A N4    1 
ATOM   42   C  C5    . C   A 1 4  ? -1.275  6.499   22.802  1.00 31.95 ? 4    C   A C5    1 
ATOM   43   C  C6    . C   A 1 4  ? 0.050   6.564   22.989  1.00 30.88 ? 4    C   A C6    1 
ATOM   44   P  P     . G   A 1 5  ? 3.766   5.202   19.124  1.00 30.80 ? 5    G   A P     1 
ATOM   45   O  OP1   . G   A 1 5  ? 4.944   5.386   18.236  1.00 32.15 ? 5    G   A OP1   1 
ATOM   46   O  OP2   . G   A 1 5  ? 2.448   5.758   18.721  1.00 30.64 ? 5    G   A OP2   1 
ATOM   47   O  "O5'" . G   A 1 5  ? 3.587   3.644   19.386  1.00 30.26 ? 5    G   A "O5'" 1 
ATOM   48   C  "C5'" . G   A 1 5  ? 4.636   2.884   19.971  1.00 29.25 ? 5    G   A "C5'" 1 
ATOM   49   C  "C4'" . G   A 1 5  ? 4.115   1.553   20.439  1.00 29.53 ? 5    G   A "C4'" 1 
ATOM   50   O  "O4'" . G   A 1 5  ? 3.090   1.759   21.448  1.00 28.42 ? 5    G   A "O4'" 1 
ATOM   51   C  "C3'" . G   A 1 5  ? 3.403   0.711   19.397  1.00 29.35 ? 5    G   A "C3'" 1 
ATOM   52   O  "O3'" . G   A 1 5  ? 4.323   0.023   18.561  1.00 30.30 ? 5    G   A "O3'" 1 
ATOM   53   C  "C2'" . G   A 1 5  ? 2.622   -0.249  20.282  1.00 28.87 ? 5    G   A "C2'" 1 
ATOM   54   O  "O2'" . G   A 1 5  ? 3.434   -1.270  20.827  1.00 31.36 ? 5    G   A "O2'" 1 
ATOM   55   C  "C1'" . G   A 1 5  ? 2.148   0.699   21.386  1.00 28.18 ? 5    G   A "C1'" 1 
ATOM   56   N  N9    . G   A 1 5  ? 0.835   1.266   21.097  1.00 26.13 ? 5    G   A N9    1 
ATOM   57   C  C8    . G   A 1 5  ? 0.541   2.566   20.763  1.00 25.07 ? 5    G   A C8    1 
ATOM   58   N  N7    . G   A 1 5  ? -0.732  2.765   20.547  1.00 24.87 ? 5    G   A N7    1 
ATOM   59   C  C5    . G   A 1 5  ? -1.313  1.522   20.756  1.00 24.46 ? 5    G   A C5    1 
ATOM   60   C  C6    . G   A 1 5  ? -2.670  1.109   20.668  1.00 24.45 ? 5    G   A C6    1 
ATOM   61   O  O6    . G   A 1 5  ? -3.667  1.786   20.382  1.00 23.40 ? 5    G   A O6    1 
ATOM   62   N  N1    . G   A 1 5  ? -2.811  -0.246  20.956  1.00 23.30 ? 5    G   A N1    1 
ATOM   63   C  C2    . G   A 1 5  ? -1.783  -1.097  21.284  1.00 24.97 ? 5    G   A C2    1 
ATOM   64   N  N2    . G   A 1 5  ? -2.117  -2.373  21.517  1.00 25.29 ? 5    G   A N2    1 
ATOM   65   N  N3    . G   A 1 5  ? -0.519  -0.724  21.375  1.00 24.99 ? 5    G   A N3    1 
ATOM   66   C  C4    . G   A 1 5  ? -0.358  0.587   21.098  1.00 24.56 ? 5    G   A C4    1 
ATOM   67   P  P     . U   A 1 6  ? 3.844   -0.502  17.122  1.00 30.66 ? 6    U   A P     1 
ATOM   68   O  OP1   . U   A 1 6  ? 5.017   -1.122  16.454  1.00 31.55 ? 6    U   A OP1   1 
ATOM   69   O  OP2   . U   A 1 6  ? 3.108   0.592   16.443  1.00 29.18 ? 6    U   A OP2   1 
ATOM   70   O  "O5'" . U   A 1 6  ? 2.815   -1.670  17.464  1.00 30.34 ? 6    U   A "O5'" 1 
ATOM   71   C  "C5'" . U   A 1 6  ? 3.276   -2.893  18.032  1.00 32.15 ? 6    U   A "C5'" 1 
ATOM   72   C  "C4'" . U   A 1 6  ? 2.167   -3.918  18.054  1.00 32.63 ? 6    U   A "C4'" 1 
ATOM   73   O  "O4'" . U   A 1 6  ? 1.104   -3.487  18.945  1.00 32.60 ? 6    U   A "O4'" 1 
ATOM   74   C  "C3'" . U   A 1 6  ? 1.435   -4.171  16.748  1.00 32.03 ? 6    U   A "C3'" 1 
ATOM   75   O  "O3'" . U   A 1 6  ? 2.174   -5.015  15.883  1.00 32.39 ? 6    U   A "O3'" 1 
ATOM   76   C  "C2'" . U   A 1 6  ? 0.166   -4.849  17.244  1.00 32.80 ? 6    U   A "C2'" 1 
ATOM   77   O  "O2'" . U   A 1 6  ? 0.357   -6.207  17.589  1.00 33.72 ? 6    U   A "O2'" 1 
ATOM   78   C  "C1'" . U   A 1 6  ? -0.132  -4.026  18.497  1.00 32.19 ? 6    U   A "C1'" 1 
ATOM   79   N  N1    . U   A 1 6  ? -1.043  -2.910  18.222  1.00 30.91 ? 6    U   A N1    1 
ATOM   80   C  C2    . U   A 1 6  ? -2.384  -3.199  18.072  1.00 30.32 ? 6    U   A C2    1 
ATOM   81   O  O2    . U   A 1 6  ? -2.827  -4.336  18.137  1.00 32.31 ? 6    U   A O2    1 
ATOM   82   N  N3    . U   A 1 6  ? -3.185  -2.113  17.838  1.00 28.29 ? 6    U   A N3    1 
ATOM   83   C  C4    . U   A 1 6  ? -2.784  -0.797  17.736  1.00 27.75 ? 6    U   A C4    1 
ATOM   84   O  O4    . U   A 1 6  ? -3.626  0.077   17.557  1.00 28.21 ? 6    U   A O4    1 
ATOM   85   C  C5    . U   A 1 6  ? -1.379  -0.584  17.889  1.00 28.81 ? 6    U   A C5    1 
ATOM   86   C  C6    . U   A 1 6  ? -0.578  -1.622  18.122  1.00 28.94 ? 6    U   A C6    1 
ATOM   87   P  P     . C   A 1 7  ? 2.119   -4.762  14.300  1.00 31.09 ? 7    C   A P     1 
ATOM   88   O  OP1   . C   A 1 7  ? 3.127   -5.654  13.668  1.00 34.55 ? 7    C   A OP1   1 
ATOM   89   O  OP2   . C   A 1 7  ? 2.181   -3.298  14.062  1.00 30.71 ? 7    C   A OP2   1 
ATOM   90   O  "O5'" . C   A 1 7  ? 0.674   -5.279  13.879  1.00 30.47 ? 7    C   A "O5'" 1 
ATOM   91   C  "C5'" . C   A 1 7  ? 0.287   -6.624  14.126  1.00 27.44 ? 7    C   A "C5'" 1 
ATOM   92   C  "C4'" . C   A 1 7  ? -1.211  -6.764  14.018  1.00 26.55 ? 7    C   A "C4'" 1 
ATOM   93   O  "O4'" . C   A 1 7  ? -1.858  -5.971  15.051  1.00 25.30 ? 7    C   A "O4'" 1 
ATOM   94   C  "C3'" . C   A 1 7  ? -1.846  -6.245  12.742  1.00 25.22 ? 7    C   A "C3'" 1 
ATOM   95   O  "O3'" . C   A 1 7  ? -1.681  -7.150  11.659  1.00 25.42 ? 7    C   A "O3'" 1 
ATOM   96   C  "C2'" . C   A 1 7  ? -3.297  -6.109  13.179  1.00 25.09 ? 7    C   A "C2'" 1 
ATOM   97   O  "O2'" . C   A 1 7  ? -3.962  -7.352  13.283  1.00 26.75 ? 7    C   A "O2'" 1 
ATOM   98   C  "C1'" . C   A 1 7  ? -3.112  -5.504  14.571  1.00 23.83 ? 7    C   A "C1'" 1 
ATOM   99   N  N1    . C   A 1 7  ? -3.078  -4.034  14.529  1.00 21.63 ? 7    C   A N1    1 
ATOM   100  C  C2    . C   A 1 7  ? -4.290  -3.339  14.509  1.00 21.64 ? 7    C   A C2    1 
ATOM   101  O  O2    . C   A 1 7  ? -5.345  -3.983  14.537  1.00 21.97 ? 7    C   A O2    1 
ATOM   102  N  N3    . C   A 1 7  ? -4.278  -1.986  14.456  1.00 20.31 ? 7    C   A N3    1 
ATOM   103  C  C4    . C   A 1 7  ? -3.115  -1.331  14.419  1.00 19.16 ? 7    C   A C4    1 
ATOM   104  N  N4    . C   A 1 7  ? -3.144  0.005   14.363  1.00 19.20 ? 7    C   A N4    1 
ATOM   105  C  C5    . C   A 1 7  ? -1.865  -2.017  14.440  1.00 20.15 ? 7    C   A C5    1 
ATOM   106  C  C6    . C   A 1 7  ? -1.893  -3.354  14.498  1.00 20.94 ? 7    C   A C6    1 
ATOM   107  P  P     . G   A 1 8  ? -1.625  -6.584  10.155  1.00 26.38 ? 8    G   A P     1 
ATOM   108  O  OP1   . G   A 1 8  ? -1.316  -7.730  9.260   1.00 28.29 ? 8    G   A OP1   1 
ATOM   109  O  OP2   . G   A 1 8  ? -0.762  -5.375  10.128  1.00 27.40 ? 8    G   A OP2   1 
ATOM   110  O  "O5'" . G   A 1 8  ? -3.119  -6.122  9.868   1.00 25.35 ? 8    G   A "O5'" 1 
ATOM   111  C  "C5'" . G   A 1 8  ? -4.179  -7.069  9.845   1.00 23.83 ? 8    G   A "C5'" 1 
ATOM   112  C  "C4'" . G   A 1 8  ? -5.505  -6.358  9.743   1.00 23.19 ? 8    G   A "C4'" 1 
ATOM   113  O  "O4'" . G   A 1 8  ? -5.705  -5.528  10.920  1.00 22.64 ? 8    G   A "O4'" 1 
ATOM   114  C  "C3'" . G   A 1 8  ? -5.636  -5.372  8.597   1.00 22.42 ? 8    G   A "C3'" 1 
ATOM   115  O  "O3'" . G   A 1 8  ? -5.925  -6.019  7.370   1.00 23.78 ? 8    G   A "O3'" 1 
ATOM   116  C  "C2'" . G   A 1 8  ? -6.789  -4.509  9.078   1.00 22.38 ? 8    G   A "C2'" 1 
ATOM   117  O  "O2'" . G   A 1 8  ? -8.052  -5.126  8.932   1.00 23.25 ? 8    G   A "O2'" 1 
ATOM   118  C  "C1'" . G   A 1 8  ? -6.420  -4.355  10.552  1.00 21.71 ? 8    G   A "C1'" 1 
ATOM   119  N  N9    . G   A 1 8  ? -5.552  -3.203  10.763  1.00 19.96 ? 8    G   A N9    1 
ATOM   120  C  C8    . G   A 1 8  ? -4.198  -3.199  10.997  1.00 19.10 ? 8    G   A C8    1 
ATOM   121  N  N7    . G   A 1 8  ? -3.709  -1.997  11.156  1.00 18.03 ? 8    G   A N7    1 
ATOM   122  C  C5    . G   A 1 8  ? -4.808  -1.160  11.016  1.00 17.72 ? 8    G   A C5    1 
ATOM   123  C  C6    . G   A 1 8  ? -4.906  0.255   11.093  1.00 15.26 ? 8    G   A C6    1 
ATOM   124  O  O6    . G   A 1 8  ? -4.012  1.080   11.325  1.00 16.43 ? 8    G   A O6    1 
ATOM   125  N  N1    . G   A 1 8  ? -6.208  0.689   10.870  1.00 15.86 ? 8    G   A N1    1 
ATOM   126  C  C2    . G   A 1 8  ? -7.282  -0.128  10.612  1.00 15.31 ? 8    G   A C2    1 
ATOM   127  N  N2    . G   A 1 8  ? -8.459  0.480   10.405  1.00 18.28 ? 8    G   A N2    1 
ATOM   128  N  N3    . G   A 1 8  ? -7.206  -1.449  10.556  1.00 16.91 ? 8    G   A N3    1 
ATOM   129  C  C4    . G   A 1 8  ? -5.950  -1.890  10.764  1.00 17.33 ? 8    G   A C4    1 
ATOM   130  P  P     . C   A 1 9  ? -5.333  -5.417  6.006   1.00 23.29 ? 9    C   A P     1 
ATOM   131  O  OP1   . C   A 1 9  ? -5.716  -6.348  4.914   1.00 25.83 ? 9    C   A OP1   1 
ATOM   132  O  OP2   . C   A 1 9  ? -3.902  -5.078  6.212   1.00 21.05 ? 9    C   A OP2   1 
ATOM   133  O  "O5'" . C   A 1 9  ? -6.137  -4.057  5.808   1.00 21.87 ? 9    C   A "O5'" 1 
ATOM   134  C  "C5'" . C   A 1 9  ? -7.533  -4.071  5.541   1.00 22.08 ? 9    C   A "C5'" 1 
ATOM   135  C  "C4'" . C   A 1 9  ? -8.087  -2.667  5.571   1.00 21.25 ? 9    C   A "C4'" 1 
ATOM   136  O  "O4'" . C   A 1 9  ? -7.915  -2.091  6.898   1.00 21.64 ? 9    C   A "O4'" 1 
ATOM   137  C  "C3'" . C   A 1 9  ? -7.411  -1.635  4.683   1.00 22.44 ? 9    C   A "C3'" 1 
ATOM   138  O  "O3'" . C   A 1 9  ? -7.747  -1.760  3.308   1.00 25.92 ? 9    C   A "O3'" 1 
ATOM   139  C  "C2'" . C   A 1 9  ? -7.948  -0.358  5.303   1.00 19.98 ? 9    C   A "C2'" 1 
ATOM   140  O  "O2'" . C   A 1 9  ? -9.324  -0.162  5.049   1.00 22.40 ? 9    C   A "O2'" 1 
ATOM   141  C  "C1'" . C   A 1 9  ? -7.751  -0.681  6.783   1.00 17.89 ? 9    C   A "C1'" 1 
ATOM   142  N  N1    . C   A 1 9  ? -6.395  -0.317  7.230   1.00 16.35 ? 9    C   A N1    1 
ATOM   143  C  C2    . C   A 1 9  ? -6.137  1.021   7.531   1.00 15.83 ? 9    C   A C2    1 
ATOM   144  O  O2    . C   A 1 9  ? -7.064  1.838   7.431   1.00 17.15 ? 9    C   A O2    1 
ATOM   145  N  N3    . C   A 1 9  ? -4.893  1.390   7.919   1.00 14.98 ? 9    C   A N3    1 
ATOM   146  C  C4    . C   A 1 9  ? -3.927  0.473   8.014   1.00 15.08 ? 9    C   A C4    1 
ATOM   147  N  N4    . C   A 1 9  ? -2.710  0.880   8.397   1.00 15.42 ? 9    C   A N4    1 
ATOM   148  C  C5    . C   A 1 9  ? -4.164  -0.904  7.720   1.00 15.43 ? 9    C   A C5    1 
ATOM   149  C  C6    . C   A 1 9  ? -5.402  -1.252  7.337   1.00 16.39 ? 9    C   A C6    1 
ATOM   150  P  P     . G   A 1 10 ? -6.650  -1.393  2.185   1.00 27.03 ? 10   G   A P     1 
ATOM   151  O  OP1   . G   A 1 10 ? -7.227  -1.811  0.885   1.00 29.70 ? 10   G   A OP1   1 
ATOM   152  O  OP2   . G   A 1 10 ? -5.320  -1.907  2.601   1.00 30.91 ? 10   G   A OP2   1 
ATOM   153  O  "O5'" . G   A 1 10 ? -6.565  0.201   2.204   1.00 26.27 ? 10   G   A "O5'" 1 
ATOM   154  C  "C5'" . G   A 1 10 ? -7.687  0.995   1.843   1.00 20.95 ? 10   G   A "C5'" 1 
ATOM   155  C  "C4'" . G   A 1 10 ? -7.555  2.390   2.406   1.00 17.48 ? 10   G   A "C4'" 1 
ATOM   156  O  "O4'" . G   A 1 10 ? -7.178  2.314   3.810   1.00 16.97 ? 10   G   A "O4'" 1 
ATOM   157  C  "C3'" . G   A 1 10 ? -6.506  3.314   1.798   1.00 14.90 ? 10   G   A "C3'" 1 
ATOM   158  O  "O3'" . G   A 1 10 ? -7.049  3.935   0.635   1.00 14.79 ? 10   G   A "O3'" 1 
ATOM   159  C  "C2'" . G   A 1 10 ? -6.352  4.344   2.912   1.00 13.73 ? 10   G   A "C2'" 1 
ATOM   160  O  "O2'" . G   A 1 10 ? -7.450  5.237   2.945   1.00 16.68 ? 10   G   A "O2'" 1 
ATOM   161  C  "C1'" . G   A 1 10 ? -6.401  3.448   4.153   1.00 14.38 ? 10   G   A "C1'" 1 
ATOM   162  N  N9    . G   A 1 10 ? -5.094  2.993   4.614   1.00 14.18 ? 10   G   A N9    1 
ATOM   163  C  C8    . G   A 1 10 ? -4.612  1.705   4.610   1.00 14.51 ? 10   G   A C8    1 
ATOM   164  N  N7    . G   A 1 10 ? -3.412  1.604   5.113   1.00 14.38 ? 10   G   A N7    1 
ATOM   165  C  C5    . G   A 1 10 ? -3.077  2.904   5.470   1.00 12.86 ? 10   G   A C5    1 
ATOM   166  C  C6    . G   A 1 10 ? -1.895  3.421   6.074   1.00 13.64 ? 10   G   A C6    1 
ATOM   167  O  O6    . G   A 1 10 ? -0.878  2.812   6.441   1.00 14.66 ? 10   G   A O6    1 
ATOM   168  N  N1    . G   A 1 10 ? -1.971  4.799   6.248   1.00 11.80 ? 10   G   A N1    1 
ATOM   169  C  C2    . G   A 1 10 ? -3.041  5.582   5.890   1.00 12.50 ? 10   G   A C2    1 
ATOM   170  N  N2    . G   A 1 10 ? -2.911  6.897   6.127   1.00 12.40 ? 10   G   A N2    1 
ATOM   171  N  N3    . G   A 1 10 ? -4.152  5.112   5.341   1.00 12.51 ? 10   G   A N3    1 
ATOM   172  C  C4    . G   A 1 10 ? -4.100  3.775   5.159   1.00 13.50 ? 10   G   A C4    1 
HETATM 173  P  P     . 5BU A 1 11 ? -6.074  4.492   -0.523  1.00 14.42 ? 11   5BU A P     1 
HETATM 174  O  OP1   . 5BU A 1 11 ? -6.969  4.964   -1.619  1.00 15.10 ? 11   5BU A OP1   1 
HETATM 175  O  OP2   . 5BU A 1 11 ? -5.012  3.499   -0.821  1.00 14.03 ? 11   5BU A OP2   1 
HETATM 176  O  "O5'" . 5BU A 1 11 ? -5.376  5.768   0.128   1.00 15.01 ? 11   5BU A "O5'" 1 
HETATM 177  C  "C5'" . 5BU A 1 11 ? -6.051  7.013   0.211   1.00 14.42 ? 11   5BU A "C5'" 1 
HETATM 178  C  "C4'" . 5BU A 1 11 ? -5.112  8.072   0.739   1.00 12.15 ? 11   5BU A "C4'" 1 
HETATM 179  O  "O4'" . 5BU A 1 11 ? -4.701  7.728   2.092   1.00 13.17 ? 11   5BU A "O4'" 1 
HETATM 180  C  "C3'" . 5BU A 1 11 ? -3.784  8.212   0.012   1.00 13.19 ? 11   5BU A "C3'" 1 
HETATM 181  O  "O3'" . 5BU A 1 11 ? -3.911  8.945   -1.198  1.00 14.11 ? 11   5BU A "O3'" 1 
HETATM 182  C  "C2'" . 5BU A 1 11 ? -2.970  8.959   1.056   1.00 12.87 ? 11   5BU A "C2'" 1 
HETATM 183  O  "O2'" . 5BU A 1 11 ? -3.361  10.314  1.181   1.00 16.09 ? 11   5BU A "O2'" 1 
HETATM 184  C  "C1'" . 5BU A 1 11 ? -3.374  8.191   2.314   1.00 11.58 ? 11   5BU A "C1'" 1 
HETATM 185  N  N1    . 5BU A 1 11 ? -2.507  7.032   2.580   1.00 12.28 ? 11   5BU A N1    1 
HETATM 186  C  C2    . 5BU A 1 11 ? -1.319  7.276   3.245   1.00 13.28 ? 11   5BU A C2    1 
HETATM 187  O  O2    . 5BU A 1 11 ? -0.968  8.400   3.569   1.00 13.82 ? 11   5BU A O2    1 
HETATM 188  N  N3    . 5BU A 1 11 ? -0.560  6.161   3.513   1.00 13.87 ? 11   5BU A N3    1 
HETATM 189  C  C4    . 5BU A 1 11 ? -0.859  4.854   3.180   1.00 13.24 ? 11   5BU A C4    1 
HETATM 190  O  O4    . 5BU A 1 11 ? -0.138  3.947   3.592   1.00 13.83 ? 11   5BU A O4    1 
HETATM 191  C  C5    . 5BU A 1 11 ? -2.087  4.686   2.463   1.00 14.69 ? 11   5BU A C5    1 
HETATM 192  C  C6    . 5BU A 1 11 ? -2.855  5.754   2.196   1.00 13.96 ? 11   5BU A C6    1 
HETATM 193  BR BR    . 5BU A 1 11 ? -2.595  2.982   1.874   1.00 18.17 ? 11   5BU A BR    1 
ATOM   194  P  P     . C   A 1 12 ? -2.988  8.570   -2.458  1.00 14.48 ? 12   C   A P     1 
ATOM   195  O  OP1   . C   A 1 12 ? -3.496  9.361   -3.610  1.00 15.73 ? 12   C   A OP1   1 
ATOM   196  O  OP2   . C   A 1 12 ? -2.864  7.096   -2.580  1.00 14.19 ? 12   C   A OP2   1 
ATOM   197  O  "O5'" . C   A 1 12 ? -1.552  9.117   -2.047  1.00 13.98 ? 12   C   A "O5'" 1 
ATOM   198  C  "C5'" . C   A 1 12 ? -1.308  10.513  -1.936  1.00 13.63 ? 12   C   A "C5'" 1 
ATOM   199  C  "C4'" . C   A 1 12 ? 0.095   10.753  -1.434  1.00 13.03 ? 12   C   A "C4'" 1 
ATOM   200  O  "O4'" . C   A 1 12 ? 0.223   10.269  -0.071  1.00 13.41 ? 12   C   A "O4'" 1 
ATOM   201  C  "C3'" . C   A 1 12 ? 1.195   10.004  -2.159  1.00 12.74 ? 12   C   A "C3'" 1 
ATOM   202  O  "O3'" . C   A 1 12 ? 1.505   10.603  -3.406  1.00 14.79 ? 12   C   A "O3'" 1 
ATOM   203  C  "C2'" . C   A 1 12 ? 2.322   10.100  -1.144  1.00 13.30 ? 12   C   A "C2'" 1 
ATOM   204  O  "O2'" . C   A 1 12 ? 2.897   11.388  -1.086  1.00 13.18 ? 12   C   A "O2'" 1 
ATOM   205  C  "C1'" . C   A 1 12 ? 1.551   9.813   0.146   1.00 13.18 ? 12   C   A "C1'" 1 
ATOM   206  N  N1    . C   A 1 12 ? 1.512   8.369   0.418   1.00 11.53 ? 12   C   A N1    1 
ATOM   207  C  C2    . C   A 1 12 ? 2.597   7.791   1.072   1.00 12.99 ? 12   C   A C2    1 
ATOM   208  O  O2    . C   A 1 12 ? 3.532   8.517   1.417   1.00 12.32 ? 12   C   A O2    1 
ATOM   209  N  N3    . C   A 1 12 ? 2.602   6.459   1.308   1.00 10.72 ? 12   C   A N3    1 
ATOM   210  C  C4    . C   A 1 12 ? 1.573   5.709   0.905   1.00 12.45 ? 12   C   A C4    1 
ATOM   211  N  N4    . C   A 1 12 ? 1.628   4.396   1.139   1.00 13.47 ? 12   C   A N4    1 
ATOM   212  C  C5    . C   A 1 12 ? 0.444   6.272   0.241   1.00 11.72 ? 12   C   A C5    1 
ATOM   213  C  C6    . C   A 1 12 ? 0.452   7.598   0.025   1.00 11.64 ? 12   C   A C6    1 
ATOM   214  P  P     . G   A 1 13 ? 2.046   9.687   -4.607  1.00 15.55 ? 13   G   A P     1 
ATOM   215  O  OP1   . G   A 1 13 ? 2.150   10.535  -5.825  1.00 16.34 ? 13   G   A OP1   1 
ATOM   216  O  OP2   . G   A 1 13 ? 1.263   8.428   -4.653  1.00 15.03 ? 13   G   A OP2   1 
ATOM   217  O  "O5'" . G   A 1 13 ? 3.520   9.317   -4.148  1.00 13.51 ? 13   G   A "O5'" 1 
ATOM   218  C  "C5'" . G   A 1 13 ? 4.479   10.346  -3.961  1.00 13.44 ? 13   G   A "C5'" 1 
ATOM   219  C  "C4'" . G   A 1 13 ? 5.748   9.779   -3.392  1.00 13.71 ? 13   G   A "C4'" 1 
ATOM   220  O  "O4'" . G   A 1 13 ? 5.501   9.239   -2.068  1.00 13.82 ? 13   G   A "O4'" 1 
ATOM   221  C  "C3'" . G   A 1 13 ? 6.368   8.609   -4.135  1.00 14.51 ? 13   G   A "C3'" 1 
ATOM   222  O  "O3'" . G   A 1 13 ? 7.080   9.060   -5.283  1.00 14.94 ? 13   G   A "O3'" 1 
ATOM   223  C  "C2'" . G   A 1 13 ? 7.294   8.063   -3.059  1.00 14.39 ? 13   G   A "C2'" 1 
ATOM   224  O  "O2'" . G   A 1 13 ? 8.420   8.892   -2.845  1.00 14.23 ? 13   G   A "O2'" 1 
ATOM   225  C  "C1'" . G   A 1 13 ? 6.385   8.154   -1.833  1.00 14.44 ? 13   G   A "C1'" 1 
ATOM   226  N  N9    . G   A 1 13 ? 5.595   6.946   -1.612  1.00 12.52 ? 13   G   A N9    1 
ATOM   227  C  C8    . G   A 1 13 ? 4.281   6.722   -1.955  1.00 12.56 ? 13   G   A C8    1 
ATOM   228  N  N7    . G   A 1 13 ? 3.853   5.542   -1.595  1.00 13.34 ? 13   G   A N7    1 
ATOM   229  C  C5    . G   A 1 13 ? 4.951   4.952   -0.984  1.00 12.48 ? 13   G   A C5    1 
ATOM   230  C  C6    . G   A 1 13 ? 5.099   3.676   -0.375  1.00 13.29 ? 13   G   A C6    1 
ATOM   231  O  O6    . G   A 1 13 ? 4.248   2.791   -0.217  1.00 13.70 ? 13   G   A O6    1 
ATOM   232  N  N1    . G   A 1 13 ? 6.394   3.483   0.095   1.00 13.56 ? 13   G   A N1    1 
ATOM   233  C  C2    . G   A 1 13 ? 7.411   4.401   0.016   1.00 12.05 ? 13   G   A C2    1 
ATOM   234  N  N2    . G   A 1 13 ? 8.596   4.025   0.518   1.00 14.49 ? 13   G   A N2    1 
ATOM   235  N  N3    . G   A 1 13 ? 7.279   5.601   -0.521  1.00 12.47 ? 13   G   A N3    1 
ATOM   236  C  C4    . G   A 1 13 ? 6.036   5.806   -1.000  1.00 11.57 ? 13   G   A C4    1 
ATOM   237  P  P     . A   A 1 14 ? 7.267   8.080   -6.547  1.00 16.06 ? 14   A   A P     1 
ATOM   238  O  OP1   . A   A 1 14 ? 7.799   8.914   -7.654  1.00 17.89 ? 14   A   A OP1   1 
ATOM   239  O  OP2   . A   A 1 14 ? 6.023   7.290   -6.758  1.00 17.13 ? 14   A   A OP2   1 
ATOM   240  O  "O5'" . A   A 1 14 ? 8.404   7.077   -6.076  1.00 16.78 ? 14   A   A "O5'" 1 
ATOM   241  C  "C5'" . A   A 1 14 ? 9.723   7.541   -5.819  1.00 18.54 ? 14   A   A "C5'" 1 
ATOM   242  C  "C4'" . A   A 1 14 ? 10.546  6.430   -5.218  1.00 17.15 ? 14   A   A "C4'" 1 
ATOM   243  O  "O4'" . A   A 1 14 ? 9.994   6.081   -3.919  1.00 17.06 ? 14   A   A "O4'" 1 
ATOM   244  C  "C3'" . A   A 1 14 ? 10.522  5.109   -5.974  1.00 18.31 ? 14   A   A "C3'" 1 
ATOM   245  O  "O3'" . A   A 1 14 ? 11.401  5.101   -7.094  1.00 19.93 ? 14   A   A "O3'" 1 
ATOM   246  C  "C2'" . A   A 1 14 ? 10.946  4.144   -4.879  1.00 18.05 ? 14   A   A "C2'" 1 
ATOM   247  O  "O2'" . A   A 1 14 ? 12.325  4.217   -4.574  1.00 20.15 ? 14   A   A "O2'" 1 
ATOM   248  C  "C1'" . A   A 1 14 ? 10.134  4.685   -3.702  1.00 17.34 ? 14   A   A "C1'" 1 
ATOM   249  N  N9    . A   A 1 14 ? 8.799   4.093   -3.642  1.00 15.78 ? 14   A   A N9    1 
ATOM   250  C  C8    . A   A 1 14 ? 7.627   4.576   -4.166  1.00 15.21 ? 14   A   A C8    1 
ATOM   251  N  N7    . A   A 1 14 ? 6.592   3.802   -3.949  1.00 13.36 ? 14   A   A N7    1 
ATOM   252  C  C5    . A   A 1 14 ? 7.120   2.740   -3.227  1.00 14.94 ? 14   A   A C5    1 
ATOM   253  C  C6    . A   A 1 14 ? 6.535   1.584   -2.689  1.00 13.49 ? 14   A   A C6    1 
ATOM   254  N  N6    . A   A 1 14 ? 5.236   1.297   -2.794  1.00 14.10 ? 14   A   A N6    1 
ATOM   255  N  N1    . A   A 1 14 ? 7.341   0.722   -2.030  1.00 16.61 ? 14   A   A N1    1 
ATOM   256  C  C2    . A   A 1 14 ? 8.644   1.013   -1.929  1.00 17.30 ? 14   A   A C2    1 
ATOM   257  N  N3    . A   A 1 14 ? 9.310   2.069   -2.393  1.00 16.50 ? 14   A   A N3    1 
ATOM   258  C  C4    . A   A 1 14 ? 8.479   2.904   -3.038  1.00 14.04 ? 14   A   A C4    1 
ATOM   259  P  P     . C   A 1 15 ? 11.008  4.255   -8.405  1.00 19.06 ? 15   C   A P     1 
ATOM   260  O  OP1   . C   A 1 15 ? 12.087  4.465   -9.405  1.00 23.12 ? 15   C   A OP1   1 
ATOM   261  O  OP2   . C   A 1 15 ? 9.606   4.532   -8.778  1.00 19.02 ? 15   C   A OP2   1 
ATOM   262  O  "O5'" . C   A 1 15 ? 11.085  2.740   -7.929  1.00 18.26 ? 15   C   A "O5'" 1 
ATOM   263  C  "C5'" . C   A 1 15 ? 12.315  2.186   -7.487  1.00 18.46 ? 15   C   A "C5'" 1 
ATOM   264  C  "C4'" . C   A 1 15 ? 12.073  0.876   -6.789  1.00 16.85 ? 15   C   A "C4'" 1 
ATOM   265  O  "O4'" . C   A 1 15 ? 11.150  1.089   -5.689  1.00 17.27 ? 15   C   A "O4'" 1 
ATOM   266  C  "C3'" . C   A 1 15 ? 11.374  -0.206  -7.595  1.00 17.52 ? 15   C   A "C3'" 1 
ATOM   267  O  "O3'" . C   A 1 15 ? 12.264  -0.867  -8.484  1.00 18.63 ? 15   C   A "O3'" 1 
ATOM   268  C  "C2'" . C   A 1 15 ? 10.906  -1.129  -6.485  1.00 16.19 ? 15   C   A "C2'" 1 
ATOM   269  O  "O2'" . C   A 1 15 ? 11.953  -1.905  -5.932  1.00 16.69 ? 15   C   A "O2'" 1 
ATOM   270  C  "C1'" . C   A 1 15 ? 10.419  -0.106  -5.457  1.00 15.79 ? 15   C   A "C1'" 1 
ATOM   271  N  N1    . C   A 1 15 ? 8.985   0.167   -5.620  1.00 14.02 ? 15   C   A N1    1 
ATOM   272  C  C2    . C   A 1 15 ? 8.092   -0.734  -5.055  1.00 14.99 ? 15   C   A C2    1 
ATOM   273  O  O2    . C   A 1 15 ? 8.550   -1.707  -4.434  1.00 16.36 ? 15   C   A O2    1 
ATOM   274  N  N3    . C   A 1 15 ? 6.765   -0.537  -5.203  1.00 13.21 ? 15   C   A N3    1 
ATOM   275  C  C4    . C   A 1 15 ? 6.319   0.512   -5.897  1.00 14.36 ? 15   C   A C4    1 
ATOM   276  N  N4    . C   A 1 15 ? 4.997   0.658   -6.029  1.00 15.81 ? 15   C   A N4    1 
ATOM   277  C  C5    . C   A 1 15 ? 7.212   1.459   -6.486  1.00 14.03 ? 15   C   A C5    1 
ATOM   278  C  C6    . C   A 1 15 ? 8.528   1.253   -6.316  1.00 10.95 ? 15   C   A C6    1 
ATOM   279  P  P     . G   A 1 16 ? 11.680  -1.618  -9.779  1.00 18.55 ? 16   G   A P     1 
ATOM   280  O  OP1   . G   A 1 16 ? 12.849  -2.034  -10.597 1.00 20.97 ? 16   G   A OP1   1 
ATOM   281  O  OP2   . G   A 1 16 ? 10.623  -0.780  -10.394 1.00 20.23 ? 16   G   A OP2   1 
ATOM   282  O  "O5'" . G   A 1 16 ? 10.989  -2.924  -9.183  1.00 17.72 ? 16   G   A "O5'" 1 
ATOM   283  C  "C5'" . G   A 1 16 ? 11.750  -3.932  -8.524  1.00 18.00 ? 16   G   A "C5'" 1 
ATOM   284  C  "C4'" . G   A 1 16 ? 10.857  -5.096  -8.169  1.00 20.17 ? 16   G   A "C4'" 1 
ATOM   285  O  "O4'" . G   A 1 16 ? 9.881   -4.670  -7.182  1.00 19.69 ? 16   G   A "O4'" 1 
ATOM   286  C  "C3'" . G   A 1 16 ? 10.016  -5.614  -9.325  1.00 19.56 ? 16   G   A "C3'" 1 
ATOM   287  O  "O3'" . G   A 1 16 ? 10.766  -6.544  -10.100 1.00 20.23 ? 16   G   A "O3'" 1 
ATOM   288  C  "C2'" . G   A 1 16 ? 8.839   -6.269  -8.608  1.00 20.29 ? 16   G   A "C2'" 1 
ATOM   289  O  "O2'" . G   A 1 16 ? 9.122   -7.579  -8.157  1.00 22.22 ? 16   G   A "O2'" 1 
ATOM   290  C  "C1'" . G   A 1 16 ? 8.650   -5.338  -7.408  1.00 19.85 ? 16   G   A "C1'" 1 
ATOM   291  N  N9    . G   A 1 16 ? 7.605   -4.332  -7.584  1.00 18.21 ? 16   G   A N9    1 
ATOM   292  C  C8    . G   A 1 16 ? 7.746   -3.062  -8.088  1.00 17.66 ? 16   G   A C8    1 
ATOM   293  N  N7    . G   A 1 16 ? 6.632   -2.382  -8.081  1.00 16.64 ? 16   G   A N7    1 
ATOM   294  C  C5    . G   A 1 16 ? 5.698   -3.257  -7.544  1.00 16.86 ? 16   G   A C5    1 
ATOM   295  C  C6    . G   A 1 16 ? 4.314   -3.076  -7.270  1.00 17.48 ? 16   G   A C6    1 
ATOM   296  O  O6    . G   A 1 16 ? 3.617   -2.066  -7.433  1.00 16.66 ? 16   G   A O6    1 
ATOM   297  N  N1    . G   A 1 16 ? 3.745   -4.230  -6.740  1.00 17.22 ? 16   G   A N1    1 
ATOM   298  C  C2    . G   A 1 16 ? 4.418   -5.401  -6.496  1.00 16.42 ? 16   G   A C2    1 
ATOM   299  N  N2    . G   A 1 16 ? 3.689   -6.413  -5.998  1.00 17.03 ? 16   G   A N2    1 
ATOM   300  N  N3    . G   A 1 16 ? 5.709   -5.574  -6.727  1.00 16.20 ? 16   G   A N3    1 
ATOM   301  C  C4    . G   A 1 16 ? 6.280   -4.471  -7.249  1.00 16.92 ? 16   G   A C4    1 
ATOM   302  P  P     . A   A 1 17 ? 10.527  -6.634  -11.685 1.00 21.15 ? 17   A   A P     1 
ATOM   303  O  OP1   . A   A 1 17 ? 11.756  -7.210  -12.285 1.00 21.55 ? 17   A   A OP1   1 
ATOM   304  O  OP2   . A   A 1 17 ? 9.996   -5.345  -12.188 1.00 19.72 ? 17   A   A OP2   1 
ATOM   305  O  "O5'" . A   A 1 17 ? 9.374   -7.715  -11.826 1.00 20.40 ? 17   A   A "O5'" 1 
ATOM   306  C  "C5'" . A   A 1 17 ? 9.532   -9.016  -11.286 1.00 18.93 ? 17   A   A "C5'" 1 
ATOM   307  C  "C4'" . A   A 1 17 ? 8.195   -9.692  -11.211 1.00 17.30 ? 17   A   A "C4'" 1 
ATOM   308  O  "O4'" . A   A 1 17 ? 7.368   -9.015  -10.232 1.00 16.49 ? 17   A   A "O4'" 1 
ATOM   309  C  "C3'" . A   A 1 17 ? 7.396   -9.627  -12.498 1.00 17.11 ? 17   A   A "C3'" 1 
ATOM   310  O  "O3'" . A   A 1 17 ? 7.855   -10.662 -13.372 1.00 17.93 ? 17   A   A "O3'" 1 
ATOM   311  C  "C2'" . A   A 1 17 ? 5.964   -9.799  -11.989 1.00 17.23 ? 17   A   A "C2'" 1 
ATOM   312  O  "O2'" . A   A 1 17 ? 5.622   -11.150 -11.738 1.00 17.84 ? 17   A   A "O2'" 1 
ATOM   313  C  "C1'" . A   A 1 17 ? 6.016   -9.040  -10.654 1.00 15.64 ? 17   A   A "C1'" 1 
ATOM   314  N  N9    . A   A 1 17 ? 5.531   -7.657  -10.697 1.00 16.99 ? 17   A   A N9    1 
ATOM   315  C  C8    . A   A 1 17 ? 6.131   -6.575  -11.291 1.00 17.60 ? 17   A   A C8    1 
ATOM   316  N  N7    . A   A 1 17 ? 5.453   -5.458  -11.169 1.00 17.35 ? 17   A   A N7    1 
ATOM   317  C  C5    . A   A 1 17 ? 4.326   -5.830  -10.446 1.00 16.03 ? 17   A   A C5    1 
ATOM   318  C  C6    . A   A 1 17 ? 3.207   -5.106  -9.996  1.00 13.35 ? 17   A   A C6    1 
ATOM   319  N  N6    . A   A 1 17 ? 3.026   -3.799  -10.218 1.00 15.17 ? 17   A   A N6    1 
ATOM   320  N  N1    . A   A 1 17 ? 2.262   -5.777  -9.300  1.00 14.75 ? 17   A   A N1    1 
ATOM   321  C  C2    . A   A 1 17 ? 2.442   -7.087  -9.074  1.00 14.99 ? 17   A   A C2    1 
ATOM   322  N  N3    . A   A 1 17 ? 3.449   -7.877  -9.446  1.00 14.61 ? 17   A   A N3    1 
ATOM   323  C  C4    . A   A 1 17 ? 4.366   -7.181  -10.141 1.00 14.63 ? 17   A   A C4    1 
ATOM   324  P  P     . A   A 1 18 ? 7.505   -10.614 -14.938 1.00 18.50 ? 18   A   A P     1 
ATOM   325  O  OP1   . A   A 1 18 ? 8.549   -11.414 -15.630 1.00 20.82 ? 18   A   A OP1   1 
ATOM   326  O  OP2   . A   A 1 18 ? 7.255   -9.213  -15.361 1.00 20.99 ? 18   A   A OP2   1 
ATOM   327  O  "O5'" . A   A 1 18 ? 6.133   -11.415 -14.978 1.00 17.84 ? 18   A   A "O5'" 1 
ATOM   328  C  "C5'" . A   A 1 18 ? 5.507   -11.788 -16.195 1.00 16.88 ? 18   A   A "C5'" 1 
ATOM   329  C  "C4'" . A   A 1 18 ? 4.581   -12.941 -15.926 1.00 15.29 ? 18   A   A "C4'" 1 
ATOM   330  O  "O4'" . A   A 1 18 ? 5.375   -14.136 -15.739 1.00 15.47 ? 18   A   A "O4'" 1 
ATOM   331  C  "C3'" . A   A 1 18 ? 3.801   -12.784 -14.629 1.00 14.66 ? 18   A   A "C3'" 1 
ATOM   332  O  "O3'" . A   A 1 18 ? 2.585   -12.098 -14.872 1.00 15.54 ? 18   A   A "O3'" 1 
ATOM   333  C  "C2'" . A   A 1 18 ? 3.558   -14.227 -14.198 1.00 13.78 ? 18   A   A "C2'" 1 
ATOM   334  O  "O2'" . A   A 1 18 ? 2.417   -14.803 -14.802 1.00 15.57 ? 18   A   A "O2'" 1 
ATOM   335  C  "C1'" . A   A 1 18 ? 4.827   -14.921 -14.699 1.00 14.78 ? 18   A   A "C1'" 1 
ATOM   336  N  N9    . A   A 1 18 ? 5.864   -15.118 -13.688 1.00 13.47 ? 18   A   A N9    1 
ATOM   337  C  C8    . A   A 1 18 ? 6.546   -14.174 -12.957 1.00 15.25 ? 18   A   A C8    1 
ATOM   338  N  N7    . A   A 1 18 ? 7.451   -14.684 -12.153 1.00 14.94 ? 18   A   A N7    1 
ATOM   339  C  C5    . A   A 1 18 ? 7.349   -16.054 -12.363 1.00 13.67 ? 18   A   A C5    1 
ATOM   340  C  C6    . A   A 1 18 ? 8.035   -17.153 -11.818 1.00 14.03 ? 18   A   A C6    1 
ATOM   341  N  N6    . A   A 1 18 ? 9.017   -17.047 -10.919 1.00 17.52 ? 18   A   A N6    1 
ATOM   342  N  N1    . A   A 1 18 ? 7.678   -18.387 -12.236 1.00 13.54 ? 18   A   A N1    1 
ATOM   343  C  C2    . A   A 1 18 ? 6.706   -18.499 -13.148 1.00 14.67 ? 18   A   A C2    1 
ATOM   344  N  N3    . A   A 1 18 ? 5.995   -17.545 -13.741 1.00 11.93 ? 18   A   A N3    1 
ATOM   345  C  C4    . A   A 1 18 ? 6.368   -16.333 -13.298 1.00 12.32 ? 18   A   A C4    1 
ATOM   346  P  P     . G   A 1 19 ? 2.215   -10.799 -13.996 1.00 17.24 ? 19   G   A P     1 
ATOM   347  O  OP1   . G   A 1 19 ? 2.507   -9.598  -14.812 1.00 17.77 ? 19   G   A OP1   1 
ATOM   348  O  OP2   . G   A 1 19 ? 2.803   -10.934 -12.644 1.00 16.23 ? 19   G   A OP2   1 
ATOM   349  O  "O5'" . G   A 1 19 ? 0.637   -10.905 -13.864 1.00 16.10 ? 19   G   A "O5'" 1 
ATOM   350  C  "C5'" . G   A 1 19 ? 0.033   -12.070 -13.335 1.00 16.90 ? 19   G   A "C5'" 1 
ATOM   351  C  "C4'" . G   A 1 19 ? -1.294  -11.713 -12.742 1.00 13.16 ? 19   G   A "C4'" 1 
ATOM   352  O  "O4'" . G   A 1 19 ? -1.075  -10.925 -11.540 1.00 14.65 ? 19   G   A "O4'" 1 
ATOM   353  C  "C3'" . G   A 1 19 ? -2.142  -10.820 -13.634 1.00 13.13 ? 19   G   A "C3'" 1 
ATOM   354  O  "O3'" . G   A 1 19 ? -2.891  -11.589 -14.567 1.00 13.32 ? 19   G   A "O3'" 1 
ATOM   355  C  "C2'" . G   A 1 19 ? -3.003  -10.109 -12.604 1.00 12.07 ? 19   G   A "C2'" 1 
ATOM   356  O  "O2'" . G   A 1 19 ? -4.004  -10.952 -12.064 1.00 12.97 ? 19   G   A "O2'" 1 
ATOM   357  C  "C1'" . G   A 1 19 ? -1.956  -9.816  -11.530 1.00 12.20 ? 19   G   A "C1'" 1 
ATOM   358  N  N9    . G   A 1 19 ? -1.171  -8.615  -11.794 1.00 12.55 ? 19   G   A N9    1 
ATOM   359  C  C8    . G   A 1 19 ? 0.183   -8.521  -12.019 1.00 13.67 ? 19   G   A C8    1 
ATOM   360  N  N7    . G   A 1 19 ? 0.589   -7.289  -12.189 1.00 14.02 ? 19   G   A N7    1 
ATOM   361  C  C5    . G   A 1 19 ? -0.569  -6.530  -12.075 1.00 11.83 ? 19   G   A C5    1 
ATOM   362  C  C6    . G   A 1 19 ? -0.763  -5.125  -12.144 1.00 14.09 ? 19   G   A C6    1 
ATOM   363  O  O6    . G   A 1 19 ? 0.082   -4.237  -12.324 1.00 13.88 ? 19   G   A O6    1 
ATOM   364  N  N1    . G   A 1 19 ? -2.105  -4.785  -11.968 1.00 12.97 ? 19   G   A N1    1 
ATOM   365  C  C2    . G   A 1 19 ? -3.126  -5.682  -11.752 1.00 12.96 ? 19   G   A C2    1 
ATOM   366  N  N2    . G   A 1 19 ? -4.365  -5.170  -11.617 1.00 11.32 ? 19   G   A N2    1 
ATOM   367  N  N3    . G   A 1 19 ? -2.952  -6.989  -11.674 1.00 12.17 ? 19   G   A N3    1 
ATOM   368  C  C4    . G   A 1 19 ? -1.662  -7.338  -11.843 1.00 12.97 ? 19   G   A C4    1 
ATOM   369  P  P     . U   A 1 20 ? -3.163  -11.012 -16.043 1.00 14.24 ? 20   U   A P     1 
ATOM   370  O  OP1   . U   A 1 20 ? -3.842  -12.074 -16.822 1.00 14.85 ? 20   U   A OP1   1 
ATOM   371  O  OP2   . U   A 1 20 ? -1.900  -10.417 -16.563 1.00 15.94 ? 20   U   A OP2   1 
ATOM   372  O  "O5'" . U   A 1 20 ? -4.195  -9.825  -15.810 1.00 13.17 ? 20   U   A "O5'" 1 
ATOM   373  C  "C5'" . U   A 1 20 ? -5.492  -10.090 -15.289 1.00 13.88 ? 20   U   A "C5'" 1 
ATOM   374  C  "C4'" . U   A 1 20 ? -6.283  -8.813  -15.170 1.00 15.96 ? 20   U   A "C4'" 1 
ATOM   375  O  "O4'" . U   A 1 20 ? -5.669  -7.921  -14.205 1.00 14.40 ? 20   U   A "O4'" 1 
ATOM   376  C  "C3'" . U   A 1 20 ? -6.379  -7.941  -16.407 1.00 16.06 ? 20   U   A "C3'" 1 
ATOM   377  O  "O3'" . U   A 1 20 ? -7.308  -8.474  -17.339 1.00 18.09 ? 20   U   A "O3'" 1 
ATOM   378  C  "C2'" . U   A 1 20 ? -6.878  -6.644  -15.795 1.00 16.02 ? 20   U   A "C2'" 1 
ATOM   379  O  "O2'" . U   A 1 20 ? -8.243  -6.719  -15.419 1.00 18.47 ? 20   U   A "O2'" 1 
ATOM   380  C  "C1'" . U   A 1 20 ? -6.014  -6.577  -14.533 1.00 16.52 ? 20   U   A "C1'" 1 
ATOM   381  N  N1    . U   A 1 20 ? -4.777  -5.813  -14.740 1.00 14.55 ? 20   U   A N1    1 
ATOM   382  C  C2    . U   A 1 20 ? -4.874  -4.435  -14.747 1.00 16.82 ? 20   U   A C2    1 
ATOM   383  O  O2    . U   A 1 20 ? -5.936  -3.848  -14.607 1.00 18.86 ? 20   U   A O2    1 
ATOM   384  N  N3    . U   A 1 20 ? -3.684  -3.771  -14.923 1.00 16.56 ? 20   U   A N3    1 
ATOM   385  C  C4    . U   A 1 20 ? -2.435  -4.335  -15.088 1.00 16.30 ? 20   U   A C4    1 
ATOM   386  O  O4    . U   A 1 20 ? -1.442  -3.606  -15.158 1.00 17.07 ? 20   U   A O4    1 
ATOM   387  C  C5    . U   A 1 20 ? -2.425  -5.767  -15.082 1.00 15.12 ? 20   U   A C5    1 
ATOM   388  C  C6    . U   A 1 20 ? -3.568  -6.438  -14.915 1.00 16.47 ? 20   U   A C6    1 
ATOM   389  P  P     . C   A 1 21 ? -7.087  -8.224  -18.913 1.00 20.21 ? 21   C   A P     1 
ATOM   390  O  OP1   . C   A 1 21 ? -8.201  -8.928  -19.597 1.00 23.37 ? 21   C   A OP1   1 
ATOM   391  O  OP2   . C   A 1 21 ? -5.684  -8.562  -19.262 1.00 18.45 ? 21   C   A OP2   1 
ATOM   392  O  "O5'" . C   A 1 21 ? -7.277  -6.653  -19.098 1.00 20.73 ? 21   C   A "O5'" 1 
ATOM   393  C  "C5'" . C   A 1 21 ? -8.556  -6.041  -18.942 1.00 20.90 ? 21   C   A "C5'" 1 
ATOM   394  C  "C4'" . C   A 1 21 ? -8.428  -4.537  -19.003 1.00 20.30 ? 21   C   A "C4'" 1 
ATOM   395  O  "O4'" . C   A 1 21 ? -7.611  -4.065  -17.897 1.00 18.72 ? 21   C   A "O4'" 1 
ATOM   396  C  "C3'" . C   A 1 21 ? -7.735  -3.953  -20.223 1.00 20.52 ? 21   C   A "C3'" 1 
ATOM   397  O  "O3'" . C   A 1 21 ? -8.609  -3.892  -21.345 1.00 22.43 ? 21   C   A "O3'" 1 
ATOM   398  C  "C2'" . C   A 1 21 ? -7.366  -2.571  -19.710 1.00 20.75 ? 21   C   A "C2'" 1 
ATOM   399  O  "O2'" . C   A 1 21 ? -8.472  -1.692  -19.630 1.00 22.62 ? 21   C   A "O2'" 1 
ATOM   400  C  "C1'" . C   A 1 21 ? -6.878  -2.917  -18.302 1.00 20.23 ? 21   C   A "C1'" 1 
ATOM   401  N  N1    . C   A 1 21 ? -5.450  -3.257  -18.295 1.00 18.31 ? 21   C   A N1    1 
ATOM   402  C  C2    . C   A 1 21 ? -4.515  -2.224  -18.241 1.00 19.68 ? 21   C   A C2    1 
ATOM   403  O  O2    . C   A 1 21 ? -4.925  -1.049  -18.174 1.00 19.79 ? 21   C   A O2    1 
ATOM   404  N  N3    . C   A 1 21 ? -3.196  -2.524  -18.263 1.00 17.66 ? 21   C   A N3    1 
ATOM   405  C  C4    . C   A 1 21 ? -2.804  -3.800  -18.336 1.00 17.18 ? 21   C   A C4    1 
ATOM   406  N  N4    . C   A 1 21 ? -1.493  -4.054  -18.372 1.00 16.60 ? 21   C   A N4    1 
ATOM   407  C  C5    . C   A 1 21 ? -3.738  -4.873  -18.379 1.00 17.10 ? 21   C   A C5    1 
ATOM   408  C  C6    . C   A 1 21 ? -5.038  -4.560  -18.356 1.00 17.72 ? 21   C   A C6    1 
ATOM   409  P  P     . G   A 1 22 ? -8.009  -4.009  -22.833 1.00 20.89 ? 22   G   A P     1 
ATOM   410  O  OP1   . G   A 1 22 ? -9.170  -4.101  -23.753 1.00 22.56 ? 22   G   A OP1   1 
ATOM   411  O  OP2   . G   A 1 22 ? -6.969  -5.069  -22.857 1.00 23.65 ? 22   G   A OP2   1 
ATOM   412  O  "O5'" . G   A 1 22 ? -7.307  -2.602  -23.077 1.00 22.54 ? 22   G   A "O5'" 1 
ATOM   413  C  "C5'" . G   A 1 22 ? -8.076  -1.407  -23.056 1.00 22.35 ? 22   G   A "C5'" 1 
ATOM   414  C  "C4'" . G   A 1 22 ? -7.169  -0.207  -23.092 1.00 22.29 ? 22   G   A "C4'" 1 
ATOM   415  O  "O4'" . G   A 1 22 ? -6.279  -0.235  -21.946 1.00 22.29 ? 22   G   A "O4'" 1 
ATOM   416  C  "C3'" . G   A 1 22 ? -6.208  -0.141  -24.263 1.00 21.50 ? 22   G   A "C3'" 1 
ATOM   417  O  "O3'" . G   A 1 22 ? -6.860  0.332   -25.430 1.00 21.80 ? 22   G   A "O3'" 1 
ATOM   418  C  "C2'" . G   A 1 22 ? -5.182  0.853   -23.743 1.00 20.09 ? 22   G   A "C2'" 1 
ATOM   419  O  "O2'" . G   A 1 22 ? -5.641  2.191   -23.775 1.00 22.06 ? 22   G   A "O2'" 1 
ATOM   420  C  "C1'" . G   A 1 22 ? -5.057  0.399   -22.289 1.00 20.87 ? 22   G   A "C1'" 1 
ATOM   421  N  N9    . G   A 1 22 ? -3.972  -0.551  -22.086 1.00 19.74 ? 22   G   A N9    1 
ATOM   422  C  C8    . G   A 1 22 ? -4.070  -1.907  -21.882 1.00 17.73 ? 22   G   A C8    1 
ATOM   423  N  N7    . G   A 1 22 ? -2.913  -2.479  -21.687 1.00 17.73 ? 22   G   A N7    1 
ATOM   424  C  C5    . G   A 1 22 ? -1.997  -1.438  -21.781 1.00 18.23 ? 22   G   A C5    1 
ATOM   425  C  C6    . G   A 1 22 ? -0.590  -1.439  -21.642 1.00 16.03 ? 22   G   A C6    1 
ATOM   426  O  O6    . G   A 1 22 ? 0.156   -2.389  -21.380 1.00 17.93 ? 22   G   A O6    1 
ATOM   427  N  N1    . G   A 1 22 ? -0.057  -0.167  -21.825 1.00 17.57 ? 22   G   A N1    1 
ATOM   428  C  C2    . G   A 1 22 ? -0.788  0.967   -22.097 1.00 16.79 ? 22   G   A C2    1 
ATOM   429  N  N2    . G   A 1 22 ? -0.095  2.102   -22.251 1.00 19.16 ? 22   G   A N2    1 
ATOM   430  N  N3    . G   A 1 22 ? -2.104  0.982   -22.212 1.00 17.83 ? 22   G   A N3    1 
ATOM   431  C  C4    . G   A 1 22 ? -2.638  -0.245  -22.044 1.00 17.98 ? 22   G   A C4    1 
ATOM   432  P  P     . C   A 1 23 ? -6.259  -0.020  -26.876 1.00 23.15 ? 23   C   A P     1 
ATOM   433  O  OP1   . C   A 1 23 ? -7.196  0.570   -27.869 1.00 24.08 ? 23   C   A OP1   1 
ATOM   434  O  OP2   . C   A 1 23 ? -5.939  -1.466  -26.944 1.00 22.68 ? 23   C   A OP2   1 
ATOM   435  O  "O5'" . C   A 1 23 ? -4.892  0.792   -26.934 1.00 21.14 ? 23   C   A "O5'" 1 
ATOM   436  C  "C5'" . C   A 1 23 ? -4.890  2.214   -26.993 1.00 23.06 ? 23   C   A "C5'" 1 
ATOM   437  C  "C4'" . C   A 1 23 ? -3.472  2.724   -27.015 1.00 22.39 ? 23   C   A "C4'" 1 
ATOM   438  O  "O4'" . C   A 1 23 ? -2.785  2.280   -25.817 1.00 23.14 ? 23   C   A "O4'" 1 
ATOM   439  C  "C3'" . C   A 1 23 ? -2.594  2.188   -28.133 1.00 23.56 ? 23   C   A "C3'" 1 
ATOM   440  O  "O3'" . C   A 1 23 ? -2.866  2.726   -29.432 1.00 25.00 ? 23   C   A "O3'" 1 
ATOM   441  C  "C2'" . C   A 1 23 ? -1.200  2.451   -27.583 1.00 22.97 ? 23   C   A "C2'" 1 
ATOM   442  O  "O2'" . C   A 1 23 ? -0.809  3.802   -27.717 1.00 25.43 ? 23   C   A "O2'" 1 
ATOM   443  C  "C1'" . C   A 1 23 ? -1.402  2.129   -26.099 1.00 23.26 ? 23   C   A "C1'" 1 
ATOM   444  N  N1    . C   A 1 23 ? -0.994  0.764   -25.733 1.00 21.08 ? 23   C   A N1    1 
ATOM   445  C  C2    . C   A 1 23 ? 0.351   0.522   -25.460 1.00 20.72 ? 23   C   A C2    1 
ATOM   446  O  O2    . C   A 1 23 ? 1.158   1.457   -25.564 1.00 23.93 ? 23   C   A O2    1 
ATOM   447  N  N3    . C   A 1 23 ? 0.740   -0.720  -25.097 1.00 21.15 ? 23   C   A N3    1 
ATOM   448  C  C4    . C   A 1 23 ? -0.159  -1.703  -25.018 1.00 19.37 ? 23   C   A C4    1 
ATOM   449  N  N4    . C   A 1 23 ? 0.271   -2.914  -24.652 1.00 19.89 ? 23   C   A N4    1 
ATOM   450  C  C5    . C   A 1 23 ? -1.537  -1.488  -25.306 1.00 19.91 ? 23   C   A C5    1 
ATOM   451  C  C6    . C   A 1 23 ? -1.908  -0.251  -25.656 1.00 21.28 ? 23   C   A C6    1 
ATOM   452  O  "O5'" . U   B 1 1  ? 12.457  -14.666 -25.194 1.00 25.43 ? 24   U   B "O5'" 1 
ATOM   453  C  "C5'" . U   B 1 1  ? 11.982  -14.757 -23.850 1.00 20.44 ? 24   U   B "C5'" 1 
ATOM   454  C  "C4'" . U   B 1 1  ? 12.729  -13.808 -22.945 1.00 18.85 ? 24   U   B "C4'" 1 
ATOM   455  O  "O4'" . U   B 1 1  ? 14.096  -14.276 -22.772 1.00 17.73 ? 24   U   B "O4'" 1 
ATOM   456  C  "C3'" . U   B 1 1  ? 12.838  -12.372 -23.440 1.00 17.78 ? 24   U   B "C3'" 1 
ATOM   457  O  "O3'" . U   B 1 1  ? 12.892  -11.498 -22.321 1.00 19.20 ? 24   U   B "O3'" 1 
ATOM   458  C  "C2'" . U   B 1 1  ? 14.195  -12.375 -24.140 1.00 16.63 ? 24   U   B "C2'" 1 
ATOM   459  O  "O2'" . U   B 1 1  ? 14.782  -11.091 -24.187 1.00 19.17 ? 24   U   B "O2'" 1 
ATOM   460  C  "C1'" . U   B 1 1  ? 15.002  -13.288 -23.216 1.00 16.00 ? 24   U   B "C1'" 1 
ATOM   461  N  N1    . U   B 1 1  ? 16.132  -13.983 -23.851 1.00 15.30 ? 24   U   B N1    1 
ATOM   462  C  C2    . U   B 1 1  ? 17.417  -13.539 -23.576 1.00 15.13 ? 24   U   B C2    1 
ATOM   463  O  O2    . U   B 1 1  ? 17.651  -12.571 -22.869 1.00 16.58 ? 24   U   B O2    1 
ATOM   464  N  N3    . U   B 1 1  ? 18.419  -14.275 -24.160 1.00 14.10 ? 24   U   B N3    1 
ATOM   465  C  C4    . U   B 1 1  ? 18.274  -15.381 -24.975 1.00 15.53 ? 24   U   B C4    1 
ATOM   466  O  O4    . U   B 1 1  ? 19.273  -15.998 -25.337 1.00 16.91 ? 24   U   B O4    1 
ATOM   467  C  C5    . U   B 1 1  ? 16.916  -15.758 -25.232 1.00 14.86 ? 24   U   B C5    1 
ATOM   468  C  C6    . U   B 1 1  ? 15.918  -15.062 -24.676 1.00 15.96 ? 24   U   B C6    1 
ATOM   469  P  P     . U   B 1 2  ? 11.543  -10.828 -21.755 1.00 19.17 ? 25   U   B P     1 
ATOM   470  O  OP1   . U   B 1 2  ? 11.848  -10.516 -20.344 1.00 21.07 ? 25   U   B OP1   1 
ATOM   471  O  OP2   . U   B 1 2  ? 10.381  -11.696 -22.079 1.00 22.18 ? 25   U   B OP2   1 
ATOM   472  O  "O5'" . U   B 1 2  ? 11.413  -9.455  -22.545 1.00 19.65 ? 25   U   B "O5'" 1 
ATOM   473  C  "C5'" . U   B 1 2  ? 12.435  -8.468  -22.456 1.00 21.59 ? 25   U   B "C5'" 1 
ATOM   474  C  "C4'" . U   B 1 2  ? 12.012  -7.219  -23.184 1.00 23.76 ? 25   U   B "C4'" 1 
ATOM   475  O  "O4'" . U   B 1 2  ? 11.690  -7.567  -24.552 1.00 26.33 ? 25   U   B "O4'" 1 
ATOM   476  C  "C3'" . U   B 1 2  ? 10.767  -6.523  -22.659 1.00 24.64 ? 25   U   B "C3'" 1 
ATOM   477  O  "O3'" . U   B 1 2  ? 11.169  -5.610  -21.643 1.00 24.30 ? 25   U   B "O3'" 1 
ATOM   478  C  "C2'" . U   B 1 2  ? 10.278  -5.770  -23.894 1.00 26.34 ? 25   U   B "C2'" 1 
ATOM   479  O  "O2'" . U   B 1 2  ? 10.981  -4.561  -24.085 1.00 27.69 ? 25   U   B "O2'" 1 
ATOM   480  C  "C1'" . U   B 1 2  ? 10.646  -6.736  -25.021 1.00 28.57 ? 25   U   B "C1'" 1 
ATOM   481  N  N1    . U   B 1 2  ? 9.554   -7.595  -25.501 1.00 30.63 ? 25   U   B N1    1 
ATOM   482  C  C2    . U   B 1 2  ? 8.727   -7.087  -26.483 1.00 33.34 ? 25   U   B C2    1 
ATOM   483  O  O2    . U   B 1 2  ? 8.838   -5.953  -26.918 1.00 34.32 ? 25   U   B O2    1 
ATOM   484  N  N3    . U   B 1 2  ? 7.763   -7.953  -26.935 1.00 34.26 ? 25   U   B N3    1 
ATOM   485  C  C4    . U   B 1 2  ? 7.541   -9.247  -26.507 1.00 34.60 ? 25   U   B C4    1 
ATOM   486  O  O4    . U   B 1 2  ? 6.679   -9.930  -27.066 1.00 35.64 ? 25   U   B O4    1 
ATOM   487  C  C5    . U   B 1 2  ? 8.419   -9.689  -25.465 1.00 33.21 ? 25   U   B C5    1 
ATOM   488  C  C6    . U   B 1 2  ? 9.372   -8.868  -25.010 1.00 32.01 ? 25   U   B C6    1 
ATOM   489  P  P     . G   B 1 3  ? 10.078  -4.943  -20.669 1.00 22.41 ? 26   G   B P     1 
ATOM   490  O  OP1   . G   B 1 3  ? 10.763  -4.711  -19.374 1.00 23.78 ? 26   G   B OP1   1 
ATOM   491  O  OP2   . G   B 1 3  ? 8.827   -5.747  -20.707 1.00 25.77 ? 26   G   B OP2   1 
ATOM   492  O  "O5'" . G   B 1 3  ? 9.789   -3.523  -21.333 1.00 22.37 ? 26   G   B "O5'" 1 
ATOM   493  C  "C5'" . G   B 1 3  ? 10.864  -2.656  -21.686 1.00 22.35 ? 26   G   B "C5'" 1 
ATOM   494  C  "C4'" . G   B 1 3  ? 10.337  -1.394  -22.324 1.00 21.97 ? 26   G   B "C4'" 1 
ATOM   495  O  "O4'" . G   B 1 3  ? 9.636   -1.723  -23.553 1.00 22.61 ? 26   G   B "O4'" 1 
ATOM   496  C  "C3'" . G   B 1 3  ? 9.329   -0.601  -21.508 1.00 22.59 ? 26   G   B "C3'" 1 
ATOM   497  O  "O3'" . G   B 1 3  ? 9.992   0.261   -20.593 1.00 22.54 ? 26   G   B "O3'" 1 
ATOM   498  C  "C2'" . G   B 1 3  ? 8.606   0.181   -22.594 1.00 23.21 ? 26   G   B "C2'" 1 
ATOM   499  O  "O2'" . G   B 1 3  ? 9.349   1.296   -23.048 1.00 23.82 ? 26   G   B "O2'" 1 
ATOM   500  C  "C1'" . G   B 1 3  ? 8.510   -0.873  -23.695 1.00 23.62 ? 26   G   B "C1'" 1 
ATOM   501  N  N9    . G   B 1 3  ? 7.313   -1.699  -23.600 1.00 24.45 ? 26   G   B N9    1 
ATOM   502  C  C8    . G   B 1 3  ? 7.231   -2.999  -23.163 1.00 24.44 ? 26   G   B C8    1 
ATOM   503  N  N7    . G   B 1 3  ? 6.018   -3.480  -23.214 1.00 26.87 ? 26   G   B N7    1 
ATOM   504  C  C5    . G   B 1 3  ? 5.256   -2.432  -23.712 1.00 23.43 ? 26   G   B C5    1 
ATOM   505  C  C6    . G   B 1 3  ? 3.868   -2.358  -23.995 1.00 24.04 ? 26   G   B C6    1 
ATOM   506  O  O6    . G   B 1 3  ? 3.008   -3.235  -23.870 1.00 21.50 ? 26   G   B O6    1 
ATOM   507  N  N1    . G   B 1 3  ? 3.514   -1.102  -24.480 1.00 22.18 ? 26   G   B N1    1 
ATOM   508  C  C2    . G   B 1 3  ? 4.380   -0.056  -24.671 1.00 23.98 ? 26   G   B C2    1 
ATOM   509  N  N2    . G   B 1 3  ? 3.848   1.078   -25.148 1.00 23.22 ? 26   G   B N2    1 
ATOM   510  N  N3    . G   B 1 3  ? 5.676   -0.116  -24.416 1.00 23.65 ? 26   G   B N3    1 
ATOM   511  C  C4    . G   B 1 3  ? 6.040   -1.324  -23.944 1.00 24.68 ? 26   G   B C4    1 
ATOM   512  P  P     . C   B 1 4  ? 9.284   0.643   -19.203 1.00 23.55 ? 27   C   B P     1 
ATOM   513  O  OP1   . C   B 1 4  ? 10.275  1.420   -18.414 1.00 25.09 ? 27   C   B OP1   1 
ATOM   514  O  OP2   . C   B 1 4  ? 8.675   -0.579  -18.622 1.00 24.07 ? 27   C   B OP2   1 
ATOM   515  O  "O5'" . C   B 1 4  ? 8.115   1.630   -19.631 1.00 24.57 ? 27   C   B "O5'" 1 
ATOM   516  C  "C5'" . C   B 1 4  ? 8.411   2.907   -20.177 1.00 25.13 ? 27   C   B "C5'" 1 
ATOM   517  C  "C4'" . C   B 1 4  ? 7.144   3.587   -20.622 1.00 24.92 ? 27   C   B "C4'" 1 
ATOM   518  O  "O4'" . C   B 1 4  ? 6.547   2.838   -21.716 1.00 23.13 ? 27   C   B "O4'" 1 
ATOM   519  C  "C3'" . C   B 1 4  ? 6.025   3.668   -19.597 1.00 24.98 ? 27   C   B "C3'" 1 
ATOM   520  O  "O3'" . C   B 1 4  ? 6.229   4.723   -18.664 1.00 26.14 ? 27   C   B "O3'" 1 
ATOM   521  C  "C2'" . C   B 1 4  ? 4.830   3.917   -20.502 1.00 23.46 ? 27   C   B "C2'" 1 
ATOM   522  O  "O2'" . C   B 1 4  ? 4.801   5.233   -21.017 1.00 23.19 ? 27   C   B "O2'" 1 
ATOM   523  C  "C1'" . C   B 1 4  ? 5.129   2.932   -21.634 1.00 23.61 ? 27   C   B "C1'" 1 
ATOM   524  N  N1    . C   B 1 4  ? 4.588   1.595   -21.355 1.00 22.92 ? 27   C   B N1    1 
ATOM   525  C  C2    . C   B 1 4  ? 3.243   1.356   -21.634 1.00 22.88 ? 27   C   B C2    1 
ATOM   526  O  O2    . C   B 1 4  ? 2.564   2.278   -22.115 1.00 23.02 ? 27   C   B O2    1 
ATOM   527  N  N3    . C   B 1 4  ? 2.716   0.139   -21.371 1.00 20.98 ? 27   C   B N3    1 
ATOM   528  C  C4    . C   B 1 4  ? 3.481   -0.820  -20.843 1.00 22.29 ? 27   C   B C4    1 
ATOM   529  N  N4    . C   B 1 4  ? 2.913   -2.003  -20.583 1.00 23.03 ? 27   C   B N4    1 
ATOM   530  C  C5    . C   B 1 4  ? 4.862   -0.607  -20.554 1.00 22.41 ? 27   C   B C5    1 
ATOM   531  C  C6    . C   B 1 4  ? 5.370   0.605   -20.826 1.00 22.84 ? 27   C   B C6    1 
ATOM   532  P  P     . G   B 1 5  ? 5.670   4.575   -17.163 1.00 27.36 ? 28   G   B P     1 
ATOM   533  O  OP1   . G   B 1 5  ? 6.226   5.708   -16.379 1.00 27.61 ? 28   G   B OP1   1 
ATOM   534  O  OP2   . G   B 1 5  ? 5.891   3.181   -16.696 1.00 27.49 ? 28   G   B OP2   1 
ATOM   535  O  "O5'" . G   B 1 5  ? 4.101   4.791   -17.316 1.00 25.85 ? 28   G   B "O5'" 1 
ATOM   536  C  "C5'" . G   B 1 5  ? 3.578   6.045   -17.737 1.00 25.98 ? 28   G   B "C5'" 1 
ATOM   537  C  "C4'" . G   B 1 5  ? 2.119   5.905   -18.099 1.00 23.96 ? 28   G   B "C4'" 1 
ATOM   538  O  "O4'" . G   B 1 5  ? 1.977   4.937   -19.176 1.00 22.98 ? 28   G   B "O4'" 1 
ATOM   539  C  "C3'" . G   B 1 5  ? 1.198   5.351   -17.022 1.00 23.64 ? 28   G   B "C3'" 1 
ATOM   540  O  "O3'" . G   B 1 5  ? 0.821   6.344   -16.077 1.00 22.62 ? 28   G   B "O3'" 1 
ATOM   541  C  "C2'" . G   B 1 5  ? 0.011   4.911   -17.860 1.00 22.83 ? 28   G   B "C2'" 1 
ATOM   542  O  "O2'" . G   B 1 5  ? -0.799  5.991   -18.273 1.00 26.29 ? 28   G   B "O2'" 1 
ATOM   543  C  "C1'" . G   B 1 5  ? 0.724   4.276   -19.055 1.00 22.91 ? 28   G   B "C1'" 1 
ATOM   544  N  N9    . G   B 1 5  ? 0.963   2.859   -18.800 1.00 20.00 ? 28   G   B N9    1 
ATOM   545  C  C8    . G   B 1 5  ? 2.157   2.242   -18.513 1.00 20.56 ? 28   G   B C8    1 
ATOM   546  N  N7    . G   B 1 5  ? 2.029   0.958   -18.295 1.00 20.94 ? 28   G   B N7    1 
ATOM   547  C  C5    . G   B 1 5  ? 0.671   0.717   -18.455 1.00 18.15 ? 28   G   B C5    1 
ATOM   548  C  C6    . G   B 1 5  ? -0.075  -0.483  -18.328 1.00 19.46 ? 28   G   B C6    1 
ATOM   549  O  O6    . G   B 1 5  ? 0.330   -1.619  -18.047 1.00 17.89 ? 28   G   B O6    1 
ATOM   550  N  N1    . G   B 1 5  ? -1.429  -0.272  -18.564 1.00 18.47 ? 28   G   B N1    1 
ATOM   551  C  C2    . G   B 1 5  ? -1.995  0.936   -18.883 1.00 17.48 ? 28   G   B C2    1 
ATOM   552  N  N2    . G   B 1 5  ? -3.322  0.934   -19.076 1.00 17.85 ? 28   G   B N2    1 
ATOM   553  N  N3    . G   B 1 5  ? -1.314  2.060   -19.005 1.00 19.71 ? 28   G   B N3    1 
ATOM   554  C  C4    . G   B 1 5  ? 0.004   1.880   -18.776 1.00 19.39 ? 28   G   B C4    1 
ATOM   555  P  P     . U   B 1 6  ? 0.473   5.913   -14.571 1.00 22.46 ? 29   U   B P     1 
ATOM   556  O  OP1   . U   B 1 6  ? 0.098   7.155   -13.835 1.00 23.86 ? 29   U   B OP1   1 
ATOM   557  O  OP2   . U   B 1 6  ? 1.565   5.054   -14.049 1.00 22.49 ? 29   U   B OP2   1 
ATOM   558  O  "O5'" . U   B 1 6  ? -0.826  5.009   -14.718 1.00 20.29 ? 29   U   B "O5'" 1 
ATOM   559  C  "C5'" . U   B 1 6  ? -2.051  5.561   -15.180 1.00 20.92 ? 29   U   B "C5'" 1 
ATOM   560  C  "C4'" . U   B 1 6  ? -3.130  4.509   -15.161 1.00 19.16 ? 29   U   B "C4'" 1 
ATOM   561  O  "O4'" . U   B 1 6  ? -2.808  3.454   -16.110 1.00 19.55 ? 29   U   B "O4'" 1 
ATOM   562  C  "C3'" . U   B 1 6  ? -3.311  3.772   -13.846 1.00 19.27 ? 29   U   B "C3'" 1 
ATOM   563  O  "O3'" . U   B 1 6  ? -4.094  4.542   -12.936 1.00 18.41 ? 29   U   B "O3'" 1 
ATOM   564  C  "C2'" . U   B 1 6  ? -4.026  2.515   -14.318 1.00 18.11 ? 29   U   B "C2'" 1 
ATOM   565  O  "O2'" . U   B 1 6  ? -5.374  2.771   -14.656 1.00 18.94 ? 29   U   B "O2'" 1 
ATOM   566  C  "C1'" . U   B 1 6  ? -3.241  2.204   -15.595 1.00 17.58 ? 29   U   B "C1'" 1 
ATOM   567  N  N1    . U   B 1 6  ? -2.056  1.360   -15.373 1.00 15.23 ? 29   U   B N1    1 
ATOM   568  C  C2    . U   B 1 6  ? -2.248  -0.008  -15.294 1.00 17.52 ? 29   U   B C2    1 
ATOM   569  O  O2    . U   B 1 6  ? -3.347  -0.523  -15.372 1.00 17.07 ? 29   U   B O2    1 
ATOM   570  N  N3    . U   B 1 6  ? -1.103  -0.749  -15.111 1.00 16.39 ? 29   U   B N3    1 
ATOM   571  C  C4    . U   B 1 6  ? 0.184   -0.271  -14.985 1.00 18.43 ? 29   U   B C4    1 
ATOM   572  O  O4    . U   B 1 6  ? 1.111   -1.067  -14.804 1.00 18.23 ? 29   U   B O4    1 
ATOM   573  C  C5    . U   B 1 6  ? 0.301   1.157   -15.064 1.00 18.39 ? 29   U   B C5    1 
ATOM   574  C  C6    . U   B 1 6  ? -0.794  1.905   -15.254 1.00 15.95 ? 29   U   B C6    1 
ATOM   575  P  P     . C   B 1 7  ? -3.637  4.676   -11.400 1.00 19.44 ? 30   C   B P     1 
ATOM   576  O  OP1   . C   B 1 7  ? -4.112  6.004   -10.934 1.00 20.92 ? 30   C   B OP1   1 
ATOM   577  O  OP2   . C   B 1 7  ? -2.204  4.318   -11.261 1.00 19.90 ? 30   C   B OP2   1 
ATOM   578  O  "O5'" . C   B 1 7  ? -4.475  3.559   -10.641 1.00 17.21 ? 30   C   B "O5'" 1 
ATOM   579  C  "C5'" . C   B 1 7  ? -5.895  3.601   -10.638 1.00 16.00 ? 30   C   B "C5'" 1 
ATOM   580  C  "C4'" . C   B 1 7  ? -6.449  2.203   -10.573 1.00 15.53 ? 30   C   B "C4'" 1 
ATOM   581  O  "O4'" . C   B 1 7  ? -5.985  1.449   -11.727 1.00 15.13 ? 30   C   B "O4'" 1 
ATOM   582  C  "C3'" . C   B 1 7  ? -5.985  1.361   -9.398  1.00 13.54 ? 30   C   B "C3'" 1 
ATOM   583  O  "O3'" . C   B 1 7  ? -6.735  1.666   -8.229  1.00 15.58 ? 30   C   B "O3'" 1 
ATOM   584  C  "C2'" . C   B 1 7  ? -6.299  -0.035  -9.913  1.00 14.02 ? 30   C   B "C2'" 1 
ATOM   585  O  "O2'" . C   B 1 7  ? -7.691  -0.284  -9.873  1.00 13.39 ? 30   C   B "O2'" 1 
ATOM   586  C  "C1'" . C   B 1 7  ? -5.837  0.085   -11.369 1.00 14.44 ? 30   C   B "C1'" 1 
ATOM   587  N  N1    . C   B 1 7  ? -4.425  -0.289  -11.559 1.00 14.75 ? 30   C   B N1    1 
ATOM   588  C  C2    . C   B 1 7  ? -4.098  -1.642  -11.683 1.00 13.71 ? 30   C   B C2    1 
ATOM   589  O  O2    . C   B 1 7  ? -5.007  -2.483  -11.626 1.00 13.62 ? 30   C   B O2    1 
ATOM   590  N  N3    . C   B 1 7  ? -2.805  -1.999  -11.852 1.00 12.03 ? 30   C   B N3    1 
ATOM   591  C  C4    . C   B 1 7  ? -1.854  -1.066  -11.883 1.00 13.66 ? 30   C   B C4    1 
ATOM   592  N  N4    . C   B 1 7  ? -0.589  -1.473  -12.028 1.00 12.13 ? 30   C   B N4    1 
ATOM   593  C  C5    . C   B 1 7  ? -2.156  0.323   -11.761 1.00 14.58 ? 30   C   B C5    1 
ATOM   594  C  C6    . C   B 1 7  ? -3.444  0.663   -11.604 1.00 15.17 ? 30   C   B C6    1 
ATOM   595  P  P     . G   B 1 8  ? -6.124  1.341   -6.776  1.00 19.27 ? 31   G   B P     1 
ATOM   596  O  OP1   . G   B 1 8  ? -7.129  1.781   -5.772  1.00 21.62 ? 31   G   B OP1   1 
ATOM   597  O  OP2   . G   B 1 8  ? -4.736  1.853   -6.703  1.00 21.47 ? 31   G   B OP2   1 
ATOM   598  O  "O5'" . G   B 1 8  ? -6.041  -0.245  -6.720  1.00 18.29 ? 31   G   B "O5'" 1 
ATOM   599  C  "C5'" . G   B 1 8  ? -7.214  -1.040  -6.625  1.00 19.16 ? 31   G   B "C5'" 1 
ATOM   600  C  "C4'" . G   B 1 8  ? -6.861  -2.492  -6.805  1.00 19.26 ? 31   G   B "C4'" 1 
ATOM   601  O  "O4'" . G   B 1 8  ? -6.186  -2.653  -8.084  1.00 18.82 ? 31   G   B "O4'" 1 
ATOM   602  C  "C3'" . G   B 1 8  ? -5.851  -3.048  -5.816  1.00 19.55 ? 31   G   B "C3'" 1 
ATOM   603  O  "O3'" . G   B 1 8  ? -6.468  -3.407  -4.588  1.00 20.47 ? 31   G   B "O3'" 1 
ATOM   604  C  "C2'" . G   B 1 8  ? -5.340  -4.264  -6.570  1.00 19.53 ? 31   G   B "C2'" 1 
ATOM   605  O  "O2'" . G   B 1 8  ? -6.268  -5.333  -6.570  1.00 18.62 ? 31   G   B "O2'" 1 
ATOM   606  C  "C1'" . G   B 1 8  ? -5.214  -3.687  -7.980  1.00 17.42 ? 31   G   B "C1'" 1 
ATOM   607  N  N9    . G   B 1 8  ? -3.894  -3.122  -8.250  1.00 15.65 ? 31   G   B N9    1 
ATOM   608  C  C8    . G   B 1 8  ? -3.543  -1.794  -8.326  1.00 17.16 ? 31   G   B C8    1 
ATOM   609  N  N7    . G   B 1 8  ? -2.277  -1.614  -8.603  1.00 16.03 ? 31   G   B N7    1 
ATOM   610  C  C5    . G   B 1 8  ? -1.766  -2.902  -8.720  1.00 16.27 ? 31   G   B C5    1 
ATOM   611  C  C6    . G   B 1 8  ? -0.447  -3.353  -9.016  1.00 16.20 ? 31   G   B C6    1 
ATOM   612  O  O6    . G   B 1 8  ? 0.569   -2.683  -9.247  1.00 15.01 ? 31   G   B O6    1 
ATOM   613  N  N1    . G   B 1 8  ? -0.373  -4.745  -9.024  1.00 15.75 ? 31   G   B N1    1 
ATOM   614  C  C2    . G   B 1 8  ? -1.426  -5.593  -8.769  1.00 16.64 ? 31   G   B C2    1 
ATOM   615  N  N2    . G   B 1 8  ? -1.159  -6.907  -8.800  1.00 17.11 ? 31   G   B N2    1 
ATOM   616  N  N3    . G   B 1 8  ? -2.651  -5.185  -8.500  1.00 15.61 ? 31   G   B N3    1 
ATOM   617  C  C4    . G   B 1 8  ? -2.749  -3.839  -8.493  1.00 16.06 ? 31   G   B C4    1 
ATOM   618  P  P     . C   B 1 9  ? -5.621  -3.323  -3.225  1.00 21.84 ? 32   C   B P     1 
ATOM   619  O  OP1   . C   B 1 9  ? -6.523  -3.741  -2.123  1.00 23.60 ? 32   C   B OP1   1 
ATOM   620  O  OP2   . C   B 1 9  ? -4.938  -2.009  -3.162  1.00 20.58 ? 32   C   B OP2   1 
ATOM   621  O  "O5'" . C   B 1 9  ? -4.502  -4.437  -3.400  1.00 20.72 ? 32   C   B "O5'" 1 
ATOM   622  C  "C5'" . C   B 1 9  ? -4.860  -5.809  -3.480  1.00 20.70 ? 32   C   B "C5'" 1 
ATOM   623  C  "C4'" . C   B 1 9  ? -3.639  -6.642  -3.738  1.00 18.93 ? 32   C   B "C4'" 1 
ATOM   624  O  "O4'" . C   B 1 9  ? -3.091  -6.333  -5.050  1.00 18.39 ? 32   C   B "O4'" 1 
ATOM   625  C  "C3'" . C   B 1 9  ? -2.469  -6.376  -2.811  1.00 18.45 ? 32   C   B "C3'" 1 
ATOM   626  O  "O3'" . C   B 1 9  ? -2.667  -6.979  -1.533  1.00 19.48 ? 32   C   B "O3'" 1 
ATOM   627  C  "C2'" . C   B 1 9  ? -1.334  -6.999  -3.609  1.00 18.30 ? 32   C   B "C2'" 1 
ATOM   628  O  "O2'" . C   B 1 9  ? -1.346  -8.412  -3.574  1.00 19.20 ? 32   C   B "O2'" 1 
ATOM   629  C  "C1'" . C   B 1 9  ? -1.679  -6.507  -5.020  1.00 16.87 ? 32   C   B "C1'" 1 
ATOM   630  N  N1    . C   B 1 9  ? -1.036  -5.215  -5.320  1.00 16.84 ? 32   C   B N1    1 
ATOM   631  C  C2    . C   B 1 9  ? 0.283   -5.217  -5.790  1.00 16.36 ? 32   C   B C2    1 
ATOM   632  O  O2    . C   B 1 9  ? 0.859   -6.302  -5.957  1.00 17.15 ? 32   C   B O2    1 
ATOM   633  N  N3    . C   B 1 9  ? 0.895   -4.038  -6.049  1.00 16.44 ? 32   C   B N3    1 
ATOM   634  C  C4    . C   B 1 9  ? 0.243   -2.892  -5.854  1.00 16.70 ? 32   C   B C4    1 
ATOM   635  N  N4    . C   B 1 9  ? 0.895   -1.752  -6.110  1.00 18.33 ? 32   C   B N4    1 
ATOM   636  C  C5    . C   B 1 9  ? -1.104  -2.859  -5.384  1.00 16.64 ? 32   C   B C5    1 
ATOM   637  C  C6    . C   B 1 9  ? -1.699  -4.033  -5.133  1.00 16.89 ? 32   C   B C6    1 
ATOM   638  P  P     . G   B 1 10 ? -2.011  -6.308  -0.223  1.00 18.96 ? 33   G   B P     1 
ATOM   639  O  OP1   . G   B 1 10 ? -2.485  -7.102  0.944   1.00 21.71 ? 33   G   B OP1   1 
ATOM   640  O  OP2   . G   B 1 10 ? -2.225  -4.835  -0.245  1.00 21.31 ? 33   G   B OP2   1 
ATOM   641  O  "O5'" . G   B 1 10 ? -0.458  -6.581  -0.408  1.00 17.70 ? 33   G   B "O5'" 1 
ATOM   642  C  "C5'" . G   B 1 10 ? 0.043   -7.913  -0.434  1.00 18.10 ? 33   G   B "C5'" 1 
ATOM   643  C  "C4'" . G   B 1 10 ? 1.499   -7.916  -0.819  1.00 18.37 ? 33   G   B "C4'" 1 
ATOM   644  O  "O4'" . G   B 1 10 ? 1.653   -7.359  -2.151  1.00 16.37 ? 33   G   B "O4'" 1 
ATOM   645  C  "C3'" . G   B 1 10 ? 2.432   -7.074  0.036   1.00 19.69 ? 33   G   B "C3'" 1 
ATOM   646  O  "O3'" . G   B 1 10 ? 2.812   -7.791  1.206   1.00 21.02 ? 33   G   B "O3'" 1 
ATOM   647  C  "C2'" . G   B 1 10 ? 3.618   -6.901  -0.901  1.00 18.55 ? 33   G   B "C2'" 1 
ATOM   648  O  "O2'" . G   B 1 10 ? 4.433   -8.052  -0.945  1.00 19.24 ? 33   G   B "O2'" 1 
ATOM   649  C  "C1'" . G   B 1 10 ? 2.914   -6.722  -2.249  1.00 17.13 ? 33   G   B "C1'" 1 
ATOM   650  N  N9    . G   B 1 10 ? 2.706   -5.325  -2.618  1.00 16.39 ? 33   G   B N9    1 
ATOM   651  C  C8    . G   B 1 10 ? 1.536   -4.601  -2.568  1.00 16.30 ? 33   G   B C8    1 
ATOM   652  N  N7    . G   B 1 10 ? 1.678   -3.373  -2.993  1.00 14.59 ? 33   G   B N7    1 
ATOM   653  C  C5    . G   B 1 10 ? 3.020   -3.284  -3.339  1.00 15.61 ? 33   G   B C5    1 
ATOM   654  C  C6    . G   B 1 10 ? 3.770   -2.200  -3.879  1.00 15.65 ? 33   G   B C6    1 
ATOM   655  O  O6    . G   B 1 10 ? 3.384   -1.063  -4.183  1.00 16.89 ? 33   G   B O6    1 
ATOM   656  N  N1    . G   B 1 10 ? 5.105   -2.547  -4.064  1.00 15.22 ? 33   G   B N1    1 
ATOM   657  C  C2    . G   B 1 10 ? 5.653   -3.770  -3.770  1.00 16.29 ? 33   G   B C2    1 
ATOM   658  N  N2    . G   B 1 10 ? 6.974   -3.898  -3.977  1.00 15.52 ? 33   G   B N2    1 
ATOM   659  N  N3    . G   B 1 10 ? 4.963   -4.790  -3.292  1.00 15.63 ? 33   G   B N3    1 
ATOM   660  C  C4    . G   B 1 10 ? 3.666   -4.479  -3.101  1.00 16.47 ? 33   G   B C4    1 
HETATM 661  P  P     . 5BU B 1 11 ? 3.309   -6.994  2.510   1.00 20.45 ? 34   5BU B P     1 
HETATM 662  O  OP1   . 5BU B 1 11 ? 3.436   -8.015  3.586   1.00 21.43 ? 34   5BU B OP1   1 
HETATM 663  O  OP2   . 5BU B 1 11 ? 2.449   -5.805  2.728   1.00 19.60 ? 34   5BU B OP2   1 
HETATM 664  O  "O5'" . 5BU B 1 11 ? 4.769   -6.492  2.123   1.00 20.50 ? 34   5BU B "O5'" 1 
HETATM 665  C  "C5'" . 5BU B 1 11 ? 5.833   -7.418  1.937   1.00 19.59 ? 34   5BU B "C5'" 1 
HETATM 666  C  "C4'" . 5BU B 1 11 ? 7.101   -6.688  1.568   1.00 19.87 ? 34   5BU B "C4'" 1 
HETATM 667  O  "O4'" . 5BU B 1 11 ? 6.977   -6.101  0.242   1.00 20.32 ? 34   5BU B "O4'" 1 
HETATM 668  C  "C3'" . 5BU B 1 11 ? 7.460   -5.505  2.450   1.00 19.33 ? 34   5BU B "C3'" 1 
HETATM 669  O  "O3'" . 5BU B 1 11 ? 8.089   -5.913  3.659   1.00 21.13 ? 34   5BU B "O3'" 1 
HETATM 670  C  "C2'" . 5BU B 1 11 ? 8.410   -4.735  1.546   1.00 19.20 ? 34   5BU B "C2'" 1 
HETATM 671  O  "O2'" . 5BU B 1 11 ? 9.700   -5.314  1.491   1.00 22.27 ? 34   5BU B "O2'" 1 
HETATM 672  C  "C1'" . 5BU B 1 11 ? 7.707   -4.883  0.194   1.00 19.69 ? 34   5BU B "C1'" 1 
HETATM 673  N  N1    . 5BU B 1 11 ? 6.768   -3.789  -0.102  1.00 18.83 ? 34   5BU B N1    1 
HETATM 674  C  C2    . 5BU B 1 11 ? 7.284   -2.650  -0.682  1.00 17.40 ? 34   5BU B C2    1 
HETATM 675  O  O2    . 5BU B 1 11 ? 8.474   -2.501  -0.904  1.00 19.15 ? 34   5BU B O2    1 
HETATM 676  N  N3    . 5BU B 1 11 ? 6.359   -1.679  -0.984  1.00 16.57 ? 34   5BU B N3    1 
HETATM 677  C  C4    . 5BU B 1 11 ? 5.002   -1.723  -0.750  1.00 15.91 ? 34   5BU B C4    1 
HETATM 678  O  O4    . 5BU B 1 11 ? 4.290   -0.797  -1.131  1.00 16.80 ? 34   5BU B O4    1 
HETATM 679  C  C5    . 5BU B 1 11 ? 4.545   -2.909  -0.113  1.00 18.59 ? 34   5BU B C5    1 
HETATM 680  C  C6    . 5BU B 1 11 ? 5.420   -3.889  0.178   1.00 16.57 ? 34   5BU B C6    1 
HETATM 681  BR BR    . 5BU B 1 11 ? 2.748   -3.027  0.384   1.00 20.84 ? 34   5BU B BR    1 
ATOM   682  P  P     . C   B 1 12 ? 7.887   -5.036  4.990   1.00 22.68 ? 35   C   B P     1 
ATOM   683  O  OP1   . C   B 1 12 ? 8.557   -5.762  6.108   1.00 21.84 ? 35   C   B OP1   1 
ATOM   684  O  OP2   . C   B 1 12 ? 6.464   -4.652  5.117   1.00 20.04 ? 35   C   B OP2   1 
ATOM   685  O  "O5'" . C   B 1 12 ? 8.715   -3.707  4.705   1.00 19.33 ? 35   C   B "O5'" 1 
ATOM   686  C  "C5'" . C   B 1 12 ? 10.133  -3.741  4.587   1.00 19.13 ? 35   C   B "C5'" 1 
ATOM   687  C  "C4'" . C   B 1 12 ? 10.645  -2.406  4.111   1.00 18.71 ? 35   C   B "C4'" 1 
ATOM   688  O  "O4'" . C   B 1 12 ? 10.164  -2.148  2.761   1.00 18.17 ? 35   C   B "O4'" 1 
ATOM   689  C  "C3'" . C   B 1 12 ? 10.147  -1.194  4.877   1.00 19.15 ? 35   C   B "C3'" 1 
ATOM   690  O  "O3'" . C   B 1 12 ? 10.812  -1.033  6.123   1.00 18.81 ? 35   C   B "O3'" 1 
ATOM   691  C  "C2'" . C   B 1 12 ? 10.442  -0.083  3.882   1.00 17.30 ? 35   C   B "C2'" 1 
ATOM   692  O  "O2'" . C   B 1 12 ? 11.810  0.261   3.791   1.00 17.62 ? 35   C   B "O2'" 1 
ATOM   693  C  "C1'" . C   B 1 12 ? 9.988   -0.748  2.581   1.00 17.59 ? 35   C   B "C1'" 1 
ATOM   694  N  N1    . C   B 1 12 ? 8.567   -0.478  2.316   1.00 16.25 ? 35   C   B N1    1 
ATOM   695  C  C2    . C   B 1 12 ? 8.235   0.697   1.642   1.00 16.34 ? 35   C   B C2    1 
ATOM   696  O  O2    . C   B 1 12 ? 9.147   1.448   1.273   1.00 15.11 ? 35   C   B O2    1 
ATOM   697  N  N3    . C   B 1 12 ? 6.940   0.991   1.416   1.00 14.68 ? 35   C   B N3    1 
ATOM   698  C  C4    . C   B 1 12 ? 5.984   0.169   1.851   1.00 15.85 ? 35   C   B C4    1 
ATOM   699  N  N4    . C   B 1 12 ? 4.716   0.526   1.642   1.00 14.97 ? 35   C   B N4    1 
ATOM   700  C  C5    . C   B 1 12 ? 6.289   -1.051  2.529   1.00 15.22 ? 35   C   B C5    1 
ATOM   701  C  C6    . C   B 1 12 ? 7.585   -1.334  2.734   1.00 17.30 ? 35   C   B C6    1 
ATOM   702  P  P     . G   B 1 13 ? 10.026  -0.373  7.362   1.00 17.55 ? 36   G   B P     1 
ATOM   703  O  OP1   . G   B 1 13 ? 10.912  -0.481  8.552   1.00 17.68 ? 36   G   B OP1   1 
ATOM   704  O  OP2   . G   B 1 13 ? 8.637   -0.892  7.435   1.00 18.46 ? 36   G   B OP2   1 
ATOM   705  O  "O5'" . G   B 1 13 ? 9.935   1.168   6.973   1.00 17.60 ? 36   G   B "O5'" 1 
ATOM   706  C  "C5'" . G   B 1 13 ? 11.110  1.963   6.909   1.00 14.72 ? 36   G   B "C5'" 1 
ATOM   707  C  "C4'" . G   B 1 13 ? 10.783  3.335   6.378   1.00 13.61 ? 36   G   B "C4'" 1 
ATOM   708  O  "O4'" . G   B 1 13 ? 10.277  3.244   5.021   1.00 13.63 ? 36   G   B "O4'" 1 
ATOM   709  C  "C3'" . G   B 1 13 ? 9.678   4.095   7.085   1.00 13.29 ? 36   G   B "C3'" 1 
ATOM   710  O  "O3'" . G   B 1 13 ? 10.128  4.637   8.318   1.00 14.68 ? 36   G   B "O3'" 1 
ATOM   711  C  "C2'" . G   B 1 13 ? 9.388   5.176   6.056   1.00 12.36 ? 36   G   B "C2'" 1 
ATOM   712  O  "O2'" . G   B 1 13 ? 10.383  6.185   6.018   1.00 13.39 ? 36   G   B "O2'" 1 
ATOM   713  C  "C1'" . G   B 1 13 ? 9.424   4.349   4.769   1.00 13.65 ? 36   G   B "C1'" 1 
ATOM   714  N  N9    . G   B 1 13 ? 8.101   3.837   4.432   1.00 12.16 ? 36   G   B N9    1 
ATOM   715  C  C8    . G   B 1 13 ? 7.575   2.607   4.743   1.00 13.96 ? 36   G   B C8    1 
ATOM   716  N  N7    . G   B 1 13 ? 6.341   2.461   4.338   1.00 13.12 ? 36   G   B N7    1 
ATOM   717  C  C5    . G   B 1 13 ? 6.044   3.665   3.711   1.00 12.72 ? 36   G   B C5    1 
ATOM   718  C  C6    . G   B 1 13 ? 4.850   4.110   3.080   1.00 13.26 ? 36   G   B C6    1 
ATOM   719  O  O6    . G   B 1 13 ? 3.779   3.500   2.924   1.00 12.48 ? 36   G   B O6    1 
ATOM   720  N  N1    . G   B 1 13 ? 4.986   5.407   2.593   1.00 11.62 ? 36   G   B N1    1 
ATOM   721  C  C2    . G   B 1 13 ? 6.122   6.171   2.685   1.00 11.87 ? 36   G   B C2    1 
ATOM   722  N  N2    . G   B 1 13 ? 6.057   7.398   2.148   1.00 11.24 ? 36   G   B N2    1 
ATOM   723  N  N3    . G   B 1 13 ? 7.238   5.766   3.262   1.00 10.92 ? 36   G   B N3    1 
ATOM   724  C  C4    . G   B 1 13 ? 7.126   4.517   3.755   1.00 13.15 ? 36   G   B C4    1 
ATOM   725  P  P     . A   B 1 14 ? 9.086   4.852   9.517   1.00 15.77 ? 37   A   B P     1 
ATOM   726  O  OP1   . A   B 1 14 ? 9.903   5.209   10.707  1.00 17.61 ? 37   A   B OP1   1 
ATOM   727  O  OP2   . A   B 1 14 ? 8.146   3.707   9.594   1.00 16.94 ? 37   A   B OP2   1 
ATOM   728  O  "O5'" . A   B 1 14 ? 8.259   6.137   9.077   1.00 15.96 ? 37   A   B "O5'" 1 
ATOM   729  C  "C5'" . A   B 1 14 ? 8.913   7.388   8.927   1.00 15.45 ? 37   A   B "C5'" 1 
ATOM   730  C  "C4'" . A   B 1 14 ? 8.030   8.353   8.177   1.00 15.16 ? 37   A   B "C4'" 1 
ATOM   731  O  "O4'" . A   B 1 14 ? 7.737   7.820   6.853   1.00 13.67 ? 37   A   B "O4'" 1 
ATOM   732  C  "C3'" . A   B 1 14 ? 6.646   8.602   8.752   1.00 14.46 ? 37   A   B "C3'" 1 
ATOM   733  O  "O3'" . A   B 1 14 ? 6.662   9.482   9.874   1.00 18.46 ? 37   A   B "O3'" 1 
ATOM   734  C  "C2'" . A   B 1 14 ? 5.964   9.212   7.538   1.00 14.13 ? 37   A   B "C2'" 1 
ATOM   735  O  "O2'" . A   B 1 14 ? 6.445   10.511  7.255   1.00 14.04 ? 37   A   B "O2'" 1 
ATOM   736  C  "C1'" . A   B 1 14 ? 6.440   8.249   6.449   1.00 13.26 ? 37   A   B "C1'" 1 
ATOM   737  N  N9    . A   B 1 14 ? 5.567   7.078   6.361   1.00 12.06 ? 37   A   B N9    1 
ATOM   738  C  C8    . A   B 1 14 ? 5.759   5.832   6.899   1.00 12.90 ? 37   A   B C8    1 
ATOM   739  N  N7    . A   B 1 14 ? 4.766   5.001   6.682   1.00 13.09 ? 37   A   B N7    1 
ATOM   740  C  C5    . A   B 1 14 ? 3.866   5.748   5.936   1.00 12.82 ? 37   A   B C5    1 
ATOM   741  C  C6    . A   B 1 14 ? 2.608   5.442   5.387   1.00 10.67 ? 37   A   B C6    1 
ATOM   742  N  N6    . A   B 1 14 ? 2.023   4.245   5.496   1.00 12.77 ? 37   A   B N6    1 
ATOM   743  N  N1    . A   B 1 14 ? 1.966   6.417   4.707   1.00 9.89  ? 37   A   B N1    1 
ATOM   744  C  C2    . A   B 1 14 ? 2.561   7.613   4.585   1.00 11.79 ? 37   A   B C2    1 
ATOM   745  N  N3    . A   B 1 14 ? 3.742   8.017   5.048   1.00 11.96 ? 37   A   B N3    1 
ATOM   746  C  C4    . A   B 1 14 ? 4.348   7.028   5.725   1.00 12.03 ? 37   A   B C4    1 
ATOM   747  P  P     . C   B 1 15 ? 5.625   9.252   11.084  1.00 17.62 ? 38   C   B P     1 
ATOM   748  O  OP1   . C   B 1 15 ? 5.985   10.222  12.149  1.00 19.66 ? 38   C   B OP1   1 
ATOM   749  O  OP2   . C   B 1 15 ? 5.558   7.804   11.407  1.00 18.93 ? 38   C   B OP2   1 
ATOM   750  O  "O5'" . C   B 1 15 ? 4.210   9.663   10.474  1.00 16.90 ? 38   C   B "O5'" 1 
ATOM   751  C  "C5'" . C   B 1 15 ? 4.001   10.969  9.962   1.00 14.45 ? 38   C   B "C5'" 1 
ATOM   752  C  "C4'" . C   B 1 15 ? 2.767   11.010  9.086   1.00 13.51 ? 38   C   B "C4'" 1 
ATOM   753  O  "O4'" . C   B 1 15 ? 2.874   10.030  8.019   1.00 13.89 ? 38   C   B "O4'" 1 
ATOM   754  C  "C3'" . C   B 1 15 ? 1.427   10.664  9.715   1.00 12.35 ? 38   C   B "C3'" 1 
ATOM   755  O  "O3'" . C   B 1 15 ? 0.909   11.739  10.485  1.00 14.65 ? 38   C   B "O3'" 1 
ATOM   756  C  "C2'" . C   B 1 15 ? 0.592   10.441  8.467   1.00 12.72 ? 38   C   B "C2'" 1 
ATOM   757  O  "O2'" . C   B 1 15 ? 0.290   11.660  7.811   1.00 13.86 ? 38   C   B "O2'" 1 
ATOM   758  C  "C1'" . C   B 1 15 ? 1.570   9.619   7.626   1.00 13.80 ? 38   C   B "C1'" 1 
ATOM   759  N  N1    . C   B 1 15 ? 1.424   8.176   7.890   1.00 13.45 ? 38   C   B N1    1 
ATOM   760  C  C2    . C   B 1 15 ? 0.351   7.507   7.308   1.00 13.07 ? 38   C   B C2    1 
ATOM   761  O  O2    . C   B 1 15 ? -0.423  8.146   6.584   1.00 14.42 ? 38   C   B O2    1 
ATOM   762  N  N3    . C   B 1 15 ? 0.179   6.186   7.547   1.00 12.64 ? 38   C   B N3    1 
ATOM   763  C  C4    . C   B 1 15 ? 1.032   5.538   8.343   1.00 14.23 ? 38   C   B C4    1 
ATOM   764  N  N4    . C   B 1 15 ? 0.816   4.233   8.564   1.00 15.77 ? 38   C   B N4    1 
ATOM   765  C  C5    . C   B 1 15 ? 2.142   6.193   8.949   1.00 11.98 ? 38   C   B C5    1 
ATOM   766  C  C6    . C   B 1 15 ? 2.302   7.502   8.694   1.00 13.92 ? 38   C   B C6    1 
ATOM   767  P  P     . G   B 1 16 ? -0.137  11.436  11.668  1.00 14.62 ? 39   G   B P     1 
ATOM   768  O  OP1   . G   B 1 16 ? -0.387  12.727  12.375  1.00 16.90 ? 39   G   B OP1   1 
ATOM   769  O  OP2   . G   B 1 16 ? 0.333   10.262  12.451  1.00 15.22 ? 39   G   B OP2   1 
ATOM   770  O  "O5'" . G   B 1 16 ? -1.464  10.989  10.914  1.00 14.46 ? 39   G   B "O5'" 1 
ATOM   771  C  "C5'" . G   B 1 16 ? -2.224  11.909  10.141  1.00 13.80 ? 39   G   B "C5'" 1 
ATOM   772  C  "C4'" . G   B 1 16 ? -3.554  11.300  9.777   1.00 13.19 ? 39   G   B "C4'" 1 
ATOM   773  O  "O4'" . G   B 1 16 ? -3.360  10.168  8.893   1.00 12.25 ? 39   G   B "O4'" 1 
ATOM   774  C  "C3'" . G   B 1 16 ? -4.342  10.725  10.936  1.00 13.59 ? 39   G   B "C3'" 1 
ATOM   775  O  "O3'" . G   B 1 16 ? -5.017  11.788  11.600  1.00 14.35 ? 39   G   B "O3'" 1 
ATOM   776  C  "C2'" . G   B 1 16 ? -5.290  9.766   10.222  1.00 13.82 ? 39   G   B "C2'" 1 
ATOM   777  O  "O2'" . G   B 1 16 ? -6.382  10.442  9.619   1.00 14.51 ? 39   G   B "O2'" 1 
ATOM   778  C  "C1'" . G   B 1 16 ? -4.379  9.206   9.123   1.00 12.72 ? 39   G   B "C1'" 1 
ATOM   779  N  N9    . G   B 1 16 ? -3.719  7.935   9.413   1.00 13.55 ? 39   G   B N9    1 
ATOM   780  C  C8    . G   B 1 16 ? -2.490  7.765   10.000  1.00 12.63 ? 39   G   B C8    1 
ATOM   781  N  N7    . G   B 1 16 ? -2.107  6.516   10.039  1.00 13.44 ? 39   G   B N7    1 
ATOM   782  C  C5    . G   B 1 16 ? -3.156  5.817   9.459   1.00 13.48 ? 39   G   B C5    1 
ATOM   783  C  C6    . G   B 1 16 ? -3.305  4.426   9.198   1.00 13.92 ? 39   G   B C6    1 
ATOM   784  O  O6    . G   B 1 16 ? -2.503  3.503   9.413   1.00 15.79 ? 39   G   B O6    1 
ATOM   785  N  N1    . G   B 1 16 ? -4.533  4.149   8.609   1.00 14.73 ? 39   G   B N1    1 
ATOM   786  C  C2    . G   B 1 16 ? -5.492  5.079   8.303   1.00 13.74 ? 39   G   B C2    1 
ATOM   787  N  N2    . G   B 1 16 ? -6.624  4.601   7.758   1.00 14.19 ? 39   G   B N2    1 
ATOM   788  N  N3    . G   B 1 16 ? -5.357  6.381   8.517   1.00 14.18 ? 39   G   B N3    1 
ATOM   789  C  C4    . G   B 1 16 ? -4.174  6.676   9.094   1.00 13.66 ? 39   G   B C4    1 
ATOM   790  P  P     . A   B 1 17 ? -5.257  11.712  13.184  1.00 15.65 ? 40   A   B P     1 
ATOM   791  O  OP1   . A   B 1 17 ? -5.482  13.107  13.653  1.00 19.28 ? 40   A   B OP1   1 
ATOM   792  O  OP2   . A   B 1 17 ? -4.205  10.882  13.825  1.00 15.82 ? 40   A   B OP2   1 
ATOM   793  O  "O5'" . A   B 1 17 ? -6.623  10.913  13.303  1.00 16.06 ? 40   A   B "O5'" 1 
ATOM   794  C  "C5'" . A   B 1 17 ? -7.803  11.403  12.687  1.00 16.25 ? 40   A   B "C5'" 1 
ATOM   795  C  "C4'" . A   B 1 17 ? -8.835  10.311  12.624  1.00 16.81 ? 40   A   B "C4'" 1 
ATOM   796  O  "O4'" . A   B 1 17 ? -8.422  9.308   11.666  1.00 14.67 ? 40   A   B "O4'" 1 
ATOM   797  C  "C3'" . A   B 1 17 ? -9.048  9.554   13.923  1.00 16.30 ? 40   A   B "C3'" 1 
ATOM   798  O  "O3'" . A   B 1 17 ? -9.947  10.313  14.730  1.00 16.40 ? 40   A   B "O3'" 1 
ATOM   799  C  "C2'" . A   B 1 17 ? -9.594  8.216   13.424  1.00 15.94 ? 40   A   B "C2'" 1 
ATOM   800  O  "O2'" . A   B 1 17 ? -10.979 8.235   13.130  1.00 18.01 ? 40   A   B "O2'" 1 
ATOM   801  C  "C1'" . A   B 1 17 ? -8.800  8.026   12.127  1.00 15.18 ? 40   A   B "C1'" 1 
ATOM   802  N  N9    . A   B 1 17 ? -7.588  7.220   12.270  1.00 14.28 ? 40   A   B N9    1 
ATOM   803  C  C8    . A   B 1 17 ? -6.420  7.548   12.912  1.00 15.38 ? 40   A   B C8    1 
ATOM   804  N  N7    . A   B 1 17 ? -5.514  6.597   12.878  1.00 14.52 ? 40   A   B N7    1 
ATOM   805  C  C5    . A   B 1 17 ? -6.128  5.577   12.167  1.00 14.30 ? 40   A   B C5    1 
ATOM   806  C  C6    . A   B 1 17 ? -5.698  4.288   11.796  1.00 14.81 ? 40   A   B C6    1 
ATOM   807  N  N6    . A   B 1 17 ? -4.500  3.786   12.108  1.00 15.73 ? 40   A   B N6    1 
ATOM   808  N  N1    . A   B 1 17 ? -6.556  3.524   11.087  1.00 14.07 ? 40   A   B N1    1 
ATOM   809  C  C2    . A   B 1 17 ? -7.759  4.024   10.779  1.00 15.20 ? 40   A   B C2    1 
ATOM   810  N  N3    . A   B 1 17 ? -8.277  5.215   11.073  1.00 15.39 ? 40   A   B N3    1 
ATOM   811  C  C4    . A   B 1 17 ? -7.402  5.950   11.779  1.00 15.83 ? 40   A   B C4    1 
ATOM   812  P  P     . A   B 1 18 ? -10.189 9.920   16.267  1.00 17.91 ? 41   A   B P     1 
ATOM   813  O  OP1   . A   B 1 18 ? -10.603 11.165  16.963  1.00 20.66 ? 41   A   B OP1   1 
ATOM   814  O  OP2   . A   B 1 18 ? -9.048  9.138   16.792  1.00 21.54 ? 41   A   B OP2   1 
ATOM   815  O  "O5'" . A   B 1 18 ? -11.439 8.952   16.141  1.00 18.43 ? 41   A   B "O5'" 1 
ATOM   816  C  "C5'" . A   B 1 18 ? -12.168 8.493   17.265  1.00 16.93 ? 41   A   B "C5'" 1 
ATOM   817  C  "C4'" . A   B 1 18 ? -13.518 8.042   16.790  1.00 15.54 ? 41   A   B "C4'" 1 
ATOM   818  O  "O4'" . A   B 1 18 ? -14.319 9.219   16.522  1.00 14.85 ? 41   A   B "O4'" 1 
ATOM   819  C  "C3'" . A   B 1 18 ? -13.432 7.314   15.455  1.00 14.99 ? 41   A   B "C3'" 1 
ATOM   820  O  "O3'" . A   B 1 18 ? -13.269 5.917   15.655  1.00 15.78 ? 41   A   B "O3'" 1 
ATOM   821  C  "C2'" . A   B 1 18 ? -14.780 7.623   14.813  1.00 14.70 ? 41   A   B "C2'" 1 
ATOM   822  O  "O2'" . A   B 1 18 ? -15.793 6.741   15.250  1.00 16.11 ? 41   A   B "O2'" 1 
ATOM   823  C  "C1'" . A   B 1 18 ? -15.051 9.038   15.327  1.00 13.15 ? 41   A   B "C1'" 1 
ATOM   824  N  N9    . A   B 1 18 ? -14.694 10.116  14.404  1.00 12.58 ? 41   A   B N9    1 
ATOM   825  C  C8    . A   B 1 18 ? -13.487 10.405  13.811  1.00 13.12 ? 41   A   B C8    1 
ATOM   826  N  N7    . A   B 1 18 ? -13.515 11.476  13.051  1.00 13.30 ? 41   A   B N7    1 
ATOM   827  C  C5    . A   B 1 18 ? -14.831 11.913  13.141  1.00 12.80 ? 41   A   B C5    1 
ATOM   828  C  C6    . A   B 1 18 ? -15.516 12.999  12.563  1.00 12.80 ? 41   A   B C6    1 
ATOM   829  N  N6    . A   B 1 18 ? -14.949 13.883  11.734  1.00 14.75 ? 41   A   B N6    1 
ATOM   830  N  N1    . A   B 1 18 ? -16.822 13.147  12.866  1.00 12.42 ? 41   A   B N1    1 
ATOM   831  C  C2    . A   B 1 18 ? -17.398 12.263  13.688  1.00 12.89 ? 41   A   B C2    1 
ATOM   832  N  N3    . A   B 1 18 ? -16.863 11.203  14.291  1.00 13.17 ? 41   A   B N3    1 
ATOM   833  C  C4    . A   B 1 18 ? -15.565 11.084  13.969  1.00 13.71 ? 41   A   B C4    1 
ATOM   834  P  P     . G   B 1 19 ? -11.972 5.172   15.061  1.00 16.61 ? 42   G   B P     1 
ATOM   835  O  OP1   . G   B 1 19 ? -10.872 5.351   16.043  1.00 19.67 ? 42   G   B OP1   1 
ATOM   836  O  OP2   . G   B 1 19 ? -11.772 5.585   13.652  1.00 19.19 ? 42   G   B OP2   1 
ATOM   837  O  "O5'" . G   B 1 19 ? -12.374 3.632   15.078  1.00 15.42 ? 42   G   B "O5'" 1 
ATOM   838  C  "C5'" . G   B 1 19 ? -13.565 3.182   14.448  1.00 16.42 ? 42   G   B "C5'" 1 
ATOM   839  C  "C4'" . G   B 1 19 ? -13.372 1.780   13.941  1.00 16.03 ? 42   G   B "C4'" 1 
ATOM   840  O  "O4'" . G   B 1 19 ? -12.423 1.781   12.838  1.00 17.51 ? 42   G   B "O4'" 1 
ATOM   841  C  "C3'" . G   B 1 19 ? -12.763 0.826   14.957  1.00 16.86 ? 42   G   B "C3'" 1 
ATOM   842  O  "O3'" . G   B 1 19 ? -13.759 0.314   15.830  1.00 16.00 ? 42   G   B "O3'" 1 
ATOM   843  C  "C2'" . G   B 1 19 ? -12.156 -0.230  14.047  1.00 16.49 ? 42   G   B "C2'" 1 
ATOM   844  O  "O2'" . G   B 1 19 ? -13.118 -1.105  13.498  1.00 19.19 ? 42   G   B "O2'" 1 
ATOM   845  C  "C1'" . G   B 1 19 ? -11.562 0.654   12.950  1.00 16.17 ? 42   G   B "C1'" 1 
ATOM   846  N  N9    . G   B 1 19 ? -10.222 1.132   13.284  1.00 15.22 ? 42   G   B N9    1 
ATOM   847  C  C8    . G   B 1 19 ? -9.815  2.436   13.437  1.00 17.21 ? 42   G   B C8    1 
ATOM   848  N  N7    . G   B 1 19 ? -8.546  2.546   13.732  1.00 14.98 ? 42   G   B N7    1 
ATOM   849  C  C5    . G   B 1 19 ? -8.090  1.236   13.778  1.00 15.09 ? 42   G   B C5    1 
ATOM   850  C  C6    . G   B 1 19 ? -6.793  0.722   14.055  1.00 15.21 ? 42   G   B C6    1 
ATOM   851  O  O6    . G   B 1 19 ? -5.755  1.341   14.319  1.00 15.03 ? 42   G   B O6    1 
ATOM   852  N  N1    . G   B 1 19 ? -6.777  -0.669  14.007  1.00 16.75 ? 42   G   B N1    1 
ATOM   853  C  C2    . G   B 1 19 ? -7.865  -1.461  13.726  1.00 16.21 ? 42   G   B C2    1 
ATOM   854  N  N2    . G   B 1 19 ? -7.654  -2.782  13.724  1.00 18.20 ? 42   G   B N2    1 
ATOM   855  N  N3    . G   B 1 19 ? -9.073  -0.993  13.464  1.00 15.69 ? 42   G   B N3    1 
ATOM   856  C  C4    . G   B 1 19 ? -9.113  0.352   13.507  1.00 16.09 ? 42   G   B C4    1 
ATOM   857  P  P     . U   B 1 20 ? -13.393 0.010   17.367  1.00 16.75 ? 43   U   B P     1 
ATOM   858  O  OP1   . U   B 1 20 ? -14.639 -0.526  17.974  1.00 19.00 ? 43   U   B OP1   1 
ATOM   859  O  OP2   . U   B 1 20 ? -12.717 1.171   17.997  1.00 15.38 ? 43   U   B OP2   1 
ATOM   860  O  "O5'" . U   B 1 20 ? -12.341 -1.184  17.279  1.00 16.78 ? 43   U   B "O5'" 1 
ATOM   861  C  "C5'" . U   B 1 20 ? -12.752 -2.472  16.838  1.00 21.41 ? 43   U   B "C5'" 1 
ATOM   862  C  "C4'" . U   B 1 20 ? -11.641 -3.474  17.035  1.00 23.31 ? 43   U   B "C4'" 1 
ATOM   863  O  "O4'" . U   B 1 20 ? -10.525 -3.178  16.157  1.00 23.49 ? 43   U   B "O4'" 1 
ATOM   864  C  "C3'" . U   B 1 20 ? -10.990 -3.519  18.406  1.00 23.57 ? 43   U   B "C3'" 1 
ATOM   865  O  "O3'" . U   B 1 20 ? -11.802 -4.198  19.352  1.00 24.29 ? 43   U   B "O3'" 1 
ATOM   866  C  "C2'" . U   B 1 20 ? -9.717  -4.287  18.090  1.00 24.81 ? 43   U   B "C2'" 1 
ATOM   867  O  "O2'" . U   B 1 20 ? -9.947  -5.667  17.898  1.00 29.09 ? 43   U   B "O2'" 1 
ATOM   868  C  "C1'" . U   B 1 20 ? -9.323  -3.639  16.762  1.00 25.10 ? 43   U   B "C1'" 1 
ATOM   869  N  N1    . U   B 1 20 ? -8.441  -2.488  16.970  1.00 24.60 ? 43   U   B N1    1 
ATOM   870  C  C2    . U   B 1 20 ? -7.109  -2.749  17.227  1.00 25.19 ? 43   U   B C2    1 
ATOM   871  O  O2    . U   B 1 20 ? -6.662  -3.879  17.313  1.00 29.53 ? 43   U   B O2    1 
ATOM   872  N  N3    . U   B 1 20 ? -6.326  -1.639  17.389  1.00 25.74 ? 43   U   B N3    1 
ATOM   873  C  C4    . U   B 1 20 ? -6.736  -0.323  17.331  1.00 23.34 ? 43   U   B C4    1 
ATOM   874  O  O4    . U   B 1 20 ? -5.909  0.570   17.470  1.00 29.65 ? 43   U   B O4    1 
ATOM   875  C  C5    . U   B 1 20 ? -8.131  -0.139  17.080  1.00 26.45 ? 43   U   B C5    1 
ATOM   876  C  C6    . U   B 1 20 ? -8.915  -1.203  16.911  1.00 22.51 ? 43   U   B C6    1 
ATOM   877  P  P     . C   B 1 21 ? -11.822 -3.706  20.880  1.00 24.72 ? 44   C   B P     1 
ATOM   878  O  OP1   . C   B 1 21 ? -12.989 -4.367  21.520  1.00 26.14 ? 44   C   B OP1   1 
ATOM   879  O  OP2   . C   B 1 21 ? -11.692 -2.230  20.938  1.00 23.71 ? 44   C   B OP2   1 
ATOM   880  O  "O5'" . C   B 1 21 ? -10.489 -4.322  21.500  1.00 26.85 ? 44   C   B "O5'" 1 
ATOM   881  C  "C5'" . C   B 1 21 ? -10.248 -5.723  21.462  1.00 29.06 ? 44   C   B "C5'" 1 
ATOM   882  C  "C4'" . C   B 1 21 ? -8.774  -6.003  21.628  1.00 29.53 ? 44   C   B "C4'" 1 
ATOM   883  O  "O4'" . C   B 1 21 ? -8.037  -5.403  20.525  1.00 28.54 ? 44   C   B "O4'" 1 
ATOM   884  C  "C3'" . C   B 1 21 ? -8.107  -5.412  22.860  1.00 31.33 ? 44   C   B "C3'" 1 
ATOM   885  O  "O3'" . C   B 1 21 ? -8.321  -6.208  24.020  1.00 33.52 ? 44   C   B "O3'" 1 
ATOM   886  C  "C2'" . C   B 1 21 ? -6.646  -5.420  22.434  1.00 30.01 ? 44   C   B "C2'" 1 
ATOM   887  O  "O2'" . C   B 1 21 ? -6.075  -6.712  22.465  1.00 30.67 ? 44   C   B "O2'" 1 
ATOM   888  C  "C1'" . C   B 1 21 ? -6.772  -4.953  20.985  1.00 29.27 ? 44   C   B "C1'" 1 
ATOM   889  N  N1    . C   B 1 21 ? -6.720  -3.486  20.865  1.00 27.57 ? 44   C   B N1    1 
ATOM   890  C  C2    . C   B 1 21 ? -5.469  -2.864  20.807  1.00 26.46 ? 44   C   B C2    1 
ATOM   891  O  O2    . C   B 1 21 ? -4.449  -3.566  20.841  1.00 27.54 ? 44   C   B O2    1 
ATOM   892  N  N3    . C   B 1 21 ? -5.403  -1.516  20.711  1.00 24.29 ? 44   C   B N3    1 
ATOM   893  C  C4    . C   B 1 21 ? -6.525  -0.794  20.674  1.00 23.92 ? 44   C   B C4    1 
ATOM   894  N  N4    . C   B 1 21 ? -6.410  0.535   20.587  1.00 22.70 ? 44   C   B N4    1 
ATOM   895  C  C5    . C   B 1 21 ? -7.814  -1.402  20.724  1.00 24.53 ? 44   C   B C5    1 
ATOM   896  C  C6    . C   B 1 21 ? -7.865  -2.739  20.818  1.00 26.02 ? 44   C   B C6    1 
ATOM   897  P  P     . G   B 1 22 ? -8.293  -5.517  25.472  1.00 36.05 ? 45   G   B P     1 
ATOM   898  O  OP1   . G   B 1 22 ? -8.581  -6.581  26.468  1.00 37.71 ? 45   G   B OP1   1 
ATOM   899  O  OP2   . G   B 1 22 ? -9.146  -4.303  25.428  1.00 35.17 ? 45   G   B OP2   1 
ATOM   900  O  "O5'" . G   B 1 22 ? -6.779  -5.046  25.662  1.00 35.30 ? 45   G   B "O5'" 1 
ATOM   901  C  "C5'" . G   B 1 22 ? -5.735  -6.003  25.835  1.00 35.54 ? 45   G   B "C5'" 1 
ATOM   902  C  "C4'" . G   B 1 22 ? -4.373  -5.336  25.806  1.00 34.35 ? 45   G   B "C4'" 1 
ATOM   903  O  "O4'" . G   B 1 22 ? -4.189  -4.597  24.565  1.00 34.33 ? 45   G   B "O4'" 1 
ATOM   904  C  "C3'" . G   B 1 22 ? -4.046  -4.281  26.850  1.00 34.78 ? 45   G   B "C3'" 1 
ATOM   905  O  "O3'" . G   B 1 22 ? -3.751  -4.838  28.127  1.00 34.56 ? 45   G   B "O3'" 1 
ATOM   906  C  "C2'" . G   B 1 22 ? -2.799  -3.663  26.239  1.00 34.27 ? 45   G   B "C2'" 1 
ATOM   907  O  "O2'" . G   B 1 22 ? -1.661  -4.489  26.370  1.00 35.76 ? 45   G   B "O2'" 1 
ATOM   908  C  "C1'" . G   B 1 22 ? -3.208  -3.586  24.767  1.00 33.76 ? 45   G   B "C1'" 1 
ATOM   909  N  N9    . G   B 1 22 ? -3.795  -2.290  24.447  1.00 32.71 ? 45   G   B N9    1 
ATOM   910  C  C8    . G   B 1 22 ? -5.111  -2.020  24.167  1.00 31.89 ? 45   G   B C8    1 
ATOM   911  N  N7    . G   B 1 22 ? -5.337  -0.756  23.933  1.00 32.92 ? 45   G   B N7    1 
ATOM   912  C  C5    . G   B 1 22 ? -4.091  -0.155  24.062  1.00 31.39 ? 45   G   B C5    1 
ATOM   913  C  C6    . G   B 1 22 ? -3.708  1.206   23.917  1.00 31.79 ? 45   G   B C6    1 
ATOM   914  O  O6    . G   B 1 22 ? -4.414  2.179   23.634  1.00 31.07 ? 45   G   B O6    1 
ATOM   915  N  N1    . G   B 1 22 ? -2.344  1.378   24.135  1.00 30.09 ? 45   G   B N1    1 
ATOM   916  C  C2    . G   B 1 22 ? -1.462  0.373   24.454  1.00 30.67 ? 45   G   B C2    1 
ATOM   917  N  N2    . G   B 1 22 ? -0.186  0.743   24.637  1.00 27.90 ? 45   G   B N2    1 
ATOM   918  N  N3    . G   B 1 22 ? -1.807  -0.899  24.585  1.00 31.15 ? 45   G   B N3    1 
ATOM   919  C  C4    . G   B 1 22 ? -3.129  -1.089  24.379  1.00 31.74 ? 45   G   B C4    1 
ATOM   920  P  P     . C   B 1 23 ? -3.806  -3.900  29.431  1.00 33.82 ? 46   C   B P     1 
ATOM   921  O  OP1   . C   B 1 23 ? -3.455  -4.743  30.604  1.00 34.29 ? 46   C   B OP1   1 
ATOM   922  O  OP2   . C   B 1 23 ? -5.100  -3.168  29.414  1.00 34.88 ? 46   C   B OP2   1 
ATOM   923  O  "O5'" . C   B 1 23 ? -2.634  -2.842  29.220  1.00 32.97 ? 46   C   B "O5'" 1 
ATOM   924  C  "C5'" . C   B 1 23 ? -1.267  -3.238  29.291  1.00 31.44 ? 46   C   B "C5'" 1 
ATOM   925  C  "C4'" . C   B 1 23 ? -0.365  -2.024  29.293  1.00 30.49 ? 46   C   B "C4'" 1 
ATOM   926  O  "O4'" . C   B 1 23 ? -0.529  -1.265  28.068  1.00 28.51 ? 46   C   B "O4'" 1 
ATOM   927  C  "C3'" . C   B 1 23 ? -0.620  -0.985  30.369  1.00 29.68 ? 46   C   B "C3'" 1 
ATOM   928  O  "O3'" . C   B 1 23 ? -0.234  -1.399  31.676  1.00 31.41 ? 46   C   B "O3'" 1 
ATOM   929  C  "C2'" . C   B 1 23 ? 0.116   0.224   29.805  1.00 29.12 ? 46   C   B "C2'" 1 
ATOM   930  O  "O2'" . C   B 1 23 ? 1.518   0.152   29.978  1.00 28.11 ? 46   C   B "O2'" 1 
ATOM   931  C  "C1'" . C   B 1 23 ? -0.215  0.101   28.315  1.00 28.13 ? 46   C   B "C1'" 1 
ATOM   932  N  N1    . C   B 1 23 ? -1.370  0.919   27.917  1.00 24.72 ? 46   C   B N1    1 
ATOM   933  C  C2    . C   B 1 23 ? -1.175  2.279   27.659  1.00 24.43 ? 46   C   B C2    1 
ATOM   934  O  O2    . C   B 1 23 ? -0.037  2.757   27.778  1.00 24.68 ? 46   C   B O2    1 
ATOM   935  N  N3    . C   B 1 23 ? -2.230  3.040   27.287  1.00 23.22 ? 46   C   B N3    1 
ATOM   936  C  C4    . C   B 1 23 ? -3.440  2.491   27.173  1.00 23.82 ? 46   C   B C4    1 
ATOM   937  N  N4    . C   B 1 23 ? -4.449  3.282   26.804  1.00 22.15 ? 46   C   B N4    1 
ATOM   938  C  C5    . C   B 1 23 ? -3.670  1.109   27.435  1.00 23.36 ? 46   C   B C5    1 
ATOM   939  C  C6    . C   B 1 23 ? -2.615  0.366   27.801  1.00 24.72 ? 46   C   B C6    1 
HETATM 940  MG MG    . MG  C 2 .  ? -4.443  6.152   -6.498  1.00 24.16 ? 1000 MG  A MG    1 
HETATM 941  MG MG    . MG  D 2 .  ? 0.522   4.640   -4.440  1.00 23.50 ? 2000 MG  A MG    1 
HETATM 942  MG MG    . MG  E 2 .  ? 2.652   0.061   5.444   1.00 25.41 ? 3000 MG  B MG    1 
HETATM 943  MG MG    . MG  F 2 .  ? -1.325  -1.027  -0.523  1.00 27.31 ? 4000 MG  B MG    1 
HETATM 944  MG MG    . MG  G 2 .  ? -1.999  5.613   15.389  1.00 38.50 ? 5000 MG  B MG    1 
HETATM 945  MG MG    . MG  H 2 .  ? 10.998  -9.748  -18.384 1.00 30.48 ? 6000 MG  B MG    1 
HETATM 946  MG MG    . MG  I 2 .  ? -12.893 0.793   24.087  1.00 34.11 ? 7000 MG  B MG    1 
HETATM 947  O  O     . HOH J 3 .  ? -3.688  -12.552 -9.916  1.00 13.61 ? 101  HOH A O     1 
HETATM 948  O  O     . HOH J 3 .  ? -2.428  4.661   -1.353  1.00 15.04 ? 104  HOH A O     1 
HETATM 949  O  O     . HOH J 3 .  ? -0.387  2.990   -0.788  1.00 17.91 ? 106  HOH A O     1 
HETATM 950  O  O     . HOH J 3 .  ? -0.176  -8.392  -15.674 1.00 18.82 ? 107  HOH A O     1 
HETATM 951  O  O     . HOH J 3 .  ? -0.049  1.225   2.888   1.00 21.99 ? 109  HOH A O     1 
HETATM 952  O  O     . HOH J 3 .  ? -2.860  -8.348  -18.461 1.00 20.02 ? 112  HOH A O     1 
HETATM 953  O  O     . HOH J 3 .  ? 1.581   13.906  -1.401  1.00 24.28 ? 117  HOH A O     1 
HETATM 954  O  O     . HOH J 3 .  ? -7.203  -1.523  -14.403 1.00 21.52 ? 119  HOH A O     1 
HETATM 955  O  O     . HOH J 3 .  ? -1.850  -0.564  4.583   1.00 24.34 ? 122  HOH A O     1 
HETATM 956  O  O     . HOH J 3 .  ? 9.813   10.755  -4.397  1.00 18.79 ? 123  HOH A O     1 
HETATM 957  O  O     . HOH J 3 .  ? 2.940   -12.428 -10.530 1.00 34.82 ? 131  HOH A O     1 
HETATM 958  O  O     . HOH J 3 .  ? 11.384  4.941   0.161   1.00 30.23 ? 132  HOH A O     1 
HETATM 959  O  O     . HOH J 3 .  ? 6.871   4.604   -7.936  1.00 23.85 ? 136  HOH A O     1 
HETATM 960  O  O     . HOH J 3 .  ? 10.672  -12.078 -14.110 1.00 28.41 ? 137  HOH A O     1 
HETATM 961  O  O     . HOH J 3 .  ? -4.794  12.115  -0.174  1.00 28.18 ? 142  HOH A O     1 
HETATM 962  O  O     . HOH J 3 .  ? -4.410  3.068   -3.642  1.00 24.52 ? 143  HOH A O     1 
HETATM 963  O  O     . HOH J 3 .  ? 0.152   -11.403 -18.096 1.00 21.60 ? 146  HOH A O     1 
HETATM 964  O  O     . HOH J 3 .  ? -0.982  -6.903  -19.598 1.00 30.89 ? 147  HOH A O     1 
HETATM 965  O  O     . HOH J 3 .  ? -1.830  -3.808  7.536   1.00 34.68 ? 148  HOH A O     1 
HETATM 966  O  O     . HOH J 3 .  ? 9.805   -13.056 -11.572 1.00 29.22 ? 151  HOH A O     1 
HETATM 967  O  O     . HOH J 3 .  ? 6.784   11.652  -7.528  1.00 27.59 ? 152  HOH A O     1 
HETATM 968  O  O     . HOH J 3 .  ? -1.724  -5.171  -24.525 1.00 24.25 ? 153  HOH A O     1 
HETATM 969  O  O     . HOH J 3 .  ? 6.606   -8.197  -7.187  1.00 29.26 ? 154  HOH A O     1 
HETATM 970  O  O     . HOH J 3 .  ? 2.836   -10.326 -8.773  1.00 29.09 ? 155  HOH A O     1 
HETATM 971  O  O     . HOH J 3 .  ? -4.453  0.903   -0.302  1.00 25.56 ? 157  HOH A O     1 
HETATM 972  O  O     . HOH J 3 .  ? 3.194   -7.295  -13.114 1.00 24.59 ? 158  HOH A O     1 
HETATM 973  O  O     . HOH J 3 .  ? -1.323  1.618   11.263  1.00 31.74 ? 162  HOH A O     1 
HETATM 974  O  O     . HOH J 3 .  ? -2.501  -5.263  -21.576 1.00 27.82 ? 163  HOH A O     1 
HETATM 975  O  O     . HOH J 3 .  ? 8.609   -14.293 -15.966 1.00 31.55 ? 164  HOH A O     1 
HETATM 976  O  O     . HOH J 3 .  ? 4.007   3.228   -7.347  1.00 27.84 ? 167  HOH A O     1 
HETATM 977  O  O     . HOH J 3 .  ? 4.668   5.103   -5.455  1.00 26.22 ? 168  HOH A O     1 
HETATM 978  O  O     . HOH J 3 .  ? -3.394  -2.836  4.395   1.00 28.81 ? 169  HOH A O     1 
HETATM 979  O  O     . HOH J 3 .  ? -0.834  -1.250  8.318   1.00 26.58 ? 170  HOH A O     1 
HETATM 980  O  O     . HOH J 3 .  ? 1.619   6.204   -8.596  1.00 37.17 ? 172  HOH A O     1 
HETATM 981  O  O     . HOH J 3 .  ? -0.948  4.929   -23.097 1.00 27.17 ? 173  HOH A O     1 
HETATM 982  O  O     . HOH J 3 .  ? 1.214   -4.491  -15.483 1.00 31.25 ? 175  HOH A O     1 
HETATM 983  O  O     . HOH J 3 .  ? -10.897 2.236   10.007  1.00 28.87 ? 177  HOH A O     1 
HETATM 984  O  O     . HOH J 3 .  ? -3.778  -2.171  -28.698 1.00 29.69 ? 181  HOH A O     1 
HETATM 985  O  O     . HOH J 3 .  ? -2.766  10.132  28.020  1.00 33.99 ? 182  HOH A O     1 
HETATM 986  O  O     . HOH J 3 .  ? -9.597  5.315   -0.567  1.00 28.10 ? 183  HOH A O     1 
HETATM 987  O  O     . HOH J 3 .  ? -5.547  13.053  25.298  1.00 39.58 ? 186  HOH A O     1 
HETATM 988  O  O     . HOH J 3 .  ? -7.465  6.727   -3.544  1.00 24.44 ? 189  HOH A O     1 
HETATM 989  O  O     . HOH J 3 .  ? -4.572  -11.378 -19.298 1.00 24.64 ? 190  HOH A O     1 
HETATM 990  O  O     . HOH J 3 .  ? -6.424  5.708   24.610  1.00 26.74 ? 192  HOH A O     1 
HETATM 991  O  O     . HOH J 3 .  ? -6.394  -0.633  -1.335  1.00 34.23 ? 196  HOH A O     1 
HETATM 992  O  O     . HOH J 3 .  ? -0.747  1.719   13.758  1.00 28.57 ? 197  HOH A O     1 
HETATM 993  O  O     . HOH J 3 .  ? 0.683   6.021   -26.749 1.00 37.54 ? 198  HOH A O     1 
HETATM 994  O  O     . HOH J 3 .  ? -9.323  -3.169  -26.264 1.00 34.86 ? 201  HOH A O     1 
HETATM 995  O  O     . HOH J 3 .  ? 0.272   -5.162  -21.282 1.00 30.03 ? 202  HOH A O     1 
HETATM 996  O  O     . HOH J 3 .  ? -1.821  4.882   19.191  1.00 32.52 ? 203  HOH A O     1 
HETATM 997  O  O     . HOH J 3 .  ? 7.513   5.804   19.562  1.00 50.13 ? 207  HOH A O     1 
HETATM 998  O  O     . HOH J 3 .  ? -11.524 -3.317  -22.629 1.00 29.39 ? 208  HOH A O     1 
HETATM 999  O  O     . HOH J 3 .  ? 4.103   -0.029  -9.158  1.00 27.77 ? 209  HOH A O     1 
HETATM 1000 O  O     . HOH J 3 .  ? -9.640  -2.614  0.961   1.00 31.09 ? 210  HOH A O     1 
HETATM 1001 O  O     . HOH J 3 .  ? -10.644 -1.603  10.042  1.00 35.17 ? 212  HOH A O     1 
HETATM 1002 O  O     . HOH J 3 .  ? 7.595   2.745   -10.311 1.00 38.46 ? 213  HOH A O     1 
HETATM 1003 O  O     . HOH J 3 .  ? 2.087   -8.372  18.011  1.00 33.99 ? 214  HOH A O     1 
HETATM 1004 O  O     . HOH J 3 .  ? -0.195  -9.512  17.322  1.00 40.99 ? 216  HOH A O     1 
HETATM 1005 O  O     . HOH J 3 .  ? -5.008  -6.515  -21.574 1.00 27.14 ? 218  HOH A O     1 
HETATM 1006 O  O     . HOH J 3 .  ? -5.398  8.548   23.461  1.00 29.98 ? 219  HOH A O     1 
HETATM 1007 O  O     . HOH J 3 .  ? 8.756   -13.270 -9.111  1.00 59.29 ? 220  HOH A O     1 
HETATM 1008 O  O     . HOH J 3 .  ? -9.753  2.369   6.135   1.00 29.82 ? 222  HOH A O     1 
HETATM 1009 O  O     . HOH J 3 .  ? 9.249   6.234   -10.757 1.00 36.72 ? 226  HOH A O     1 
HETATM 1010 O  O     . HOH J 3 .  ? 15.421  -1.482  -9.072  1.00 31.54 ? 233  HOH A O     1 
HETATM 1011 O  O     . HOH J 3 .  ? 3.969   7.777   -8.399  1.00 29.74 ? 234  HOH A O     1 
HETATM 1012 O  O     . HOH J 3 .  ? 12.269  -4.492  -15.497 1.00 34.61 ? 237  HOH A O     1 
HETATM 1013 O  O     . HOH J 3 .  ? -6.455  -4.028  -27.141 1.00 46.04 ? 238  HOH A O     1 
HETATM 1014 O  O     . HOH J 3 .  ? -10.379 -8.514  -16.482 1.00 42.46 ? 240  HOH A O     1 
HETATM 1015 O  O     . HOH J 3 .  ? -2.349  9.384   20.839  1.00 32.22 ? 250  HOH A O     1 
HETATM 1016 O  O     . HOH J 3 .  ? -0.997  -1.497  11.153  1.00 29.83 ? 252  HOH A O     1 
HETATM 1017 O  O     . HOH J 3 .  ? 4.167   -11.291 -19.483 1.00 32.83 ? 256  HOH A O     1 
HETATM 1018 O  O     . HOH J 3 .  ? -3.541  13.733  -2.578  1.00 31.37 ? 257  HOH A O     1 
HETATM 1019 O  O     . HOH J 3 .  ? 12.267  7.450   -2.315  1.00 35.90 ? 258  HOH A O     1 
HETATM 1020 O  O     . HOH J 3 .  ? 12.189  -7.704  -14.975 1.00 32.93 ? 259  HOH A O     1 
HETATM 1021 O  O     . HOH J 3 .  ? -4.329  3.854   18.667  1.00 34.70 ? 262  HOH A O     1 
HETATM 1022 O  O     . HOH J 3 .  ? -2.543  2.263   17.131  1.00 29.84 ? 264  HOH A O     1 
HETATM 1023 O  O     . HOH J 3 .  ? -3.938  5.620   -4.623  1.00 25.29 ? 1002 HOH A O     1 
HETATM 1024 O  O     . HOH J 3 .  ? -2.498  6.749   -6.862  1.00 24.40 ? 1004 HOH A O     1 
HETATM 1025 O  O     . HOH J 3 .  ? -4.908  8.110   -5.815  1.00 23.13 ? 1005 HOH A O     1 
HETATM 1026 O  O     . HOH J 3 .  ? 1.384   4.352   -2.574  1.00 19.19 ? 2001 HOH A O     1 
HETATM 1027 O  O     . HOH J 3 .  ? -0.310  4.928   -6.254  1.00 23.49 ? 2002 HOH A O     1 
HETATM 1028 O  O     . HOH J 3 .  ? 2.187   5.764   -5.027  1.00 22.92 ? 2003 HOH A O     1 
HETATM 1029 O  O     . HOH J 3 .  ? -1.127  3.537   -3.864  1.00 20.80 ? 2004 HOH A O     1 
HETATM 1030 O  O     . HOH J 3 .  ? -0.396  6.418   -3.713  1.00 19.93 ? 2005 HOH A O     1 
HETATM 1031 O  O     . HOH J 3 .  ? 0.596   -0.097  5.594   1.00 26.78 ? 3004 HOH A O     1 
HETATM 1032 O  O     . HOH J 3 .  ? -2.612  -0.700  1.001   1.00 26.00 ? 4002 HOH A O     1 
HETATM 1033 O  O     . HOH J 3 .  ? -2.112  0.662   -1.537  1.00 27.39 ? 4006 HOH A O     1 
HETATM 1034 O  O     . HOH J 3 .  ? -3.749  4.643   15.945  1.00 39.06 ? 5001 HOH A O     1 
HETATM 1035 O  O     . HOH J 3 .  ? -0.884  4.339   16.669  1.00 38.48 ? 5006 HOH A O     1 
HETATM 1036 O  O     . HOH J 3 .  ? 9.929   -11.422 -18.038 1.00 30.46 ? 6002 HOH A O     1 
HETATM 1037 O  O     . HOH J 3 .  ? 10.530  -9.045  -16.435 1.00 30.04 ? 6005 HOH A O     1 
HETATM 1038 O  O     . HOH K 3 .  ? -7.520  8.153   8.669   1.00 19.06 ? 102  HOH B O     1 
HETATM 1039 O  O     . HOH K 3 .  ? 5.133   10.191  3.886   1.00 16.42 ? 103  HOH B O     1 
HETATM 1040 O  O     . HOH K 3 .  ? 4.847   2.548   8.087   1.00 21.31 ? 105  HOH B O     1 
HETATM 1041 O  O     . HOH K 3 .  ? -9.162  5.942   6.965   1.00 19.68 ? 108  HOH B O     1 
HETATM 1042 O  O     . HOH K 3 .  ? 4.209   -3.760  3.729   1.00 23.05 ? 110  HOH B O     1 
HETATM 1043 O  O     . HOH K 3 .  ? 9.009   -6.251  -3.357  1.00 22.67 ? 111  HOH B O     1 
HETATM 1044 O  O     . HOH K 3 .  ? 1.402   -0.174  -8.986  1.00 21.77 ? 113  HOH B O     1 
HETATM 1045 O  O     . HOH K 3 .  ? 16.788  -10.868 -26.000 1.00 19.99 ? 114  HOH B O     1 
HETATM 1046 O  O     . HOH K 3 .  ? -13.646 3.569   18.480  1.00 22.23 ? 115  HOH B O     1 
HETATM 1047 O  O     . HOH K 3 .  ? 6.311   -1.734  6.212   1.00 19.17 ? 116  HOH B O     1 
HETATM 1048 O  O     . HOH K 3 .  ? -11.112 0.466   20.177  1.00 22.16 ? 118  HOH B O     1 
HETATM 1049 O  O     . HOH K 3 .  ? -10.728 5.692   9.784   1.00 25.46 ? 120  HOH B O     1 
HETATM 1050 O  O     . HOH K 3 .  ? 9.506   7.620   3.824   1.00 22.33 ? 121  HOH B O     1 
HETATM 1051 O  O     . HOH K 3 .  ? 17.380  -12.918 -20.132 1.00 24.47 ? 124  HOH B O     1 
HETATM 1052 O  O     . HOH K 3 .  ? -0.199  5.490   11.759  1.00 25.26 ? 125  HOH B O     1 
HETATM 1053 O  O     . HOH K 3 .  ? 0.381   3.372   -11.918 1.00 25.43 ? 126  HOH B O     1 
HETATM 1054 O  O     . HOH K 3 .  ? -2.650  -10.232 -1.963  1.00 23.87 ? 127  HOH B O     1 
HETATM 1055 O  O     . HOH K 3 .  ? -8.576  4.333   -7.294  1.00 25.13 ? 128  HOH B O     1 
HETATM 1056 O  O     . HOH K 3 .  ? 1.488   0.712   -3.508  1.00 26.19 ? 129  HOH B O     1 
HETATM 1057 O  O     . HOH K 3 .  ? 18.413  -17.262 -29.456 1.00 29.31 ? 130  HOH B O     1 
HETATM 1058 O  O     . HOH K 3 .  ? -7.309  0.761   24.211  1.00 35.54 ? 133  HOH B O     1 
HETATM 1059 O  O     . HOH K 3 .  ? -1.956  9.277   13.750  1.00 24.92 ? 134  HOH B O     1 
HETATM 1060 O  O     . HOH K 3 .  ? 2.220   1.124   -0.886  1.00 29.74 ? 135  HOH B O     1 
HETATM 1061 O  O     . HOH K 3 .  ? 1.445   0.836   -11.627 1.00 22.07 ? 138  HOH B O     1 
HETATM 1062 O  O     . HOH K 3 .  ? -9.120  1.896   20.940  1.00 31.31 ? 139  HOH B O     1 
HETATM 1063 O  O     . HOH K 3 .  ? -15.759 -1.489  13.924  1.00 23.28 ? 140  HOH B O     1 
HETATM 1064 O  O     . HOH K 3 .  ? 11.735  2.321   1.982   1.00 23.30 ? 141  HOH B O     1 
HETATM 1065 O  O     . HOH K 3 .  ? 21.530  -17.355 -24.623 1.00 27.31 ? 144  HOH B O     1 
HETATM 1066 O  O     . HOH K 3 .  ? -3.784  9.602   -8.405  1.00 37.22 ? 145  HOH B O     1 
HETATM 1067 O  O     . HOH K 3 .  ? 6.013   -7.395  -3.060  1.00 25.64 ? 149  HOH B O     1 
HETATM 1068 O  O     . HOH K 3 .  ? -4.014  15.458  13.576  1.00 33.93 ? 150  HOH B O     1 
HETATM 1069 O  O     . HOH K 3 .  ? 11.704  -4.033  0.379   1.00 30.31 ? 156  HOH B O     1 
HETATM 1070 O  O     . HOH K 3 .  ? -12.947 5.229   11.370  1.00 31.47 ? 159  HOH B O     1 
HETATM 1071 O  O     . HOH K 3 .  ? -3.712  -4.219  2.092   1.00 32.99 ? 160  HOH B O     1 
HETATM 1072 O  O     . HOH K 3 .  ? 2.606   -2.857  -16.928 1.00 28.27 ? 161  HOH B O     1 
HETATM 1073 O  O     . HOH K 3 .  ? -8.067  5.059   14.988  1.00 24.67 ? 165  HOH B O     1 
HETATM 1074 O  O     . HOH K 3 .  ? -11.745 12.453  11.293  1.00 26.60 ? 166  HOH B O     1 
HETATM 1075 O  O     . HOH K 3 .  ? -5.589  -7.936  -6.252  1.00 29.68 ? 171  HOH B O     1 
HETATM 1076 O  O     . HOH K 3 .  ? -4.751  9.042   15.809  1.00 29.99 ? 174  HOH B O     1 
HETATM 1077 O  O     . HOH K 3 .  ? -0.214  -4.399  2.821   1.00 44.77 ? 176  HOH B O     1 
HETATM 1078 O  O     . HOH K 3 .  ? -7.150  1.929   26.766  1.00 26.80 ? 178  HOH B O     1 
HETATM 1079 O  O     . HOH K 3 .  ? 4.653   -1.611  9.037   1.00 36.09 ? 179  HOH B O     1 
HETATM 1080 O  O     . HOH K 3 .  ? 12.784  1.487   -19.420 1.00 26.74 ? 180  HOH B O     1 
HETATM 1081 O  O     . HOH K 3 .  ? -5.007  -6.604  -8.352  1.00 31.69 ? 184  HOH B O     1 
HETATM 1082 O  O     . HOH K 3 .  ? -7.144  13.223  9.494   1.00 27.40 ? 185  HOH B O     1 
HETATM 1083 O  O     . HOH K 3 .  ? -6.229  0.619   -16.039 1.00 28.07 ? 187  HOH B O     1 
HETATM 1084 O  O     . HOH K 3 .  ? 4.315   -10.579 0.050   1.00 31.55 ? 188  HOH B O     1 
HETATM 1085 O  O     . HOH K 3 .  ? 0.720   -8.977  -5.912  1.00 26.91 ? 191  HOH B O     1 
HETATM 1086 O  O     . HOH K 3 .  ? 4.665   -5.265  7.055   1.00 35.57 ? 193  HOH B O     1 
HETATM 1087 O  O     . HOH K 3 .  ? 12.143  1.881   -22.390 1.00 26.42 ? 194  HOH B O     1 
HETATM 1088 O  O     . HOH K 3 .  ? -16.122 -2.348  19.074  1.00 30.12 ? 195  HOH B O     1 
HETATM 1089 O  O     . HOH K 3 .  ? 7.711   -10.374 -21.660 1.00 36.02 ? 199  HOH B O     1 
HETATM 1090 O  O     . HOH K 3 .  ? 2.729   -5.158  -22.114 1.00 29.88 ? 200  HOH B O     1 
HETATM 1091 O  O     . HOH K 3 .  ? -1.646  3.467   -8.419  1.00 26.24 ? 204  HOH B O     1 
HETATM 1092 O  O     . HOH K 3 .  ? 1.266   -6.512  5.051   1.00 59.10 ? 205  HOH B O     1 
HETATM 1093 O  O     . HOH K 3 .  ? 5.919   -12.577 -26.012 1.00 29.23 ? 206  HOH B O     1 
HETATM 1094 O  O     . HOH K 3 .  ? -11.252 -2.932  12.321  1.00 42.80 ? 211  HOH B O     1 
HETATM 1095 O  O     . HOH K 3 .  ? -15.190 -2.672  22.140  1.00 32.33 ? 215  HOH B O     1 
HETATM 1096 O  O     . HOH K 3 .  ? -5.127  14.765  10.219  1.00 39.76 ? 217  HOH B O     1 
HETATM 1097 O  O     . HOH K 3 .  ? 8.085   6.933   12.939  1.00 39.09 ? 221  HOH B O     1 
HETATM 1098 O  O     . HOH K 3 .  ? -9.799  1.913   -6.312  1.00 29.92 ? 223  HOH B O     1 
HETATM 1099 O  O     . HOH K 3 .  ? -9.204  6.397   18.096  1.00 32.46 ? 224  HOH B O     1 
HETATM 1100 O  O     . HOH K 3 .  ? -9.564  -4.896  13.066  1.00 38.88 ? 225  HOH B O     1 
HETATM 1101 O  O     . HOH K 3 .  ? 3.311   2.907   -14.951 1.00 30.28 ? 227  HOH B O     1 
HETATM 1102 O  O     . HOH K 3 .  ? 5.633   4.931   10.937  1.00 29.51 ? 228  HOH B O     1 
HETATM 1103 O  O     . HOH K 3 .  ? 7.022   1.188   8.378   1.00 25.12 ? 229  HOH B O     1 
HETATM 1104 O  O     . HOH K 3 .  ? -1.210  0.882   -7.789  1.00 30.04 ? 230  HOH B O     1 
HETATM 1105 O  O     . HOH K 3 .  ? -1.653  15.210  12.217  1.00 33.50 ? 231  HOH B O     1 
HETATM 1106 O  O     . HOH K 3 .  ? -1.244  0.881   -5.229  1.00 37.04 ? 232  HOH B O     1 
HETATM 1107 O  O     . HOH K 3 .  ? -3.473  -0.208  -4.464  1.00 32.13 ? 235  HOH B O     1 
HETATM 1108 O  O     . HOH K 3 .  ? -5.314  -7.864  -0.005  1.00 34.75 ? 236  HOH B O     1 
HETATM 1109 O  O     . HOH K 3 .  ? -0.530  6.798   -10.935 1.00 31.23 ? 239  HOH B O     1 
HETATM 1110 O  O     . HOH K 3 .  ? -2.685  -10.063 0.706   1.00 36.34 ? 241  HOH B O     1 
HETATM 1111 O  O     . HOH K 3 .  ? -10.255 2.701   17.155  1.00 24.67 ? 248  HOH B O     1 
HETATM 1112 O  O     . HOH K 3 .  ? -6.762  7.495   16.284  1.00 34.23 ? 249  HOH B O     1 
HETATM 1113 O  O     . HOH K 3 .  ? -8.996  8.776   19.755  1.00 41.31 ? 251  HOH B O     1 
HETATM 1114 O  O     . HOH K 3 .  ? 3.252   3.171   10.214  1.00 27.51 ? 253  HOH B O     1 
HETATM 1115 O  O     . HOH K 3 .  ? 1.735   3.763   12.080  1.00 33.58 ? 254  HOH B O     1 
HETATM 1116 O  O     . HOH K 3 .  ? 4.622   -3.719  -18.720 1.00 31.05 ? 255  HOH B O     1 
HETATM 1117 O  O     . HOH K 3 .  ? 4.862   3.993   -25.680 1.00 34.94 ? 260  HOH B O     1 
HETATM 1118 O  O     . HOH K 3 .  ? 2.057   4.976   -23.059 1.00 37.73 ? 261  HOH B O     1 
HETATM 1119 O  O     . HOH K 3 .  ? -6.431  2.997   17.418  1.00 38.37 ? 263  HOH B O     1 
HETATM 1120 O  O     . HOH K 3 .  ? -4.969  6.707   -8.430  1.00 24.71 ? 1001 HOH B O     1 
HETATM 1121 O  O     . HOH K 3 .  ? -6.420  5.550   -6.134  1.00 24.97 ? 1003 HOH B O     1 
HETATM 1122 O  O     . HOH K 3 .  ? -3.969  4.201   -7.174  1.00 24.93 ? 1006 HOH B O     1 
HETATM 1123 O  O     . HOH K 3 .  ? 1.439   2.868   -5.144  1.00 24.53 ? 2006 HOH B O     1 
HETATM 1124 O  O     . HOH K 3 .  ? 2.634   1.504   6.935   1.00 23.52 ? 3001 HOH B O     1 
HETATM 1125 O  O     . HOH K 3 .  ? 2.672   -1.337  3.997   1.00 26.42 ? 3002 HOH B O     1 
HETATM 1126 O  O     . HOH K 3 .  ? 4.737   0.248   5.281   1.00 20.54 ? 3003 HOH B O     1 
HETATM 1127 O  O     . HOH K 3 .  ? 2.892   -1.451  6.929   1.00 24.83 ? 3005 HOH B O     1 
HETATM 1128 O  O     . HOH K 3 .  ? 2.420   1.555   3.968   1.00 23.32 ? 3006 HOH B O     1 
HETATM 1129 O  O     . HOH K 3 .  ? -0.005  -1.360  -2.095  1.00 22.74 ? 4001 HOH B O     1 
HETATM 1130 O  O     . HOH K 3 .  ? 0.088   0.206   0.403   1.00 26.29 ? 4003 HOH B O     1 
HETATM 1131 O  O     . HOH K 3 .  ? -2.717  -2.243  -1.446  1.00 24.86 ? 4004 HOH B O     1 
HETATM 1132 O  O     . HOH K 3 .  ? -0.533  -2.714  0.506   1.00 26.44 ? 4005 HOH B O     1 
HETATM 1133 O  O     . HOH K 3 .  ? -0.303  6.556   14.852  1.00 38.03 ? 5002 HOH B O     1 
HETATM 1134 O  O     . HOH K 3 .  ? -2.251  6.970   16.966  1.00 39.46 ? 5003 HOH B O     1 
HETATM 1135 O  O     . HOH K 3 .  ? -1.750  4.275   13.834  1.00 37.23 ? 5004 HOH B O     1 
HETATM 1136 O  O     . HOH K 3 .  ? -3.111  6.892   14.105  1.00 37.35 ? 5005 HOH B O     1 
HETATM 1137 O  O     . HOH K 3 .  ? 12.095  -8.025  -18.742 1.00 27.82 ? 6001 HOH B O     1 
HETATM 1138 O  O     . HOH K 3 .  ? 12.723  -10.686 -17.642 1.00 30.27 ? 6003 HOH B O     1 
HETATM 1139 O  O     . HOH K 3 .  ? 9.306   -8.826  -19.124 1.00 29.80 ? 6004 HOH B O     1 
HETATM 1140 O  O     . HOH K 3 .  ? -11.212 1.651   24.946  1.00 34.24 ? 7001 HOH B O     1 
HETATM 1141 O  O     . HOH K 3 .  ? -14.524 -0.041  23.247  1.00 34.82 ? 7002 HOH B O     1 
HETATM 1142 O  O     . HOH K 3 .  ? -11.771 -0.913  23.603  1.00 34.22 ? 7003 HOH B O     1 
HETATM 1143 O  O     . HOH K 3 .  ? -13.992 2.477   24.563  1.00 34.30 ? 7004 HOH B O     1 
HETATM 1144 O  O     . HOH K 3 .  ? -12.375 1.671   22.218  1.00 34.33 ? 7005 HOH B O     1 
HETATM 1145 O  O     . HOH K 3 .  ? -13.412 -0.076  25.953  1.00 34.76 ? 7006 HOH B O     1 
# 
